data_1UFO
#
_entry.id   1UFO
#
_cell.length_a   129.857
_cell.length_b   129.857
_cell.length_c   70.119
_cell.angle_alpha   90.00
_cell.angle_beta   90.00
_cell.angle_gamma   120.00
#
_symmetry.space_group_name_H-M   'P 31'
#
loop_
_entity.id
_entity.type
_entity.pdbx_description
1 polymer 'hypothetical protein TT1662'
2 water water
#
_entity_poly.entity_id   1
_entity_poly.type   'polypeptide(L)'
_entity_poly.pdbx_seq_one_letter_code
;(MSE)RVRTERLTLAGLSVLARIPEAPKALLLALHGLQGSKEHILALLPGYAERGFLLLAFDAPRHGEREGPPPSSKSPR
YVEEVYRVALGFKEEARRVAEEAERRFGLPLFLAGGSLGAFVAHLLLAEGFRPRGVLAFIGSGFP(MSE)KLPQGQVVED
PGVLALYQAPPATRGEAYGGVPLLHLHGSRDHIVPLAR(MSE)EKTLEALRPHYPEGRLARFVEEGAGHTLTPL(MSE)A
RVGLAFLEHWLEAR
;
_entity_poly.pdbx_strand_id   A,B,C,D,E,F
#
# COMPACT_ATOMS: atom_id res chain seq x y z
N MSE A 1 25.28 -20.21 -27.68
CA MSE A 1 26.50 -19.98 -28.54
C MSE A 1 27.76 -20.40 -27.78
O MSE A 1 28.02 -19.94 -26.68
CB MSE A 1 26.52 -18.47 -28.92
CG MSE A 1 27.81 -18.00 -29.69
SE MSE A 1 27.58 -18.41 -31.56
CE MSE A 1 26.96 -16.84 -32.34
N ARG A 2 28.52 -21.34 -28.31
N ARG A 2 28.52 -21.34 -28.32
CA ARG A 2 29.73 -21.72 -27.63
CA ARG A 2 29.75 -21.75 -27.68
C ARG A 2 30.70 -20.58 -27.91
C ARG A 2 30.73 -20.60 -27.93
N VAL A 3 31.48 -20.21 -26.90
CA VAL A 3 32.48 -19.14 -27.01
C VAL A 3 33.73 -19.64 -26.36
N ARG A 4 34.88 -19.39 -26.97
CA ARG A 4 36.09 -19.84 -26.33
C ARG A 4 37.10 -18.72 -26.35
N THR A 5 37.99 -18.73 -25.39
CA THR A 5 38.98 -17.72 -25.29
C THR A 5 40.30 -18.23 -25.74
N GLU A 6 40.98 -17.45 -26.57
CA GLU A 6 42.31 -17.84 -26.98
C GLU A 6 43.20 -16.65 -27.22
N ARG A 7 44.49 -16.94 -27.31
CA ARG A 7 45.49 -15.90 -27.62
C ARG A 7 45.93 -16.11 -29.06
N LEU A 8 45.82 -15.06 -29.87
CA LEU A 8 46.23 -15.12 -31.29
C LEU A 8 47.39 -14.19 -31.45
N THR A 9 48.04 -14.27 -32.60
CA THR A 9 49.09 -13.35 -32.97
C THR A 9 48.63 -12.60 -34.19
N LEU A 10 48.54 -11.24 -34.08
CA LEU A 10 48.09 -10.41 -35.21
C LEU A 10 49.01 -9.23 -35.29
N ALA A 11 49.59 -9.02 -36.48
CA ALA A 11 50.49 -7.89 -36.73
C ALA A 11 51.63 -7.95 -35.71
N GLY A 12 51.97 -9.16 -35.31
CA GLY A 12 53.07 -9.32 -34.37
C GLY A 12 52.79 -9.09 -32.90
N LEU A 13 51.53 -8.83 -32.55
CA LEU A 13 51.14 -8.63 -31.17
C LEU A 13 50.29 -9.79 -30.63
N SER A 14 50.35 -10.00 -29.32
CA SER A 14 49.60 -11.05 -28.62
C SER A 14 48.19 -10.51 -28.37
N VAL A 15 47.21 -11.10 -29.06
CA VAL A 15 45.86 -10.55 -28.93
C VAL A 15 44.90 -11.52 -28.21
N LEU A 16 44.26 -11.09 -27.12
CA LEU A 16 43.25 -11.91 -26.46
C LEU A 16 42.01 -11.93 -27.35
N ALA A 17 41.48 -13.11 -27.57
CA ALA A 17 40.30 -13.23 -28.41
C ALA A 17 39.18 -14.01 -27.77
N ARG A 18 37.96 -13.51 -27.86
CA ARG A 18 36.80 -14.26 -27.37
C ARG A 18 36.06 -14.59 -28.62
N ILE A 19 36.11 -15.88 -28.96
CA ILE A 19 35.61 -16.34 -30.26
C ILE A 19 34.34 -17.15 -30.23
N PRO A 20 33.26 -16.65 -30.82
CA PRO A 20 31.99 -17.43 -30.80
C PRO A 20 32.10 -18.48 -31.90
N GLU A 21 31.24 -19.49 -31.83
CA GLU A 21 31.37 -20.51 -32.85
C GLU A 21 30.88 -20.06 -34.18
N ALA A 22 30.07 -19.00 -34.23
CA ALA A 22 29.54 -18.47 -35.48
C ALA A 22 29.78 -16.96 -35.52
N PRO A 23 31.00 -16.56 -35.87
CA PRO A 23 31.28 -15.08 -35.93
C PRO A 23 30.66 -14.37 -37.08
N LYS A 24 29.97 -13.28 -36.81
CA LYS A 24 29.34 -12.50 -37.89
C LYS A 24 30.05 -11.12 -38.08
N ALA A 25 30.88 -10.75 -37.12
CA ALA A 25 31.62 -9.46 -37.21
C ALA A 25 32.78 -9.46 -36.25
N LEU A 26 33.74 -8.51 -36.42
CA LEU A 26 34.89 -8.41 -35.48
C LEU A 26 34.69 -7.15 -34.66
N LEU A 27 35.08 -7.19 -33.40
CA LEU A 27 35.08 -5.96 -32.58
C LEU A 27 36.46 -5.91 -31.96
N LEU A 28 37.26 -4.92 -32.35
CA LEU A 28 38.58 -4.69 -31.71
C LEU A 28 38.31 -3.71 -30.58
N ALA A 29 38.66 -4.11 -29.37
CA ALA A 29 38.39 -3.28 -28.15
C ALA A 29 39.69 -2.79 -27.58
N LEU A 30 39.72 -1.49 -27.23
CA LEU A 30 40.89 -0.76 -26.76
C LEU A 30 40.60 -0.24 -25.38
N HIS A 31 41.35 -0.79 -24.41
CA HIS A 31 41.13 -0.51 -23.02
C HIS A 31 41.59 0.91 -22.64
N GLY A 32 41.37 1.28 -21.37
CA GLY A 32 41.76 2.62 -20.94
C GLY A 32 43.01 2.66 -20.08
N LEU A 33 43.35 3.85 -19.59
CA LEU A 33 44.55 3.99 -18.78
C LEU A 33 44.41 3.15 -17.55
N GLN A 34 45.53 2.51 -17.22
CA GLN A 34 45.66 1.56 -16.11
C GLN A 34 44.84 0.26 -16.30
N GLY A 35 44.26 0.05 -17.49
CA GLY A 35 43.47 -1.14 -17.71
C GLY A 35 44.26 -2.21 -18.43
N SER A 36 43.53 -3.14 -19.08
CA SER A 36 44.22 -4.25 -19.75
C SER A 36 43.24 -4.89 -20.75
N LYS A 37 43.76 -5.77 -21.61
CA LYS A 37 42.92 -6.45 -22.59
C LYS A 37 41.87 -7.31 -21.91
N GLU A 38 42.20 -7.93 -20.77
CA GLU A 38 41.14 -8.75 -20.16
C GLU A 38 40.04 -7.91 -19.55
N HIS A 39 40.43 -6.77 -18.99
CA HIS A 39 39.41 -5.91 -18.35
C HIS A 39 38.40 -5.39 -19.40
N ILE A 40 38.90 -4.87 -20.52
CA ILE A 40 37.91 -4.29 -21.48
C ILE A 40 37.00 -5.39 -22.08
N LEU A 41 37.50 -6.61 -22.34
CA LEU A 41 36.60 -7.63 -22.91
C LEU A 41 35.55 -8.07 -21.84
N ALA A 42 35.94 -8.08 -20.55
CA ALA A 42 35.01 -8.48 -19.52
C ALA A 42 33.85 -7.47 -19.35
N LEU A 43 34.09 -6.24 -19.81
CA LEU A 43 33.04 -5.19 -19.69
C LEU A 43 32.11 -5.23 -20.92
N LEU A 44 32.27 -6.18 -21.84
CA LEU A 44 31.38 -6.29 -23.00
C LEU A 44 30.59 -7.62 -22.92
N PRO A 45 29.85 -7.81 -21.85
CA PRO A 45 29.08 -9.05 -21.74
C PRO A 45 28.04 -9.18 -22.86
N GLY A 46 27.83 -10.43 -23.32
CA GLY A 46 26.88 -10.73 -24.35
C GLY A 46 27.26 -10.48 -25.81
N TYR A 47 28.39 -9.83 -26.03
CA TYR A 47 28.77 -9.47 -27.37
C TYR A 47 29.22 -10.73 -28.15
N ALA A 48 30.06 -11.54 -27.51
CA ALA A 48 30.50 -12.76 -28.21
C ALA A 48 29.33 -13.69 -28.41
N GLU A 49 28.45 -13.76 -27.40
CA GLU A 49 27.27 -14.63 -27.53
C GLU A 49 26.33 -14.25 -28.65
N ARG A 50 26.38 -13.00 -29.11
CA ARG A 50 25.56 -12.47 -30.17
C ARG A 50 26.29 -12.64 -31.51
N GLY A 51 27.55 -13.11 -31.47
CA GLY A 51 28.22 -13.36 -32.75
C GLY A 51 29.42 -12.45 -33.03
N PHE A 52 29.80 -11.58 -32.10
CA PHE A 52 30.99 -10.72 -32.34
C PHE A 52 32.26 -11.39 -31.85
N LEU A 53 33.24 -11.53 -32.78
CA LEU A 53 34.53 -12.07 -32.40
C LEU A 53 35.28 -10.90 -31.77
N LEU A 54 35.46 -10.96 -30.48
CA LEU A 54 36.15 -9.84 -29.77
C LEU A 54 37.62 -10.03 -29.75
N LEU A 55 38.33 -8.95 -30.00
CA LEU A 55 39.79 -8.91 -29.94
C LEU A 55 40.25 -7.75 -29.04
N ALA A 56 41.27 -7.96 -28.22
CA ALA A 56 41.83 -6.86 -27.40
C ALA A 56 43.28 -7.16 -27.14
N PHE A 57 44.11 -6.13 -27.12
CA PHE A 57 45.49 -6.35 -26.78
C PHE A 57 45.89 -5.28 -25.80
N ASP A 58 47.00 -5.53 -25.07
CA ASP A 58 47.45 -4.55 -24.09
C ASP A 58 48.16 -3.36 -24.74
N ALA A 59 47.88 -2.17 -24.23
CA ALA A 59 48.55 -0.96 -24.75
C ALA A 59 49.97 -0.91 -24.22
N PRO A 60 50.78 -0.10 -24.85
CA PRO A 60 52.16 0.00 -24.34
C PRO A 60 52.10 0.34 -22.87
N ARG A 61 53.01 -0.25 -22.09
CA ARG A 61 53.13 -0.05 -20.67
C ARG A 61 52.02 -0.62 -19.76
N HIS A 62 51.09 -1.38 -20.34
CA HIS A 62 49.99 -1.91 -19.61
C HIS A 62 49.92 -3.45 -19.68
N GLY A 63 49.20 -4.03 -18.74
CA GLY A 63 48.94 -5.44 -18.74
C GLY A 63 50.20 -6.29 -18.65
N GLU A 64 50.40 -7.10 -19.67
CA GLU A 64 51.59 -7.99 -19.68
C GLU A 64 52.81 -7.33 -20.20
N ARG A 65 52.68 -6.09 -20.69
CA ARG A 65 53.84 -5.39 -21.26
C ARG A 65 54.69 -4.68 -20.24
N GLU A 66 55.98 -4.39 -20.53
CA GLU A 66 56.81 -3.75 -19.52
C GLU A 66 56.30 -2.39 -19.12
N GLY A 67 56.07 -2.19 -17.82
CA GLY A 67 55.56 -0.90 -17.30
C GLY A 67 56.47 -0.26 -16.26
N PRO A 68 55.95 0.46 -15.26
CA PRO A 68 54.54 0.71 -15.01
C PRO A 68 53.99 1.71 -16.02
N PRO A 69 52.70 1.93 -15.91
CA PRO A 69 52.04 2.87 -16.80
C PRO A 69 52.40 4.25 -16.26
N PRO A 70 51.94 5.28 -16.92
CA PRO A 70 52.17 6.66 -16.54
C PRO A 70 51.55 6.88 -15.14
N SER A 71 52.22 7.69 -14.28
CA SER A 71 51.67 7.98 -12.95
C SER A 71 51.29 9.46 -12.86
N SER A 72 50.10 9.73 -12.34
CA SER A 72 49.56 11.07 -12.25
C SER A 72 50.42 12.00 -11.42
N LYS A 73 51.32 11.44 -10.63
CA LYS A 73 52.21 12.27 -9.78
C LYS A 73 53.34 12.88 -10.55
N SER A 74 53.61 12.37 -11.74
CA SER A 74 54.68 12.89 -12.54
C SER A 74 54.43 14.15 -13.34
N PRO A 75 55.44 15.03 -13.46
CA PRO A 75 55.28 16.27 -14.26
C PRO A 75 55.14 15.88 -15.75
N ARG A 76 55.53 14.65 -16.08
CA ARG A 76 55.43 14.20 -17.48
C ARG A 76 54.24 13.22 -17.65
N TYR A 77 53.31 13.25 -16.73
CA TYR A 77 52.14 12.35 -16.83
C TYR A 77 51.39 12.42 -18.14
N VAL A 78 50.97 13.62 -18.50
CA VAL A 78 50.16 13.80 -19.70
C VAL A 78 50.96 13.41 -20.91
N GLU A 79 52.23 13.85 -20.97
CA GLU A 79 53.08 13.49 -22.08
C GLU A 79 53.14 11.97 -22.25
N GLU A 80 53.36 11.29 -21.14
CA GLU A 80 53.48 9.83 -21.19
C GLU A 80 52.15 9.13 -21.52
N VAL A 81 51.05 9.71 -21.06
CA VAL A 81 49.72 9.12 -21.34
C VAL A 81 49.48 9.22 -22.85
N TYR A 82 49.75 10.37 -23.48
CA TYR A 82 49.45 10.41 -24.92
C TYR A 82 50.47 9.74 -25.81
N ARG A 83 51.69 9.52 -25.28
CA ARG A 83 52.64 8.70 -26.07
C ARG A 83 52.12 7.23 -26.02
N VAL A 84 51.63 6.76 -24.87
CA VAL A 84 50.96 5.41 -24.84
C VAL A 84 49.80 5.42 -25.89
N ALA A 85 48.98 6.49 -25.95
CA ALA A 85 47.87 6.54 -26.93
C ALA A 85 48.33 6.49 -28.37
N LEU A 86 49.40 7.22 -28.68
CA LEU A 86 49.91 7.19 -30.06
C LEU A 86 50.46 5.78 -30.45
N GLY A 87 51.09 5.12 -29.50
CA GLY A 87 51.65 3.78 -29.73
C GLY A 87 50.50 2.81 -29.91
N PHE A 88 49.54 2.96 -29.02
CA PHE A 88 48.35 2.06 -29.03
C PHE A 88 47.59 2.24 -30.37
N LYS A 89 47.47 3.48 -30.88
CA LYS A 89 46.84 3.74 -32.15
C LYS A 89 47.53 3.00 -33.28
N GLU A 90 48.86 3.14 -33.36
CA GLU A 90 49.57 2.56 -34.51
C GLU A 90 49.45 1.05 -34.50
N GLU A 91 49.52 0.47 -33.31
CA GLU A 91 49.39 -1.01 -33.15
C GLU A 91 47.97 -1.45 -33.51
N ALA A 92 46.97 -0.69 -33.03
CA ALA A 92 45.60 -1.08 -33.27
C ALA A 92 45.27 -1.09 -34.74
N ARG A 93 45.81 -0.12 -35.50
CA ARG A 93 45.47 -0.11 -36.91
C ARG A 93 46.04 -1.38 -37.58
N ARG A 94 47.27 -1.75 -37.20
CA ARG A 94 47.87 -2.98 -37.80
C ARG A 94 47.11 -4.23 -37.37
N VAL A 95 46.69 -4.27 -36.11
CA VAL A 95 45.92 -5.44 -35.65
C VAL A 95 44.59 -5.54 -36.40
N ALA A 96 43.90 -4.43 -36.53
CA ALA A 96 42.58 -4.39 -37.21
C ALA A 96 42.72 -4.80 -38.65
N GLU A 97 43.69 -4.22 -39.35
CA GLU A 97 43.87 -4.55 -40.77
C GLU A 97 44.21 -6.04 -40.94
N GLU A 98 45.02 -6.62 -40.06
CA GLU A 98 45.33 -8.04 -40.19
C GLU A 98 44.05 -8.88 -39.84
N ALA A 99 43.30 -8.47 -38.85
CA ALA A 99 42.14 -9.28 -38.47
C ALA A 99 41.14 -9.30 -39.64
N GLU A 100 40.97 -8.16 -40.30
CA GLU A 100 40.03 -8.10 -41.39
C GLU A 100 40.46 -8.99 -42.52
N ARG A 101 41.76 -8.98 -42.83
CA ARG A 101 42.29 -9.85 -43.93
C ARG A 101 42.10 -11.30 -43.58
N ARG A 102 42.39 -11.62 -42.33
CA ARG A 102 42.32 -12.99 -41.87
C ARG A 102 40.95 -13.58 -41.72
N PHE A 103 40.00 -12.82 -41.16
CA PHE A 103 38.64 -13.37 -40.95
C PHE A 103 37.64 -12.93 -41.97
N GLY A 104 37.91 -11.87 -42.72
CA GLY A 104 36.93 -11.39 -43.68
C GLY A 104 35.57 -11.07 -43.13
N LEU A 105 35.55 -10.43 -41.96
CA LEU A 105 34.30 -10.07 -41.35
C LEU A 105 34.27 -8.54 -41.15
N PRO A 106 33.08 -7.94 -41.17
CA PRO A 106 32.97 -6.49 -40.94
C PRO A 106 33.66 -6.19 -39.60
N LEU A 107 34.41 -5.07 -39.57
CA LEU A 107 35.15 -4.75 -38.35
C LEU A 107 34.64 -3.47 -37.71
N PHE A 108 34.45 -3.57 -36.40
CA PHE A 108 34.01 -2.42 -35.59
C PHE A 108 35.05 -2.16 -34.54
N LEU A 109 35.09 -0.92 -34.05
CA LEU A 109 36.03 -0.61 -32.93
C LEU A 109 35.23 -0.23 -31.66
N ALA A 110 35.78 -0.56 -30.50
CA ALA A 110 35.20 -0.07 -29.23
C ALA A 110 36.39 0.43 -28.44
N GLY A 111 36.28 1.60 -27.80
CA GLY A 111 37.38 2.04 -26.96
C GLY A 111 36.79 2.54 -25.65
N GLY A 112 37.49 2.33 -24.52
CA GLY A 112 37.04 2.87 -23.23
C GLY A 112 38.03 3.88 -22.69
N SER A 113 37.56 5.10 -22.45
CA SER A 113 38.41 6.19 -21.88
C SER A 113 39.59 6.45 -22.85
N LEU A 114 40.87 6.23 -22.48
CA LEU A 114 41.96 6.53 -23.39
C LEU A 114 41.75 5.73 -24.67
N GLY A 115 41.19 4.55 -24.58
CA GLY A 115 40.92 3.75 -25.80
C GLY A 115 39.89 4.42 -26.73
N ALA A 116 38.97 5.22 -26.15
CA ALA A 116 37.99 5.94 -26.97
C ALA A 116 38.74 7.06 -27.72
N PHE A 117 39.72 7.69 -27.04
CA PHE A 117 40.48 8.73 -27.70
C PHE A 117 41.31 8.12 -28.84
N VAL A 118 41.87 6.91 -28.59
CA VAL A 118 42.63 6.23 -29.64
C VAL A 118 41.72 5.95 -30.83
N ALA A 119 40.47 5.52 -30.58
CA ALA A 119 39.51 5.29 -31.69
C ALA A 119 39.39 6.60 -32.51
N HIS A 120 39.29 7.74 -31.82
CA HIS A 120 39.24 9.03 -32.53
C HIS A 120 40.51 9.30 -33.35
N LEU A 121 41.68 9.04 -32.77
CA LEU A 121 42.92 9.22 -33.49
C LEU A 121 42.89 8.36 -34.80
N LEU A 122 42.40 7.12 -34.72
CA LEU A 122 42.33 6.25 -35.90
C LEU A 122 41.38 6.82 -36.93
N LEU A 123 40.18 7.30 -36.50
CA LEU A 123 39.25 7.88 -37.48
C LEU A 123 39.86 9.14 -38.10
N ALA A 124 40.57 9.94 -37.32
CA ALA A 124 41.13 11.21 -37.86
C ALA A 124 42.22 10.91 -38.88
N GLU A 125 42.80 9.71 -38.84
CA GLU A 125 43.86 9.39 -39.80
C GLU A 125 43.34 8.52 -40.94
N GLY A 126 42.01 8.45 -41.03
CA GLY A 126 41.37 7.75 -42.15
C GLY A 126 41.15 6.27 -42.04
N PHE A 127 41.21 5.73 -40.82
CA PHE A 127 40.89 4.30 -40.68
C PHE A 127 39.33 4.24 -40.77
N ARG A 128 38.79 3.28 -41.55
CA ARG A 128 37.38 3.23 -41.82
C ARG A 128 36.67 1.93 -41.44
N PRO A 129 36.44 1.71 -40.13
CA PRO A 129 35.74 0.51 -39.66
C PRO A 129 34.24 0.73 -39.98
N ARG A 130 33.43 -0.29 -39.72
CA ARG A 130 32.01 -0.20 -40.00
C ARG A 130 31.28 0.64 -38.94
N GLY A 131 31.89 0.82 -37.75
CA GLY A 131 31.22 1.62 -36.73
C GLY A 131 32.14 1.64 -35.53
N VAL A 132 31.93 2.62 -34.66
CA VAL A 132 32.82 2.76 -33.48
C VAL A 132 32.00 3.06 -32.25
N LEU A 133 32.33 2.38 -31.13
CA LEU A 133 31.72 2.70 -29.82
C LEU A 133 32.82 3.40 -29.01
N ALA A 134 32.51 4.61 -28.53
CA ALA A 134 33.45 5.37 -27.71
C ALA A 134 32.80 5.47 -26.33
N PHE A 135 33.31 4.62 -25.41
CA PHE A 135 32.77 4.58 -24.08
C PHE A 135 33.58 5.50 -23.15
N ILE A 136 32.86 6.24 -22.32
CA ILE A 136 33.43 7.10 -21.26
C ILE A 136 34.69 7.89 -21.68
N GLY A 137 34.57 8.53 -22.83
CA GLY A 137 35.70 9.22 -23.39
C GLY A 137 35.40 10.45 -24.20
N SER A 138 36.41 10.84 -24.99
CA SER A 138 36.34 12.09 -25.72
C SER A 138 37.34 12.10 -26.88
N GLY A 139 37.04 12.96 -27.86
CA GLY A 139 37.88 13.17 -29.04
C GLY A 139 38.92 14.28 -28.87
N PHE A 140 38.97 14.87 -27.69
CA PHE A 140 39.95 15.85 -27.33
C PHE A 140 40.77 15.28 -26.21
N PRO A 141 42.06 15.66 -26.16
CA PRO A 141 42.92 15.19 -25.07
C PRO A 141 42.52 15.95 -23.81
N MSE A 142 42.83 15.36 -22.68
CA MSE A 142 42.45 15.98 -21.42
C MSE A 142 42.95 17.38 -21.27
O MSE A 142 43.95 17.82 -21.81
CB MSE A 142 42.94 15.13 -20.24
CG MSE A 142 44.47 15.16 -20.07
SE MSE A 142 45.04 14.04 -18.58
CE MSE A 142 45.36 12.47 -19.51
N LYS A 143 42.20 18.14 -20.47
CA LYS A 143 42.65 19.48 -20.17
C LYS A 143 44.02 19.34 -19.53
N LEU A 144 44.97 20.19 -19.93
CA LEU A 144 46.34 20.11 -19.43
C LEU A 144 46.46 20.64 -18.01
N PRO A 145 46.73 19.79 -17.03
CA PRO A 145 46.84 20.26 -15.64
C PRO A 145 48.06 21.14 -15.46
N GLN A 146 48.01 22.03 -14.47
CA GLN A 146 49.11 22.90 -14.14
C GLN A 146 50.27 22.05 -13.66
N GLY A 147 51.45 22.40 -14.14
CA GLY A 147 52.64 21.71 -13.76
C GLY A 147 53.09 20.65 -14.75
N GLN A 148 52.21 20.29 -15.70
CA GLN A 148 52.61 19.30 -16.70
C GLN A 148 53.51 19.94 -17.72
N VAL A 149 54.54 19.19 -18.10
CA VAL A 149 55.48 19.65 -19.11
C VAL A 149 55.33 18.70 -20.31
N VAL A 150 55.15 19.25 -21.49
CA VAL A 150 55.00 18.33 -22.66
C VAL A 150 56.00 18.79 -23.70
N GLU A 151 56.93 17.88 -24.03
CA GLU A 151 57.97 18.20 -25.03
C GLU A 151 57.87 17.34 -26.27
N ASP A 152 57.31 16.14 -26.09
CA ASP A 152 57.14 15.14 -27.18
C ASP A 152 56.38 15.82 -28.33
N PRO A 153 57.01 15.95 -29.50
CA PRO A 153 56.36 16.63 -30.64
C PRO A 153 55.06 15.97 -31.08
N GLY A 154 55.02 14.65 -30.96
CA GLY A 154 53.79 13.95 -31.34
C GLY A 154 52.65 14.28 -30.41
N VAL A 155 52.93 14.45 -29.11
CA VAL A 155 51.85 14.78 -28.19
C VAL A 155 51.48 16.26 -28.39
N LEU A 156 52.46 17.13 -28.64
CA LEU A 156 52.09 18.54 -28.86
C LEU A 156 51.15 18.64 -30.06
N ALA A 157 51.39 17.82 -31.09
CA ALA A 157 50.54 17.84 -32.26
C ALA A 157 49.12 17.50 -31.97
N LEU A 158 48.88 16.59 -31.02
CA LEU A 158 47.54 16.21 -30.62
C LEU A 158 46.81 17.38 -29.97
N TYR A 159 47.52 18.23 -29.22
CA TYR A 159 46.88 19.38 -28.59
C TYR A 159 46.65 20.50 -29.60
N GLN A 160 47.57 20.63 -30.55
CA GLN A 160 47.41 21.61 -31.57
C GLN A 160 46.24 21.31 -32.50
N ALA A 161 46.05 20.01 -32.82
CA ALA A 161 44.99 19.61 -33.73
C ALA A 161 44.38 18.29 -33.21
N PRO A 162 43.52 18.39 -32.17
CA PRO A 162 42.88 17.17 -31.62
C PRO A 162 42.13 16.42 -32.74
N PRO A 163 42.03 15.09 -32.62
CA PRO A 163 41.32 14.35 -33.68
C PRO A 163 39.92 14.83 -33.95
N ALA A 164 39.16 15.17 -32.92
CA ALA A 164 37.77 15.59 -33.19
C ALA A 164 37.64 16.89 -33.96
N THR A 165 38.78 17.59 -34.12
CA THR A 165 38.73 18.84 -34.94
C THR A 165 38.99 18.52 -36.41
N ARG A 166 39.17 17.23 -36.75
CA ARG A 166 39.44 16.78 -38.16
C ARG A 166 38.26 15.89 -38.66
N GLY A 167 37.03 16.36 -38.41
CA GLY A 167 35.84 15.58 -38.75
C GLY A 167 35.71 15.20 -40.19
N GLU A 168 36.26 16.05 -41.04
CA GLU A 168 36.17 15.75 -42.44
C GLU A 168 36.95 14.48 -42.81
N ALA A 169 37.89 14.01 -41.98
CA ALA A 169 38.65 12.79 -42.30
C ALA A 169 37.93 11.52 -41.79
N TYR A 170 36.87 11.72 -40.98
CA TYR A 170 36.12 10.57 -40.37
C TYR A 170 35.24 9.81 -41.34
N GLY A 171 35.00 10.39 -42.54
CA GLY A 171 34.21 9.70 -43.53
C GLY A 171 32.81 9.25 -43.13
N GLY A 172 32.25 9.96 -42.17
CA GLY A 172 30.91 9.66 -41.71
C GLY A 172 30.81 8.28 -41.07
N VAL A 173 31.91 7.72 -40.59
CA VAL A 173 31.83 6.39 -39.95
C VAL A 173 30.87 6.46 -38.73
N PRO A 174 29.92 5.52 -38.62
CA PRO A 174 29.00 5.54 -37.48
C PRO A 174 29.76 5.58 -36.15
N LEU A 175 29.34 6.49 -35.30
CA LEU A 175 30.05 6.70 -34.05
C LEU A 175 29.08 6.98 -32.93
N LEU A 176 29.18 6.16 -31.88
CA LEU A 176 28.30 6.36 -30.71
C LEU A 176 29.13 6.64 -29.49
N HIS A 177 28.90 7.76 -28.82
CA HIS A 177 29.60 8.05 -27.56
C HIS A 177 28.63 7.63 -26.44
N LEU A 178 29.15 6.82 -25.48
CA LEU A 178 28.31 6.37 -24.37
C LEU A 178 28.98 6.96 -23.13
N HIS A 179 28.21 7.63 -22.26
CA HIS A 179 28.82 8.32 -21.12
C HIS A 179 27.92 8.34 -19.90
N GLY A 180 28.56 8.59 -18.76
CA GLY A 180 27.79 8.71 -17.50
C GLY A 180 27.71 10.20 -17.17
N SER A 181 26.55 10.66 -16.73
CA SER A 181 26.44 12.10 -16.46
C SER A 181 27.32 12.64 -15.35
N ARG A 182 27.68 11.78 -14.40
CA ARG A 182 28.51 12.20 -13.25
C ARG A 182 29.99 11.85 -13.40
N ASP A 183 30.44 11.62 -14.62
CA ASP A 183 31.86 11.29 -14.79
C ASP A 183 32.73 12.55 -14.54
N HIS A 184 33.70 12.45 -13.63
CA HIS A 184 34.56 13.60 -13.42
C HIS A 184 35.95 13.41 -13.99
N ILE A 185 36.29 12.21 -14.44
CA ILE A 185 37.59 11.97 -15.07
C ILE A 185 37.52 12.53 -16.54
N VAL A 186 36.42 12.21 -17.22
CA VAL A 186 36.11 12.80 -18.54
C VAL A 186 34.75 13.46 -18.35
N PRO A 187 34.75 14.78 -18.07
CA PRO A 187 33.47 15.49 -17.84
C PRO A 187 32.55 15.34 -19.03
N LEU A 188 31.26 15.20 -18.75
CA LEU A 188 30.26 15.14 -19.81
C LEU A 188 30.44 16.21 -20.87
N ALA A 189 30.85 17.40 -20.44
CA ALA A 189 31.02 18.47 -21.41
C ALA A 189 32.10 18.20 -22.47
N ARG A 190 33.12 17.40 -22.12
CA ARG A 190 34.20 17.07 -23.12
C ARG A 190 33.59 16.17 -24.21
N MSE A 191 32.72 15.24 -23.83
CA MSE A 191 32.07 14.40 -24.80
C MSE A 191 31.15 15.24 -25.66
O MSE A 191 31.11 15.13 -26.85
CB MSE A 191 31.28 13.31 -24.09
CG MSE A 191 30.55 12.33 -25.09
SE MSE A 191 28.82 12.98 -25.71
CE MSE A 191 28.06 12.13 -24.29
N GLU A 192 30.45 16.20 -25.04
CA GLU A 192 29.54 17.03 -25.85
C GLU A 192 30.36 17.93 -26.86
N LYS A 193 31.50 18.41 -26.39
CA LYS A 193 32.40 19.25 -27.21
C LYS A 193 32.90 18.39 -28.38
N THR A 194 33.12 17.10 -28.08
CA THR A 194 33.55 16.24 -29.21
C THR A 194 32.47 16.16 -30.31
N LEU A 195 31.23 15.87 -29.90
CA LEU A 195 30.17 15.74 -30.84
C LEU A 195 29.86 17.03 -31.56
N GLU A 196 29.96 18.16 -30.89
CA GLU A 196 29.68 19.42 -31.52
C GLU A 196 30.75 19.74 -32.55
N ALA A 197 32.01 19.34 -32.30
CA ALA A 197 33.06 19.60 -33.25
C ALA A 197 32.86 18.76 -34.49
N LEU A 198 32.33 17.54 -34.29
CA LEU A 198 32.17 16.62 -35.41
C LEU A 198 30.84 16.82 -36.16
N ARG A 199 29.83 17.32 -35.46
CA ARG A 199 28.50 17.49 -36.08
C ARG A 199 28.43 18.01 -37.51
N PRO A 200 29.15 19.09 -37.86
CA PRO A 200 29.07 19.60 -39.23
C PRO A 200 29.59 18.62 -40.27
N HIS A 201 30.39 17.65 -39.81
CA HIS A 201 30.96 16.63 -40.70
C HIS A 201 30.20 15.30 -40.77
N TYR A 202 29.07 15.24 -40.10
CA TYR A 202 28.18 14.09 -40.08
C TYR A 202 26.75 14.59 -40.52
N PRO A 203 26.69 15.18 -41.71
CA PRO A 203 25.42 15.70 -42.28
C PRO A 203 24.37 14.63 -42.61
N GLU A 204 24.77 13.35 -42.51
CA GLU A 204 23.82 12.32 -42.83
C GLU A 204 23.54 11.49 -41.59
N GLY A 205 23.75 12.12 -40.45
CA GLY A 205 23.53 11.33 -39.24
C GLY A 205 24.65 10.27 -38.97
N ARG A 206 24.27 9.23 -38.26
CA ARG A 206 25.25 8.19 -37.92
C ARG A 206 26.16 8.51 -36.75
N LEU A 207 25.98 9.72 -36.18
N LEU A 207 25.98 9.71 -36.17
CA LEU A 207 26.68 10.13 -34.97
CA LEU A 207 26.71 10.17 -34.98
C LEU A 207 25.59 10.06 -33.89
C LEU A 207 25.61 10.14 -33.88
N ALA A 208 25.93 9.60 -32.69
CA ALA A 208 24.91 9.52 -31.64
C ALA A 208 25.56 9.51 -30.26
N ARG A 209 24.70 9.80 -29.26
CA ARG A 209 25.18 9.74 -27.87
C ARG A 209 24.19 9.01 -26.99
N PHE A 210 24.71 8.34 -25.95
CA PHE A 210 23.88 7.65 -24.98
C PHE A 210 24.45 8.10 -23.65
N VAL A 211 23.59 8.68 -22.81
CA VAL A 211 24.04 9.13 -21.51
C VAL A 211 23.20 8.47 -20.43
N GLU A 212 23.86 7.79 -19.51
CA GLU A 212 23.20 7.10 -18.37
C GLU A 212 23.26 8.11 -17.20
N GLU A 213 22.08 8.50 -16.71
CA GLU A 213 22.04 9.52 -15.65
C GLU A 213 22.55 8.89 -14.35
N GLY A 214 23.50 9.57 -13.73
CA GLY A 214 24.02 9.09 -12.47
C GLY A 214 25.27 8.24 -12.56
N ALA A 215 25.53 7.69 -13.73
CA ALA A 215 26.74 6.88 -13.91
C ALA A 215 27.95 7.78 -13.97
N GLY A 216 29.12 7.22 -13.61
CA GLY A 216 30.38 7.96 -13.61
C GLY A 216 31.30 7.39 -14.68
N HIS A 217 32.56 7.35 -14.35
CA HIS A 217 33.61 6.87 -15.27
C HIS A 217 33.83 5.33 -15.21
N THR A 218 32.76 4.63 -15.59
CA THR A 218 32.77 3.17 -15.70
C THR A 218 31.91 2.76 -16.89
N LEU A 219 32.27 1.61 -17.47
CA LEU A 219 31.57 1.09 -18.64
C LEU A 219 30.51 0.20 -18.03
N THR A 220 29.30 0.72 -17.90
CA THR A 220 28.21 -0.02 -17.20
C THR A 220 27.56 -1.06 -18.09
N PRO A 221 26.89 -2.03 -17.50
CA PRO A 221 26.25 -3.07 -18.30
C PRO A 221 25.19 -2.44 -19.19
N LEU A 222 24.49 -1.40 -18.74
CA LEU A 222 23.48 -0.78 -19.64
C LEU A 222 24.18 -0.13 -20.87
N MSE A 223 25.30 0.57 -20.66
CA MSE A 223 26.06 1.10 -21.79
C MSE A 223 26.47 -0.03 -22.72
O MSE A 223 26.37 0.09 -23.92
CB MSE A 223 27.33 1.81 -21.26
CG MSE A 223 27.11 3.20 -20.65
SE MSE A 223 28.77 3.81 -19.96
CE MSE A 223 28.06 5.03 -18.58
N ALA A 224 26.94 -1.16 -22.19
CA ALA A 224 27.34 -2.20 -23.10
C ALA A 224 26.22 -2.69 -23.93
N ARG A 225 25.03 -2.87 -23.31
CA ARG A 225 23.87 -3.37 -24.02
C ARG A 225 23.42 -2.38 -25.13
N VAL A 226 23.49 -1.07 -24.85
CA VAL A 226 23.12 -0.10 -25.88
C VAL A 226 24.16 -0.10 -27.04
N GLY A 227 25.43 -0.27 -26.68
CA GLY A 227 26.47 -0.28 -27.69
C GLY A 227 26.29 -1.49 -28.62
N LEU A 228 25.84 -2.63 -28.08
CA LEU A 228 25.67 -3.82 -28.89
C LEU A 228 24.51 -3.59 -29.89
N ALA A 229 23.48 -2.86 -29.46
CA ALA A 229 22.36 -2.55 -30.39
C ALA A 229 22.87 -1.65 -31.54
N PHE A 230 23.71 -0.66 -31.23
CA PHE A 230 24.24 0.25 -32.24
C PHE A 230 25.05 -0.52 -33.26
N LEU A 231 25.92 -1.42 -32.77
CA LEU A 231 26.74 -2.26 -33.70
C LEU A 231 25.82 -3.17 -34.54
N GLU A 232 24.83 -3.80 -33.96
CA GLU A 232 24.01 -4.68 -34.79
C GLU A 232 23.23 -3.88 -35.83
N HIS A 233 22.75 -2.66 -35.47
CA HIS A 233 22.02 -1.85 -36.45
C HIS A 233 22.92 -1.57 -37.66
N TRP A 234 24.17 -1.16 -37.42
CA TRP A 234 25.05 -0.82 -38.53
C TRP A 234 25.56 -2.09 -39.28
N LEU A 235 25.68 -3.22 -38.57
CA LEU A 235 26.10 -4.44 -39.25
C LEU A 235 25.02 -4.91 -40.24
N GLU A 236 23.77 -4.74 -39.85
CA GLU A 236 22.65 -5.21 -40.64
C GLU A 236 22.26 -4.23 -41.71
N ALA A 237 22.80 -3.03 -41.68
CA ALA A 237 22.40 -1.99 -42.63
C ALA A 237 22.79 -2.31 -44.06
N ARG A 238 21.90 -1.95 -44.97
CA ARG A 238 22.12 -2.21 -46.39
C ARG A 238 21.76 -1.01 -47.22
N MSE B 1 10.88 -14.69 -35.41
CA MSE B 1 9.57 -15.30 -35.05
C MSE B 1 8.47 -14.88 -35.97
O MSE B 1 8.49 -13.74 -36.45
CB MSE B 1 9.18 -14.86 -33.69
CG MSE B 1 8.72 -15.98 -32.84
SE MSE B 1 8.32 -15.13 -31.14
CE MSE B 1 10.17 -15.08 -30.34
N ARG B 2 7.52 -15.77 -36.24
CA ARG B 2 6.39 -15.39 -37.10
C ARG B 2 5.48 -14.52 -36.20
N VAL B 3 4.73 -13.61 -36.80
CA VAL B 3 3.89 -12.73 -35.99
C VAL B 3 2.54 -12.57 -36.65
N ARG B 4 1.50 -12.75 -35.84
CA ARG B 4 0.11 -12.63 -36.25
C ARG B 4 -0.49 -11.28 -35.82
N THR B 5 -1.11 -10.57 -36.76
CA THR B 5 -1.80 -9.30 -36.52
C THR B 5 -3.26 -9.66 -36.17
N GLU B 6 -3.77 -9.18 -35.03
CA GLU B 6 -5.14 -9.47 -34.52
C GLU B 6 -5.74 -8.37 -33.61
N ARG B 7 -7.06 -8.30 -33.54
CA ARG B 7 -7.71 -7.26 -32.70
C ARG B 7 -8.37 -7.79 -31.43
N LEU B 8 -8.09 -7.17 -30.30
CA LEU B 8 -8.72 -7.60 -29.09
C LEU B 8 -9.67 -6.49 -28.61
N THR B 9 -10.18 -6.65 -27.41
CA THR B 9 -11.03 -5.67 -26.82
C THR B 9 -10.54 -5.66 -25.41
N LEU B 10 -9.97 -4.52 -25.02
CA LEU B 10 -9.50 -4.41 -23.68
C LEU B 10 -10.06 -3.06 -23.23
N ALA B 11 -10.49 -2.99 -21.97
CA ALA B 11 -10.97 -1.77 -21.37
C ALA B 11 -11.92 -1.01 -22.30
N GLY B 12 -12.60 -1.79 -23.14
CA GLY B 12 -13.59 -1.28 -24.05
C GLY B 12 -13.16 -0.60 -25.32
N LEU B 13 -11.90 -0.74 -25.71
CA LEU B 13 -11.41 -0.12 -26.95
C LEU B 13 -10.85 -1.23 -27.87
N SER B 14 -10.67 -0.89 -29.13
CA SER B 14 -10.17 -1.86 -30.08
C SER B 14 -8.69 -1.64 -30.23
N VAL B 15 -7.99 -2.68 -29.83
CA VAL B 15 -6.54 -2.67 -29.85
C VAL B 15 -5.93 -3.59 -30.85
N LEU B 16 -5.05 -3.01 -31.66
CA LEU B 16 -4.30 -3.69 -32.68
C LEU B 16 -3.18 -4.45 -31.98
N ALA B 17 -3.06 -5.72 -32.33
CA ALA B 17 -2.06 -6.49 -31.64
C ALA B 17 -1.16 -7.27 -32.59
N ARG B 18 0.06 -7.55 -32.12
CA ARG B 18 1.06 -8.37 -32.82
C ARG B 18 1.49 -9.36 -31.76
N ILE B 19 1.04 -10.61 -31.87
CA ILE B 19 1.31 -11.60 -30.84
C ILE B 19 2.27 -12.67 -31.31
N PRO B 20 3.36 -12.90 -30.55
CA PRO B 20 4.36 -13.93 -30.92
C PRO B 20 4.01 -15.32 -30.30
N GLU B 21 4.64 -16.42 -30.74
CA GLU B 21 4.26 -17.74 -30.22
C GLU B 21 4.63 -17.93 -28.76
N ALA B 22 5.80 -17.41 -28.40
CA ALA B 22 6.21 -17.57 -27.01
C ALA B 22 6.44 -16.17 -26.44
N PRO B 23 5.36 -15.45 -26.14
CA PRO B 23 5.61 -14.11 -25.61
C PRO B 23 6.31 -14.08 -24.29
N LYS B 24 7.23 -13.13 -24.18
CA LYS B 24 7.99 -13.04 -22.99
C LYS B 24 7.55 -11.79 -22.26
N ALA B 25 6.80 -10.92 -22.94
CA ALA B 25 6.34 -9.67 -22.31
C ALA B 25 5.40 -8.87 -23.21
N LEU B 26 4.70 -7.90 -22.60
CA LEU B 26 3.83 -7.08 -23.36
C LEU B 26 4.47 -5.68 -23.49
N LEU B 27 4.14 -5.07 -24.59
CA LEU B 27 4.52 -3.67 -24.90
C LEU B 27 3.26 -2.91 -25.39
N LEU B 28 2.74 -2.04 -24.52
CA LEU B 28 1.64 -1.14 -24.93
C LEU B 28 2.31 0.11 -25.57
N ALA B 29 1.94 0.40 -26.79
CA ALA B 29 2.52 1.54 -27.57
C ALA B 29 1.50 2.62 -27.80
N LEU B 30 1.86 3.85 -27.41
CA LEU B 30 1.00 4.97 -27.56
C LEU B 30 1.53 5.92 -28.70
N HIS B 31 0.80 6.12 -29.81
CA HIS B 31 1.19 6.97 -30.89
C HIS B 31 1.21 8.46 -30.66
N GLY B 32 1.73 9.19 -31.63
CA GLY B 32 1.88 10.65 -31.54
C GLY B 32 0.73 11.38 -32.16
N LEU B 33 0.77 12.72 -32.11
CA LEU B 33 -0.35 13.50 -32.64
C LEU B 33 -0.38 13.27 -34.17
N GLN B 34 -1.60 13.02 -34.65
CA GLN B 34 -1.88 12.83 -36.07
C GLN B 34 -1.45 11.45 -36.49
N GLY B 35 -1.07 10.65 -35.53
CA GLY B 35 -0.65 9.27 -35.81
C GLY B 35 -1.80 8.33 -35.62
N SER B 36 -1.54 7.05 -35.46
CA SER B 36 -2.53 6.02 -35.27
C SER B 36 -1.87 4.77 -34.72
N LYS B 37 -2.70 3.81 -34.34
CA LYS B 37 -2.22 2.57 -33.75
C LYS B 37 -1.42 1.80 -34.84
N GLU B 38 -1.81 1.86 -36.11
CA GLU B 38 -1.00 1.16 -37.13
C GLU B 38 0.37 1.82 -37.25
N HIS B 39 0.39 3.16 -37.26
CA HIS B 39 1.61 3.94 -37.39
C HIS B 39 2.65 3.59 -36.33
N ILE B 40 2.26 3.65 -35.05
CA ILE B 40 3.25 3.38 -33.99
C ILE B 40 3.79 1.95 -34.01
N LEU B 41 2.93 0.93 -34.17
CA LEU B 41 3.47 -0.42 -34.29
C LEU B 41 4.45 -0.60 -35.48
N ALA B 42 4.23 0.09 -36.58
CA ALA B 42 5.11 -0.04 -37.76
C ALA B 42 6.49 0.54 -37.51
N LEU B 43 6.53 1.47 -36.54
CA LEU B 43 7.80 2.14 -36.18
C LEU B 43 8.60 1.33 -35.19
N LEU B 44 8.12 0.15 -34.77
CA LEU B 44 8.81 -0.74 -33.83
C LEU B 44 9.18 -2.11 -34.49
N PRO B 45 10.00 -2.04 -35.54
CA PRO B 45 10.42 -3.26 -36.25
C PRO B 45 11.18 -4.14 -35.33
N GLY B 46 10.96 -5.48 -35.49
CA GLY B 46 11.66 -6.48 -34.71
C GLY B 46 11.35 -6.78 -33.28
N TYR B 47 10.45 -5.97 -32.68
CA TYR B 47 10.10 -6.15 -31.34
C TYR B 47 9.28 -7.45 -31.05
N ALA B 48 8.23 -7.60 -31.82
CA ALA B 48 7.36 -8.76 -31.62
C ALA B 48 8.17 -10.00 -32.05
N GLU B 49 8.96 -9.83 -33.10
CA GLU B 49 9.79 -10.95 -33.61
C GLU B 49 10.74 -11.45 -32.56
N ARG B 50 11.01 -10.65 -31.53
CA ARG B 50 11.84 -11.01 -30.39
C ARG B 50 11.04 -11.43 -29.18
N GLY B 51 9.70 -11.45 -29.27
CA GLY B 51 8.96 -11.91 -28.11
C GLY B 51 8.05 -10.93 -27.35
N PHE B 52 7.96 -9.72 -27.90
CA PHE B 52 7.12 -8.68 -27.29
C PHE B 52 5.76 -8.70 -27.99
N LEU B 53 4.73 -8.85 -27.16
CA LEU B 53 3.33 -8.88 -27.58
C LEU B 53 2.99 -7.37 -27.60
N LEU B 54 2.91 -6.85 -28.78
CA LEU B 54 2.68 -5.42 -29.03
C LEU B 54 1.18 -5.14 -29.00
N LEU B 55 0.81 -3.93 -28.59
CA LEU B 55 -0.61 -3.52 -28.50
C LEU B 55 -0.62 -2.06 -28.67
N ALA B 56 -1.52 -1.56 -29.47
CA ALA B 56 -1.64 -0.12 -29.71
C ALA B 56 -3.12 0.12 -29.93
N PHE B 57 -3.60 1.30 -29.54
CA PHE B 57 -4.99 1.71 -29.82
C PHE B 57 -4.96 3.18 -30.22
N ASP B 58 -6.02 3.66 -30.91
CA ASP B 58 -6.06 5.03 -31.41
C ASP B 58 -6.48 5.94 -30.25
N ALA B 59 -5.81 7.08 -30.18
CA ALA B 59 -6.14 8.02 -29.13
C ALA B 59 -7.44 8.66 -29.56
N PRO B 60 -8.01 9.47 -28.67
CA PRO B 60 -9.26 10.15 -29.08
C PRO B 60 -9.03 11.02 -30.33
N ARG B 61 -10.00 11.05 -31.27
CA ARG B 61 -9.97 11.90 -32.46
C ARG B 61 -8.96 11.46 -33.55
N HIS B 62 -8.40 10.28 -33.30
CA HIS B 62 -7.42 9.73 -34.18
C HIS B 62 -7.81 8.37 -34.77
N GLY B 63 -7.15 8.12 -35.90
CA GLY B 63 -7.30 6.81 -36.53
C GLY B 63 -8.74 6.48 -36.91
N GLU B 64 -9.26 5.39 -36.38
CA GLU B 64 -10.64 4.96 -36.71
C GLU B 64 -11.64 5.64 -35.82
N ARG B 65 -11.17 6.46 -34.90
CA ARG B 65 -12.10 7.09 -33.98
C ARG B 65 -12.59 8.36 -34.57
N GLU B 66 -13.72 8.85 -34.06
CA GLU B 66 -14.28 10.06 -34.60
C GLU B 66 -13.42 11.31 -34.50
N GLY B 67 -13.24 11.98 -35.62
CA GLY B 67 -12.43 13.20 -35.60
C GLY B 67 -13.27 14.45 -35.34
N PRO B 68 -12.77 15.60 -35.81
CA PRO B 68 -11.48 15.59 -36.51
C PRO B 68 -10.29 15.78 -35.52
N PRO B 69 -9.07 15.49 -35.96
CA PRO B 69 -8.00 15.70 -34.97
C PRO B 69 -7.74 17.17 -34.87
N PRO B 70 -6.98 17.56 -33.83
CA PRO B 70 -6.65 18.97 -33.63
C PRO B 70 -5.93 19.59 -34.80
N SER B 71 -6.24 20.86 -35.10
CA SER B 71 -5.56 21.56 -36.16
C SER B 71 -4.65 22.64 -35.62
N SER B 72 -3.38 22.63 -36.03
CA SER B 72 -2.43 23.62 -35.55
C SER B 72 -2.76 25.03 -36.02
N LYS B 73 -3.78 25.17 -36.88
CA LYS B 73 -4.14 26.52 -37.39
C LYS B 73 -5.31 27.14 -36.62
N SER B 74 -5.81 26.39 -35.65
CA SER B 74 -6.92 26.81 -34.79
C SER B 74 -6.46 27.42 -33.49
N PRO B 75 -7.18 28.43 -33.00
CA PRO B 75 -6.75 29.03 -31.72
C PRO B 75 -7.07 28.12 -30.57
N ARG B 76 -7.78 27.02 -30.80
CA ARG B 76 -8.07 26.07 -29.71
C ARG B 76 -7.20 24.79 -29.85
N TYR B 77 -6.19 24.86 -30.70
CA TYR B 77 -5.28 23.69 -30.97
C TYR B 77 -4.72 23.07 -29.71
N VAL B 78 -4.06 23.89 -28.90
CA VAL B 78 -3.42 23.35 -27.67
C VAL B 78 -4.41 22.71 -26.76
N GLU B 79 -5.52 23.41 -26.49
CA GLU B 79 -6.50 22.85 -25.65
C GLU B 79 -7.01 21.49 -26.17
N GLU B 80 -7.26 21.42 -27.49
CA GLU B 80 -7.72 20.14 -28.02
C GLU B 80 -6.65 19.04 -27.95
N VAL B 81 -5.39 19.37 -28.24
CA VAL B 81 -4.30 18.42 -28.14
C VAL B 81 -4.26 17.81 -26.73
N TYR B 82 -4.31 18.65 -25.67
CA TYR B 82 -4.22 18.05 -24.34
C TYR B 82 -5.48 17.46 -23.79
N ARG B 83 -6.63 17.86 -24.36
CA ARG B 83 -7.84 17.15 -24.00
C ARG B 83 -7.67 15.70 -24.58
N VAL B 84 -7.14 15.59 -25.82
CA VAL B 84 -6.90 14.27 -26.40
C VAL B 84 -5.92 13.46 -25.47
N ALA B 85 -4.83 14.14 -25.07
CA ALA B 85 -3.86 13.49 -24.19
C ALA B 85 -4.47 12.98 -22.89
N LEU B 86 -5.36 13.77 -22.24
CA LEU B 86 -5.89 13.34 -20.99
C LEU B 86 -6.83 12.12 -21.14
N GLY B 87 -7.54 12.11 -22.27
CA GLY B 87 -8.42 11.00 -22.61
C GLY B 87 -7.55 9.76 -22.91
N PHE B 88 -6.51 9.96 -23.70
CA PHE B 88 -5.55 8.87 -24.07
C PHE B 88 -4.94 8.27 -22.84
N LYS B 89 -4.55 9.11 -21.87
CA LYS B 89 -4.01 8.64 -20.59
C LYS B 89 -5.01 7.77 -19.83
N GLU B 90 -6.23 8.28 -19.64
CA GLU B 90 -7.21 7.54 -18.90
C GLU B 90 -7.47 6.14 -19.53
N GLU B 91 -7.54 6.11 -20.85
CA GLU B 91 -7.79 4.88 -21.66
C GLU B 91 -6.58 3.93 -21.52
N ALA B 92 -5.38 4.50 -21.72
CA ALA B 92 -4.19 3.65 -21.61
C ALA B 92 -4.03 2.92 -20.32
N ARG B 93 -4.32 3.59 -19.22
CA ARG B 93 -4.19 3.00 -17.94
C ARG B 93 -5.10 1.76 -17.87
N ARG B 94 -6.33 1.90 -18.36
CA ARG B 94 -7.24 0.74 -18.34
C ARG B 94 -6.83 -0.34 -19.31
N VAL B 95 -6.38 0.04 -20.50
CA VAL B 95 -5.91 -0.94 -21.53
C VAL B 95 -4.77 -1.77 -20.95
N ALA B 96 -3.84 -1.14 -20.22
CA ALA B 96 -2.70 -1.84 -19.65
C ALA B 96 -3.09 -2.76 -18.50
N GLU B 97 -4.01 -2.31 -17.66
CA GLU B 97 -4.41 -3.08 -16.48
C GLU B 97 -5.15 -4.33 -16.96
N GLU B 98 -5.86 -4.23 -18.07
CA GLU B 98 -6.56 -5.40 -18.53
C GLU B 98 -5.61 -6.34 -19.24
N ALA B 99 -4.89 -5.78 -20.23
CA ALA B 99 -3.92 -6.53 -21.01
C ALA B 99 -3.14 -7.42 -20.09
N GLU B 100 -2.68 -6.87 -18.98
CA GLU B 100 -1.91 -7.67 -18.06
C GLU B 100 -2.71 -8.89 -17.64
N ARG B 101 -3.99 -8.66 -17.35
CA ARG B 101 -4.88 -9.74 -16.93
C ARG B 101 -5.20 -10.71 -18.04
N ARG B 102 -5.46 -10.23 -19.24
CA ARG B 102 -5.78 -11.15 -20.30
C ARG B 102 -4.56 -11.96 -20.79
N PHE B 103 -3.35 -11.42 -20.63
CA PHE B 103 -2.19 -12.17 -21.12
C PHE B 103 -1.19 -12.61 -20.10
N GLY B 104 -1.31 -12.11 -18.89
CA GLY B 104 -0.43 -12.47 -17.79
C GLY B 104 1.07 -12.50 -18.07
N LEU B 105 1.67 -11.31 -18.18
CA LEU B 105 3.11 -11.19 -18.48
C LEU B 105 3.62 -9.80 -18.00
N PRO B 106 4.96 -9.60 -17.93
CA PRO B 106 5.50 -8.29 -17.50
C PRO B 106 5.09 -7.27 -18.61
N LEU B 107 4.72 -6.04 -18.21
CA LEU B 107 4.29 -5.07 -19.20
C LEU B 107 5.20 -3.84 -19.22
N PHE B 108 5.57 -3.46 -20.43
CA PHE B 108 6.37 -2.25 -20.68
C PHE B 108 5.52 -1.26 -21.47
N LEU B 109 5.93 0.01 -21.43
CA LEU B 109 5.17 1.01 -22.17
C LEU B 109 6.08 1.72 -23.16
N ALA B 110 5.58 2.13 -24.31
CA ALA B 110 6.35 2.94 -25.27
C ALA B 110 5.44 4.03 -25.78
N GLY B 111 5.96 5.24 -25.93
CA GLY B 111 5.11 6.31 -26.49
C GLY B 111 5.93 7.16 -27.45
N GLY B 112 5.37 7.64 -28.56
CA GLY B 112 6.08 8.53 -29.45
C GLY B 112 5.38 9.88 -29.39
N SER B 113 6.16 10.95 -29.15
CA SER B 113 5.63 12.36 -29.12
C SER B 113 4.46 12.49 -28.13
N LEU B 114 3.23 12.83 -28.57
CA LEU B 114 2.13 12.91 -27.59
C LEU B 114 2.03 11.64 -26.71
N GLY B 115 2.26 10.44 -27.30
CA GLY B 115 2.22 9.26 -26.51
C GLY B 115 3.31 9.16 -25.44
N ALA B 116 4.43 9.80 -25.70
CA ALA B 116 5.52 9.82 -24.71
C ALA B 116 5.05 10.77 -23.60
N PHE B 117 4.39 11.87 -23.96
CA PHE B 117 3.89 12.76 -22.87
C PHE B 117 2.86 11.99 -22.04
N VAL B 118 1.96 11.29 -22.69
CA VAL B 118 1.01 10.46 -21.95
C VAL B 118 1.71 9.41 -21.07
N ALA B 119 2.81 8.83 -21.54
CA ALA B 119 3.54 7.90 -20.71
C ALA B 119 3.98 8.63 -19.41
N HIS B 120 4.50 9.86 -19.55
CA HIS B 120 4.84 10.66 -18.35
C HIS B 120 3.61 10.90 -17.47
N LEU B 121 2.44 11.23 -18.05
CA LEU B 121 1.25 11.46 -17.23
C LEU B 121 0.92 10.18 -16.45
N LEU B 122 1.11 9.03 -17.10
CA LEU B 122 0.82 7.79 -16.42
C LEU B 122 1.76 7.52 -15.27
N LEU B 123 3.06 7.71 -15.48
CA LEU B 123 4.03 7.49 -14.42
C LEU B 123 3.77 8.46 -13.25
N ALA B 124 3.45 9.70 -13.53
CA ALA B 124 3.24 10.69 -12.48
C ALA B 124 2.00 10.37 -11.64
N GLU B 125 1.11 9.61 -12.23
CA GLU B 125 -0.11 9.21 -11.54
C GLU B 125 0.01 7.83 -10.90
N GLY B 126 1.22 7.30 -10.82
CA GLY B 126 1.43 6.00 -10.18
C GLY B 126 1.44 4.71 -10.97
N PHE B 127 1.32 4.78 -12.30
CA PHE B 127 1.36 3.57 -13.14
C PHE B 127 2.77 2.99 -13.02
N ARG B 128 2.85 1.67 -12.81
CA ARG B 128 4.12 0.99 -12.63
C ARG B 128 4.47 -0.13 -13.61
N PRO B 129 4.83 0.23 -14.85
CA PRO B 129 5.21 -0.79 -15.82
C PRO B 129 6.68 -1.15 -15.49
N ARG B 130 7.20 -2.14 -16.20
CA ARG B 130 8.57 -2.63 -15.98
C ARG B 130 9.60 -1.71 -16.62
N GLY B 131 9.15 -0.87 -17.51
CA GLY B 131 10.08 0.08 -18.14
C GLY B 131 9.30 0.90 -19.14
N VAL B 132 9.87 2.04 -19.52
CA VAL B 132 9.22 2.93 -20.47
C VAL B 132 10.20 3.45 -21.53
N LEU B 133 9.78 3.41 -22.79
CA LEU B 133 10.58 4.06 -23.86
C LEU B 133 9.80 5.32 -24.24
N ALA B 134 10.46 6.48 -24.13
CA ALA B 134 9.81 7.71 -24.55
C ALA B 134 10.54 8.24 -25.78
N PHE B 135 9.90 8.06 -26.92
CA PHE B 135 10.48 8.48 -28.18
C PHE B 135 10.01 9.87 -28.62
N ILE B 136 10.94 10.69 -29.13
CA ILE B 136 10.69 11.98 -29.75
C ILE B 136 9.67 12.80 -28.97
N GLY B 137 9.94 12.85 -27.68
CA GLY B 137 8.99 13.50 -26.79
C GLY B 137 9.54 14.12 -25.55
N SER B 138 8.60 14.42 -24.66
CA SER B 138 8.92 15.21 -23.45
C SER B 138 7.91 15.02 -22.39
N GLY B 139 8.32 15.35 -21.15
CA GLY B 139 7.41 15.27 -20.01
C GLY B 139 6.81 16.63 -19.66
N PHE B 140 6.98 17.60 -20.56
CA PHE B 140 6.33 18.94 -20.44
C PHE B 140 5.47 19.09 -21.70
N PRO B 141 4.30 19.75 -21.58
CA PRO B 141 3.44 19.99 -22.71
C PRO B 141 4.18 20.99 -23.61
N MSE B 142 3.72 21.13 -24.85
CA MSE B 142 4.40 21.97 -25.82
C MSE B 142 4.37 23.45 -25.40
O MSE B 142 3.45 23.90 -24.69
CB MSE B 142 3.71 21.85 -27.21
CG MSE B 142 2.28 22.41 -27.16
SE MSE B 142 1.40 22.14 -28.93
CE MSE B 142 0.41 20.84 -28.47
N LYS B 143 5.37 24.20 -25.83
CA LYS B 143 5.33 25.63 -25.54
C LYS B 143 4.02 26.15 -26.13
N LEU B 144 3.30 26.97 -25.36
CA LEU B 144 2.03 27.49 -25.78
C LEU B 144 2.23 28.72 -26.67
N PRO B 145 1.81 28.62 -27.94
CA PRO B 145 1.93 29.70 -28.91
C PRO B 145 1.00 30.86 -28.51
N GLN B 146 1.45 32.05 -28.87
CA GLN B 146 0.64 33.24 -28.68
C GLN B 146 -0.62 33.07 -29.55
N GLY B 147 -1.73 33.60 -29.07
CA GLY B 147 -2.91 33.52 -29.90
C GLY B 147 -3.82 32.36 -29.56
N GLN B 148 -3.39 31.50 -28.65
CA GLN B 148 -4.25 30.37 -28.27
C GLN B 148 -5.21 30.77 -27.13
N VAL B 149 -6.33 30.06 -27.01
CA VAL B 149 -7.30 30.22 -25.92
C VAL B 149 -7.38 28.84 -25.23
N VAL B 150 -7.14 28.86 -23.94
CA VAL B 150 -7.21 27.63 -23.14
C VAL B 150 -8.08 27.91 -21.93
N GLU B 151 -9.14 27.14 -21.78
CA GLU B 151 -10.05 27.36 -20.63
C GLU B 151 -10.31 26.02 -19.92
N ASP B 152 -9.89 24.91 -20.53
CA ASP B 152 -10.21 23.60 -19.93
C ASP B 152 -9.44 23.43 -18.61
N PRO B 153 -10.09 23.06 -17.51
CA PRO B 153 -9.39 22.90 -16.22
C PRO B 153 -8.33 21.82 -16.28
N GLY B 154 -8.62 20.70 -16.96
CA GLY B 154 -7.60 19.65 -17.05
C GLY B 154 -6.33 20.09 -17.74
N VAL B 155 -6.53 20.75 -18.87
CA VAL B 155 -5.39 21.28 -19.62
C VAL B 155 -4.62 22.36 -18.81
N LEU B 156 -5.33 23.30 -18.20
CA LEU B 156 -4.63 24.32 -17.41
C LEU B 156 -3.82 23.62 -16.29
N ALA B 157 -4.38 22.58 -15.70
CA ALA B 157 -3.68 21.92 -14.62
C ALA B 157 -2.40 21.24 -15.08
N LEU B 158 -2.37 20.70 -16.30
N LEU B 158 -2.42 20.70 -16.30
CA LEU B 158 -1.15 20.05 -16.80
CA LEU B 158 -1.24 20.04 -16.81
C LEU B 158 -0.07 21.08 -17.04
C LEU B 158 -0.12 21.08 -17.00
N TYR B 159 -0.46 22.29 -17.44
CA TYR B 159 0.53 23.31 -17.67
C TYR B 159 1.02 23.86 -16.37
N GLN B 160 0.14 23.89 -15.37
CA GLN B 160 0.51 24.40 -14.04
C GLN B 160 1.44 23.42 -13.32
N ALA B 161 1.26 22.11 -13.57
CA ALA B 161 2.14 21.10 -12.90
C ALA B 161 2.35 19.91 -13.88
N PRO B 162 3.28 20.11 -14.84
CA PRO B 162 3.61 19.10 -15.86
C PRO B 162 4.04 17.84 -15.15
N PRO B 163 3.79 16.66 -15.76
CA PRO B 163 4.18 15.44 -15.06
C PRO B 163 5.64 15.30 -14.71
N ALA B 164 6.55 15.78 -15.57
CA ALA B 164 7.99 15.64 -15.26
C ALA B 164 8.39 16.46 -14.02
N THR B 165 7.55 17.37 -13.55
CA THR B 165 7.89 18.09 -12.33
C THR B 165 7.55 17.30 -11.09
N ARG B 166 7.04 16.07 -11.22
CA ARG B 166 6.63 15.20 -10.11
C ARG B 166 7.37 13.88 -10.08
N GLY B 167 8.66 13.97 -10.32
CA GLY B 167 9.51 12.79 -10.33
C GLY B 167 9.43 11.87 -9.15
N GLU B 168 9.18 12.45 -7.99
CA GLU B 168 9.03 11.61 -6.79
C GLU B 168 7.94 10.56 -6.95
N ALA B 169 6.96 10.81 -7.86
CA ALA B 169 5.84 9.87 -8.11
C ALA B 169 6.11 8.80 -9.15
N TYR B 170 7.29 8.84 -9.76
CA TYR B 170 7.58 7.91 -10.81
C TYR B 170 8.04 6.51 -10.38
N GLY B 171 8.33 6.35 -9.11
CA GLY B 171 8.71 5.03 -8.62
C GLY B 171 9.98 4.49 -9.25
N GLY B 172 10.83 5.38 -9.75
CA GLY B 172 12.07 4.91 -10.38
C GLY B 172 11.84 3.94 -11.53
N VAL B 173 10.68 3.95 -12.17
CA VAL B 173 10.43 3.02 -13.29
C VAL B 173 11.49 3.27 -14.37
N PRO B 174 12.22 2.21 -14.84
CA PRO B 174 13.26 2.50 -15.85
C PRO B 174 12.67 3.29 -17.04
N LEU B 175 13.41 4.35 -17.43
CA LEU B 175 12.94 5.25 -18.46
C LEU B 175 14.10 5.66 -19.35
N LEU B 176 13.88 5.46 -20.65
CA LEU B 176 14.85 5.89 -21.67
C LEU B 176 14.12 6.86 -22.66
N HIS B 177 14.68 8.08 -22.78
CA HIS B 177 14.21 9.04 -23.79
C HIS B 177 15.10 8.90 -25.02
N LEU B 178 14.47 8.81 -26.20
CA LEU B 178 15.22 8.67 -27.46
C LEU B 178 14.81 9.87 -28.28
N HIS B 179 15.79 10.59 -28.79
CA HIS B 179 15.49 11.86 -29.48
C HIS B 179 16.44 12.15 -30.61
N GLY B 180 15.96 13.02 -31.48
CA GLY B 180 16.78 13.53 -32.61
C GLY B 180 17.27 14.96 -32.28
N SER B 181 18.52 15.28 -32.56
CA SER B 181 19.04 16.56 -32.12
C SER B 181 18.42 17.73 -32.82
N ARG B 182 17.88 17.50 -34.02
CA ARG B 182 17.29 18.57 -34.82
C ARG B 182 15.77 18.52 -34.80
N ASP B 183 15.16 17.92 -33.82
CA ASP B 183 13.70 17.89 -33.77
C ASP B 183 13.14 19.33 -33.58
N HIS B 184 12.24 19.78 -34.46
CA HIS B 184 11.68 21.11 -34.29
C HIS B 184 10.29 21.10 -33.67
N ILE B 185 9.68 19.93 -33.54
CA ILE B 185 8.37 19.81 -32.98
C ILE B 185 8.52 19.70 -31.45
N VAL B 186 9.49 18.89 -31.05
CA VAL B 186 9.79 18.78 -29.60
C VAL B 186 11.26 19.11 -29.53
N PRO B 187 11.61 20.36 -29.24
CA PRO B 187 13.02 20.70 -29.18
C PRO B 187 13.82 19.79 -28.25
N LEU B 188 15.07 19.55 -28.63
CA LEU B 188 15.96 18.73 -27.80
C LEU B 188 16.00 19.25 -26.37
N ALA B 189 16.03 20.57 -26.27
CA ALA B 189 16.09 21.15 -24.94
C ALA B 189 14.91 20.77 -24.06
N ARG B 190 13.73 20.49 -24.62
CA ARG B 190 12.60 20.08 -23.76
C ARG B 190 12.79 18.66 -23.29
N MSE B 191 13.41 17.81 -24.12
CA MSE B 191 13.71 16.48 -23.63
C MSE B 191 14.77 16.59 -22.51
O MSE B 191 14.65 15.89 -21.48
CB MSE B 191 14.18 15.57 -24.81
CG MSE B 191 14.54 14.15 -24.34
SE MSE B 191 16.36 13.94 -23.53
CE MSE B 191 17.18 13.69 -25.25
N GLU B 192 15.77 17.44 -22.71
CA GLU B 192 16.81 17.55 -21.68
C GLU B 192 16.25 18.14 -20.38
N LYS B 193 15.27 19.03 -20.50
CA LYS B 193 14.66 19.63 -19.31
C LYS B 193 13.90 18.54 -18.53
N THR B 194 13.26 17.67 -19.30
CA THR B 194 12.55 16.56 -18.70
C THR B 194 13.54 15.65 -17.87
N LEU B 195 14.66 15.28 -18.47
CA LEU B 195 15.64 14.43 -17.83
C LEU B 195 16.21 15.11 -16.60
N GLU B 196 16.50 16.40 -16.70
CA GLU B 196 17.08 17.09 -15.54
C GLU B 196 16.03 17.17 -14.38
N ALA B 197 14.74 17.38 -14.71
CA ALA B 197 13.72 17.39 -13.68
C ALA B 197 13.60 16.05 -13.00
N LEU B 198 13.77 14.96 -13.78
CA LEU B 198 13.59 13.64 -13.21
C LEU B 198 14.84 13.08 -12.50
N ARG B 199 16.02 13.52 -12.92
CA ARG B 199 17.31 13.04 -12.42
C ARG B 199 17.39 12.76 -10.94
N PRO B 200 17.06 13.76 -10.09
CA PRO B 200 17.17 13.53 -8.65
C PRO B 200 16.28 12.50 -8.01
N HIS B 201 15.26 12.09 -8.74
CA HIS B 201 14.28 11.12 -8.20
C HIS B 201 14.51 9.72 -8.73
N TYR B 202 15.61 9.58 -9.50
CA TYR B 202 15.93 8.31 -10.10
C TYR B 202 17.26 7.72 -9.60
N PRO B 203 17.18 6.51 -9.11
CA PRO B 203 18.35 5.77 -8.59
C PRO B 203 19.31 5.67 -9.81
N GLU B 204 20.61 5.65 -9.52
CA GLU B 204 21.58 5.61 -10.62
C GLU B 204 21.34 4.43 -11.58
N GLY B 205 21.55 4.69 -12.89
CA GLY B 205 21.37 3.64 -13.89
C GLY B 205 19.96 3.33 -14.41
N ARG B 206 18.95 3.95 -13.82
CA ARG B 206 17.57 3.67 -14.25
C ARG B 206 16.96 4.69 -15.21
N LEU B 207 17.63 5.81 -15.33
CA LEU B 207 17.17 6.88 -16.22
C LEU B 207 18.28 7.18 -17.25
N ALA B 208 17.90 7.26 -18.54
CA ALA B 208 18.90 7.51 -19.59
C ALA B 208 18.34 8.18 -20.81
N ARG B 209 19.27 8.64 -21.68
CA ARG B 209 18.81 9.27 -22.92
C ARG B 209 19.67 8.80 -24.08
N PHE B 210 19.06 8.72 -25.25
CA PHE B 210 19.81 8.36 -26.49
C PHE B 210 19.50 9.46 -27.50
N VAL B 211 20.51 10.10 -28.04
CA VAL B 211 20.26 11.17 -29.00
C VAL B 211 20.93 10.86 -30.35
N GLU B 212 20.13 10.87 -31.43
CA GLU B 212 20.66 10.60 -32.76
C GLU B 212 20.97 11.96 -33.35
N GLU B 213 22.23 12.25 -33.58
CA GLU B 213 22.63 13.60 -34.06
C GLU B 213 22.15 13.80 -35.51
N GLY B 214 21.39 14.85 -35.73
CA GLY B 214 20.92 15.11 -37.11
C GLY B 214 19.48 14.70 -37.34
N ALA B 215 18.97 13.76 -36.55
CA ALA B 215 17.60 13.29 -36.70
C ALA B 215 16.58 14.32 -36.22
N GLY B 216 15.41 14.27 -36.84
CA GLY B 216 14.35 15.20 -36.48
C GLY B 216 13.27 14.53 -35.71
N HIS B 217 11.99 14.92 -35.95
CA HIS B 217 10.89 14.36 -35.21
C HIS B 217 10.36 13.11 -35.88
N THR B 218 11.20 12.07 -35.90
CA THR B 218 10.84 10.79 -36.50
C THR B 218 11.42 9.68 -35.62
N LEU B 219 10.64 8.63 -35.35
CA LEU B 219 11.10 7.48 -34.57
C LEU B 219 11.88 6.63 -35.57
N THR B 220 13.20 6.76 -35.56
CA THR B 220 14.04 6.12 -36.59
C THR B 220 14.26 4.64 -36.22
N PRO B 221 14.68 3.83 -37.21
CA PRO B 221 14.94 2.41 -36.94
C PRO B 221 16.12 2.24 -35.93
N LEU B 222 17.08 3.16 -35.98
CA LEU B 222 18.18 3.14 -34.99
C LEU B 222 17.61 3.35 -33.60
N MSE B 223 16.73 4.37 -33.40
CA MSE B 223 16.15 4.55 -32.09
C MSE B 223 15.37 3.29 -31.68
O MSE B 223 15.38 2.88 -30.56
CB MSE B 223 15.18 5.75 -32.04
CG MSE B 223 15.85 7.04 -32.35
SE MSE B 223 14.46 8.44 -32.39
CE MSE B 223 15.46 9.85 -33.30
N ALA B 224 14.64 2.72 -32.63
CA ALA B 224 13.87 1.57 -32.32
C ALA B 224 14.78 0.41 -31.83
N ARG B 225 15.93 0.23 -32.48
CA ARG B 225 16.83 -0.87 -32.04
C ARG B 225 17.41 -0.68 -30.64
N VAL B 226 17.78 0.58 -30.36
CA VAL B 226 18.27 0.93 -29.04
C VAL B 226 17.18 0.72 -27.96
N GLY B 227 15.94 1.15 -28.24
CA GLY B 227 14.86 0.94 -27.29
C GLY B 227 14.58 -0.54 -27.03
N LEU B 228 14.71 -1.35 -28.09
CA LEU B 228 14.49 -2.79 -27.94
C LEU B 228 15.53 -3.37 -26.95
N ALA B 229 16.79 -2.95 -27.11
CA ALA B 229 17.83 -3.43 -26.19
C ALA B 229 17.60 -2.97 -24.75
N PHE B 230 17.09 -1.74 -24.60
CA PHE B 230 16.78 -1.21 -23.27
C PHE B 230 15.67 -2.06 -22.60
N LEU B 231 14.59 -2.37 -23.31
CA LEU B 231 13.53 -3.18 -22.69
C LEU B 231 14.10 -4.57 -22.32
N GLU B 232 14.91 -5.17 -23.21
CA GLU B 232 15.49 -6.51 -22.88
C GLU B 232 16.41 -6.46 -21.68
N HIS B 233 17.20 -5.39 -21.60
CA HIS B 233 18.00 -5.19 -20.45
C HIS B 233 17.21 -5.26 -19.11
N TRP B 234 16.10 -4.54 -19.02
CA TRP B 234 15.32 -4.56 -17.78
C TRP B 234 14.51 -5.83 -17.63
N LEU B 235 14.11 -6.43 -18.73
CA LEU B 235 13.38 -7.72 -18.65
C LEU B 235 14.27 -8.88 -18.17
N GLU B 236 15.55 -8.83 -18.50
CA GLU B 236 16.49 -9.90 -18.13
C GLU B 236 17.23 -9.68 -16.87
N ALA B 237 16.95 -8.56 -16.21
CA ALA B 237 17.64 -8.12 -15.02
C ALA B 237 17.36 -8.87 -13.74
N ARG B 238 18.08 -8.44 -12.69
CA ARG B 238 18.00 -8.94 -11.31
C ARG B 238 17.37 -10.31 -11.22
N MSE C 1 -1.79 30.87 -6.05
CA MSE C 1 -0.38 31.39 -5.81
C MSE C 1 0.58 30.84 -6.83
O MSE C 1 0.72 29.64 -6.90
CB MSE C 1 0.09 30.93 -4.45
CG MSE C 1 1.53 31.34 -4.00
SE MSE C 1 1.63 33.20 -3.49
CE MSE C 1 1.45 33.14 -1.81
N ARG C 2 1.21 31.68 -7.63
CA ARG C 2 2.13 31.17 -8.63
C ARG C 2 3.42 30.72 -7.83
N VAL C 3 4.05 29.64 -8.25
CA VAL C 3 5.29 29.17 -7.60
C VAL C 3 6.24 28.76 -8.73
N ARG C 4 7.51 29.09 -8.58
CA ARG C 4 8.48 28.74 -9.60
C ARG C 4 9.71 28.15 -8.93
N THR C 5 10.40 27.24 -9.60
CA THR C 5 11.56 26.63 -9.01
C THR C 5 12.80 27.25 -9.60
N GLU C 6 13.79 27.59 -8.77
CA GLU C 6 15.02 28.23 -9.25
C GLU C 6 16.23 27.70 -8.52
N ARG C 7 17.38 27.84 -9.11
CA ARG C 7 18.62 27.43 -8.46
C ARG C 7 19.35 28.71 -8.09
N LEU C 8 19.60 28.93 -6.79
CA LEU C 8 20.29 30.12 -6.28
C LEU C 8 21.65 29.68 -5.71
N THR C 9 22.43 30.71 -5.31
CA THR C 9 23.70 30.50 -4.61
C THR C 9 23.63 31.28 -3.33
N LEU C 10 23.78 30.59 -2.20
N LEU C 10 23.79 30.58 -2.20
CA LEU C 10 23.74 31.24 -0.89
CA LEU C 10 23.77 31.24 -0.90
C LEU C 10 24.92 30.70 -0.08
C LEU C 10 24.97 30.70 -0.14
N ALA C 11 25.73 31.60 0.50
CA ALA C 11 26.89 31.15 1.31
C ALA C 11 27.77 30.18 0.52
N GLY C 12 27.89 30.43 -0.78
CA GLY C 12 28.69 29.59 -1.66
C GLY C 12 28.20 28.22 -2.04
N LEU C 13 26.98 27.93 -1.65
CA LEU C 13 26.37 26.63 -1.97
C LEU C 13 25.26 26.78 -2.97
N SER C 14 25.03 25.71 -3.73
CA SER C 14 23.95 25.67 -4.74
C SER C 14 22.70 25.35 -3.97
N VAL C 15 21.75 26.28 -4.00
CA VAL C 15 20.52 26.11 -3.24
C VAL C 15 19.29 26.04 -4.12
N LEU C 16 18.54 24.94 -4.03
CA LEU C 16 17.29 24.82 -4.80
C LEU C 16 16.19 25.61 -4.06
N ALA C 17 15.44 26.44 -4.81
CA ALA C 17 14.42 27.26 -4.17
C ALA C 17 13.07 27.08 -4.84
N ARG C 18 12.02 26.94 -4.05
CA ARG C 18 10.64 26.90 -4.57
C ARG C 18 10.04 28.18 -4.05
N ILE C 19 9.89 29.08 -5.01
CA ILE C 19 9.56 30.51 -4.64
C ILE C 19 8.13 30.94 -5.03
N PRO C 20 7.31 31.28 -4.03
CA PRO C 20 5.92 31.74 -4.34
C PRO C 20 5.98 33.20 -4.78
N GLU C 21 4.95 33.59 -5.52
CA GLU C 21 5.00 34.98 -5.99
C GLU C 21 4.93 36.01 -4.85
N ALA C 22 4.38 35.65 -3.69
CA ALA C 22 4.25 36.53 -2.52
C ALA C 22 4.79 35.86 -1.27
N PRO C 23 6.12 35.77 -1.15
CA PRO C 23 6.70 35.07 0.03
C PRO C 23 6.46 35.77 1.36
N LYS C 24 5.95 35.03 2.35
CA LYS C 24 5.78 35.60 3.67
C LYS C 24 6.78 35.09 4.70
N ALA C 25 7.48 34.03 4.31
CA ALA C 25 8.45 33.37 5.23
C ALA C 25 9.38 32.47 4.46
N LEU C 26 10.47 32.10 5.11
CA LEU C 26 11.49 31.20 4.52
C LEU C 26 11.43 29.86 5.30
N LEU C 27 11.60 28.78 4.51
CA LEU C 27 11.75 27.44 5.17
C LEU C 27 12.99 26.77 4.56
N LEU C 28 14.03 26.59 5.39
CA LEU C 28 15.24 25.91 4.97
C LEU C 28 14.99 24.43 5.35
N ALA C 29 15.06 23.56 4.34
CA ALA C 29 14.73 22.12 4.52
C ALA C 29 16.00 21.32 4.34
N LEU C 30 16.26 20.42 5.33
CA LEU C 30 17.49 19.58 5.33
C LEU C 30 17.08 18.13 5.14
N HIS C 31 17.57 17.53 4.05
CA HIS C 31 17.21 16.15 3.76
C HIS C 31 17.93 15.16 4.66
N GLY C 32 17.52 13.89 4.40
CA GLY C 32 18.09 12.81 5.20
C GLY C 32 19.21 12.02 4.49
N LEU C 33 19.70 11.00 5.19
CA LEU C 33 20.79 10.20 4.65
C LEU C 33 20.31 9.55 3.38
N GLN C 34 21.20 9.58 2.40
CA GLN C 34 20.96 9.11 1.04
C GLN C 34 19.95 9.93 0.24
N GLY C 35 19.51 11.07 0.81
CA GLY C 35 18.52 11.96 0.17
C GLY C 35 19.22 13.09 -0.58
N SER C 36 18.42 14.11 -0.90
CA SER C 36 18.91 15.23 -1.67
C SER C 36 17.93 16.38 -1.48
N LYS C 37 18.37 17.55 -1.97
CA LYS C 37 17.51 18.74 -1.80
C LYS C 37 16.19 18.54 -2.54
N GLU C 38 16.20 17.90 -3.73
CA GLU C 38 14.95 17.73 -4.41
C GLU C 38 14.03 16.72 -3.70
N HIS C 39 14.61 15.70 -3.06
CA HIS C 39 13.80 14.72 -2.39
C HIS C 39 13.02 15.39 -1.26
N ILE C 40 13.71 16.19 -0.42
CA ILE C 40 12.98 16.81 0.72
C ILE C 40 11.97 17.87 0.26
N LEU C 41 12.29 18.72 -0.74
CA LEU C 41 11.26 19.69 -1.13
C LEU C 41 10.05 19.02 -1.72
N ALA C 42 10.27 17.90 -2.45
CA ALA C 42 9.09 17.23 -3.01
C ALA C 42 8.14 16.69 -1.95
N LEU C 43 8.69 16.42 -0.77
CA LEU C 43 7.85 15.89 0.33
C LEU C 43 7.14 16.99 1.14
N LEU C 44 7.21 18.24 0.68
CA LEU C 44 6.52 19.35 1.37
C LEU C 44 5.53 20.04 0.42
N PRO C 45 4.60 19.25 -0.13
CA PRO C 45 3.62 19.86 -1.03
C PRO C 45 2.75 20.87 -0.27
N GLY C 46 2.36 21.90 -1.01
CA GLY C 46 1.48 22.92 -0.45
C GLY C 46 2.15 24.02 0.34
N TYR C 47 3.43 23.88 0.69
CA TYR C 47 4.06 24.88 1.52
C TYR C 47 4.31 26.22 0.79
N ALA C 48 4.91 26.08 -0.39
CA ALA C 48 5.14 27.30 -1.19
C ALA C 48 3.82 27.97 -1.59
N GLU C 49 2.77 27.18 -1.82
CA GLU C 49 1.47 27.73 -2.19
C GLU C 49 0.89 28.58 -1.11
N ARG C 50 1.30 28.37 0.16
CA ARG C 50 0.85 29.17 1.26
C ARG C 50 1.76 30.30 1.56
N GLY C 51 2.81 30.49 0.77
CA GLY C 51 3.64 31.66 1.00
C GLY C 51 5.02 31.38 1.56
N PHE C 52 5.38 30.10 1.69
CA PHE C 52 6.71 29.83 2.24
C PHE C 52 7.73 29.65 1.14
N LEU C 53 8.80 30.45 1.16
CA LEU C 53 9.87 30.33 0.17
C LEU C 53 10.75 29.17 0.66
N LEU C 54 10.69 28.04 -0.06
CA LEU C 54 11.43 26.83 0.39
C LEU C 54 12.82 26.85 -0.17
N LEU C 55 13.80 26.55 0.69
CA LEU C 55 15.22 26.46 0.26
C LEU C 55 15.77 25.11 0.70
N ALA C 56 16.54 24.44 -0.17
CA ALA C 56 17.18 23.19 0.29
C ALA C 56 18.48 23.03 -0.47
N PHE C 57 19.51 22.48 0.18
CA PHE C 57 20.77 22.20 -0.53
C PHE C 57 21.22 20.81 -0.20
N ASP C 58 22.11 20.27 -1.03
CA ASP C 58 22.61 18.90 -0.80
C ASP C 58 23.66 18.89 0.31
N ALA C 59 23.55 17.90 1.20
CA ALA C 59 24.52 17.74 2.29
C ALA C 59 25.83 17.25 1.67
N PRO C 60 26.94 17.34 2.40
CA PRO C 60 28.21 16.85 1.88
C PRO C 60 27.99 15.39 1.48
N ARG C 61 28.63 15.00 0.35
CA ARG C 61 28.62 13.63 -0.17
C ARG C 61 27.27 13.18 -0.73
N HIS C 62 26.28 14.10 -0.79
CA HIS C 62 24.96 13.74 -1.27
C HIS C 62 24.53 14.50 -2.53
N GLY C 63 23.49 13.94 -3.15
CA GLY C 63 22.87 14.61 -4.30
C GLY C 63 23.83 14.87 -5.46
N GLU C 64 23.93 16.13 -5.82
CA GLU C 64 24.88 16.48 -6.91
C GLU C 64 26.29 16.72 -6.47
N ARG C 65 26.52 16.68 -5.15
CA ARG C 65 27.89 16.86 -4.65
C ARG C 65 28.66 15.56 -4.81
N GLU C 66 29.98 15.72 -4.85
CA GLU C 66 30.90 14.59 -5.06
C GLU C 66 30.70 13.51 -3.97
N GLY C 67 30.39 12.29 -4.39
CA GLY C 67 30.17 11.18 -3.48
C GLY C 67 31.41 10.29 -3.42
N PRO C 68 31.25 9.02 -3.04
CA PRO C 68 29.97 8.43 -2.69
C PRO C 68 29.50 8.75 -1.29
N PRO C 69 28.21 8.60 -1.03
CA PRO C 69 27.74 8.87 0.35
C PRO C 69 28.24 7.70 1.23
N PRO C 70 28.07 7.81 2.54
CA PRO C 70 28.51 6.74 3.44
C PRO C 70 27.80 5.43 3.11
N SER C 71 28.54 4.31 3.26
CA SER C 71 28.05 2.95 2.98
C SER C 71 27.84 2.20 4.30
N SER C 72 26.64 1.65 4.50
CA SER C 72 26.31 0.99 5.74
C SER C 72 27.20 -0.19 6.13
N LYS C 73 27.89 -0.76 5.16
CA LYS C 73 28.82 -1.89 5.37
C LYS C 73 30.22 -1.47 5.80
N SER C 74 30.55 -0.19 5.72
CA SER C 74 31.89 0.21 6.10
C SER C 74 32.09 0.20 7.62
N PRO C 75 33.30 -0.19 8.10
CA PRO C 75 33.44 -0.17 9.56
C PRO C 75 33.42 1.28 10.15
N ARG C 76 33.56 2.29 9.27
CA ARG C 76 33.51 3.67 9.78
C ARG C 76 32.23 4.37 9.30
N TYR C 77 31.20 3.60 8.98
CA TYR C 77 29.89 4.17 8.52
C TYR C 77 29.30 5.25 9.47
N VAL C 78 29.13 4.90 10.72
CA VAL C 78 28.52 5.84 11.66
C VAL C 78 29.39 7.10 11.78
N GLU C 79 30.70 6.97 11.90
CA GLU C 79 31.60 8.11 12.01
C GLU C 79 31.38 8.99 10.71
N GLU C 80 31.28 8.36 9.56
CA GLU C 80 31.14 9.08 8.30
C GLU C 80 29.80 9.79 8.24
N VAL C 81 28.75 9.13 8.69
CA VAL C 81 27.42 9.71 8.69
C VAL C 81 27.42 10.96 9.57
N TYR C 82 27.99 10.87 10.78
CA TYR C 82 27.91 12.07 11.61
C TYR C 82 28.89 13.15 11.15
N ARG C 83 29.98 12.80 10.43
CA ARG C 83 30.75 13.86 9.82
C ARG C 83 29.90 14.57 8.74
N VAL C 84 29.15 13.80 7.95
CA VAL C 84 28.23 14.49 7.01
C VAL C 84 27.28 15.45 7.82
N ALA C 85 26.75 14.95 8.94
CA ALA C 85 25.82 15.77 9.74
C ALA C 85 26.51 17.04 10.23
N LEU C 86 27.73 16.93 10.74
CA LEU C 86 28.43 18.12 11.25
C LEU C 86 28.70 19.15 10.14
N GLY C 87 29.02 18.63 8.94
CA GLY C 87 29.29 19.57 7.83
C GLY C 87 27.97 20.21 7.36
N PHE C 88 26.94 19.39 7.32
CA PHE C 88 25.60 19.87 6.86
C PHE C 88 25.15 20.93 7.86
N LYS C 89 25.40 20.75 9.16
CA LYS C 89 25.03 21.77 10.17
C LYS C 89 25.76 23.08 9.87
N GLU C 90 27.11 23.03 9.67
CA GLU C 90 27.80 24.31 9.52
C GLU C 90 27.39 25.06 8.28
N GLU C 91 27.11 24.30 7.21
CA GLU C 91 26.68 24.92 5.92
C GLU C 91 25.26 25.46 6.12
N ALA C 92 24.38 24.71 6.79
CA ALA C 92 22.99 25.14 6.93
C ALA C 92 22.91 26.47 7.73
N ARG C 93 23.75 26.64 8.77
CA ARG C 93 23.66 27.88 9.51
C ARG C 93 24.04 29.01 8.58
N ARG C 94 25.10 28.82 7.80
CA ARG C 94 25.49 29.93 6.87
C ARG C 94 24.42 30.19 5.81
N VAL C 95 23.82 29.13 5.27
CA VAL C 95 22.81 29.35 4.26
C VAL C 95 21.62 30.10 4.91
N ALA C 96 21.21 29.72 6.13
CA ALA C 96 20.05 30.35 6.77
C ALA C 96 20.33 31.79 7.07
N GLU C 97 21.54 32.08 7.58
CA GLU C 97 21.83 33.50 7.90
C GLU C 97 21.85 34.36 6.63
N GLU C 98 22.35 33.82 5.53
CA GLU C 98 22.38 34.56 4.26
C GLU C 98 20.95 34.74 3.73
N ALA C 99 20.10 33.69 3.85
CA ALA C 99 18.75 33.83 3.35
C ALA C 99 18.00 34.91 4.16
N GLU C 100 18.20 34.97 5.48
CA GLU C 100 17.49 35.98 6.28
C GLU C 100 17.93 37.36 5.82
N ARG C 101 19.22 37.52 5.63
CA ARG C 101 19.77 38.83 5.19
C ARG C 101 19.27 39.24 3.83
N ARG C 102 19.21 38.26 2.94
CA ARG C 102 18.85 38.57 1.54
C ARG C 102 17.37 38.84 1.33
N PHE C 103 16.51 38.06 1.98
CA PHE C 103 15.07 38.18 1.80
C PHE C 103 14.33 38.98 2.90
N GLY C 104 14.91 39.07 4.08
CA GLY C 104 14.28 39.81 5.16
C GLY C 104 12.91 39.27 5.56
N LEU C 105 12.83 37.93 5.65
CA LEU C 105 11.61 37.25 6.04
C LEU C 105 11.91 36.32 7.20
N PRO C 106 10.91 36.06 8.04
CA PRO C 106 11.06 35.13 9.19
C PRO C 106 11.51 33.77 8.62
N LEU C 107 12.42 33.13 9.34
CA LEU C 107 12.91 31.84 8.85
C LEU C 107 12.63 30.69 9.77
N PHE C 108 12.22 29.62 9.12
CA PHE C 108 11.93 28.35 9.77
C PHE C 108 12.84 27.28 9.24
N LEU C 109 12.96 26.21 10.03
N LEU C 109 12.94 26.19 10.00
CA LEU C 109 13.81 25.08 9.61
CA LEU C 109 13.75 25.04 9.61
C LEU C 109 13.00 23.77 9.60
C LEU C 109 12.92 23.77 9.57
N ALA C 110 13.29 22.87 8.66
CA ALA C 110 12.65 21.56 8.61
C ALA C 110 13.74 20.57 8.32
N GLY C 111 13.72 19.43 9.00
CA GLY C 111 14.74 18.44 8.65
C GLY C 111 14.05 17.10 8.66
N GLY C 112 14.48 16.21 7.74
CA GLY C 112 13.91 14.84 7.76
C GLY C 112 15.04 13.85 8.12
N SER C 113 14.74 12.91 9.06
CA SER C 113 15.72 11.85 9.45
C SER C 113 17.09 12.54 9.82
N LEU C 114 18.23 12.22 9.15
CA LEU C 114 19.47 12.89 9.49
C LEU C 114 19.34 14.43 9.54
N GLY C 115 18.53 14.97 8.63
CA GLY C 115 18.33 16.41 8.64
C GLY C 115 17.66 16.88 9.93
N ALA C 116 16.78 16.04 10.50
CA ALA C 116 16.17 16.45 11.82
C ALA C 116 17.22 16.46 12.91
N PHE C 117 18.17 15.49 12.87
CA PHE C 117 19.26 15.52 13.83
C PHE C 117 20.10 16.78 13.62
N VAL C 118 20.35 17.17 12.36
CA VAL C 118 21.14 18.43 12.11
C VAL C 118 20.34 19.65 12.66
N ALA C 119 19.02 19.62 12.54
CA ALA C 119 18.22 20.74 13.14
C ALA C 119 18.47 20.79 14.61
N HIS C 120 18.53 19.63 15.27
CA HIS C 120 18.85 19.67 16.72
C HIS C 120 20.28 20.19 16.94
N LEU C 121 21.28 19.75 16.12
CA LEU C 121 22.65 20.31 16.31
C LEU C 121 22.61 21.83 16.22
N LEU C 122 21.84 22.37 15.27
CA LEU C 122 21.73 23.83 15.12
C LEU C 122 21.12 24.51 16.34
N LEU C 123 20.02 23.97 16.87
CA LEU C 123 19.40 24.57 18.07
C LEU C 123 20.40 24.44 19.26
N ALA C 124 21.11 23.33 19.36
CA ALA C 124 22.06 23.13 20.51
C ALA C 124 23.20 24.13 20.48
N GLU C 125 23.49 24.69 19.32
CA GLU C 125 24.56 25.66 19.18
C GLU C 125 24.00 27.07 19.12
N GLY C 126 22.72 27.23 19.46
CA GLY C 126 22.19 28.58 19.53
C GLY C 126 21.58 29.22 18.35
N PHE C 127 21.33 28.45 17.28
CA PHE C 127 20.66 29.06 16.15
C PHE C 127 19.21 29.22 16.57
N ARG C 128 18.64 30.39 16.21
CA ARG C 128 17.30 30.71 16.59
C ARG C 128 16.29 31.04 15.49
N PRO C 129 15.85 30.02 14.77
CA PRO C 129 14.84 30.26 13.76
C PRO C 129 13.51 30.48 14.50
N ARG C 130 12.44 30.75 13.75
CA ARG C 130 11.11 31.04 14.33
C ARG C 130 10.39 29.74 14.70
N GLY C 131 10.91 28.61 14.21
CA GLY C 131 10.27 27.36 14.53
C GLY C 131 10.93 26.25 13.71
N VAL C 132 10.82 25.02 14.21
CA VAL C 132 11.49 23.89 13.55
C VAL C 132 10.56 22.71 13.45
N LEU C 133 10.57 22.06 12.27
CA LEU C 133 9.82 20.74 12.05
C LEU C 133 10.90 19.68 11.99
N ALA C 134 10.76 18.66 12.83
CA ALA C 134 11.72 17.53 12.83
C ALA C 134 10.88 16.34 12.43
N PHE C 135 11.02 15.92 11.17
CA PHE C 135 10.33 14.77 10.62
C PHE C 135 11.14 13.48 10.72
N ILE C 136 10.47 12.40 11.18
CA ILE C 136 11.00 11.04 11.23
C ILE C 136 12.44 11.01 11.76
N GLY C 137 12.66 11.71 12.85
CA GLY C 137 14.01 11.84 13.39
C GLY C 137 14.09 11.88 14.92
N SER C 138 15.26 12.29 15.37
CA SER C 138 15.62 12.27 16.80
C SER C 138 16.74 13.24 17.08
N GLY C 139 16.78 13.67 18.34
CA GLY C 139 17.85 14.53 18.84
C GLY C 139 19.04 13.77 19.44
N PHE C 140 19.03 12.45 19.36
CA PHE C 140 20.12 11.59 19.80
C PHE C 140 20.62 10.87 18.55
N PRO C 141 21.94 10.65 18.48
CA PRO C 141 22.48 9.93 17.31
C PRO C 141 22.02 8.48 17.38
N MSE C 142 22.12 7.79 16.27
CA MSE C 142 21.69 6.38 16.24
C MSE C 142 22.44 5.49 17.19
O MSE C 142 23.56 5.74 17.60
CB MSE C 142 21.83 5.84 14.83
CG MSE C 142 23.31 5.62 14.38
SE MSE C 142 23.37 5.03 12.55
CE MSE C 142 23.65 6.62 11.73
N LYS C 143 21.78 4.37 17.55
CA LYS C 143 22.44 3.41 18.43
C LYS C 143 23.69 2.95 17.66
N LEU C 144 24.80 2.84 18.38
CA LEU C 144 26.09 2.45 17.81
C LEU C 144 26.36 0.95 17.75
N PRO C 145 26.41 0.36 16.55
CA PRO C 145 26.69 -1.08 16.46
C PRO C 145 28.05 -1.41 17.08
N GLN C 146 28.13 -2.58 17.72
CA GLN C 146 29.35 -2.98 18.40
C GLN C 146 30.60 -2.93 17.56
N GLY C 147 30.44 -3.28 16.28
CA GLY C 147 31.58 -3.32 15.39
C GLY C 147 31.97 -2.00 14.74
N GLN C 148 31.27 -0.92 15.06
CA GLN C 148 31.64 0.33 14.43
C GLN C 148 32.84 1.01 15.07
N VAL C 149 33.69 1.58 14.22
CA VAL C 149 34.87 2.28 14.73
C VAL C 149 34.59 3.80 14.76
N VAL C 150 34.67 4.44 15.94
CA VAL C 150 34.48 5.91 16.03
C VAL C 150 35.66 6.53 16.73
N GLU C 151 36.49 7.21 15.93
CA GLU C 151 37.66 7.89 16.40
C GLU C 151 37.66 9.42 16.23
N ASP C 152 36.83 9.92 15.32
CA ASP C 152 36.76 11.35 15.09
C ASP C 152 36.29 12.01 16.36
N PRO C 153 37.08 12.88 16.97
CA PRO C 153 36.67 13.51 18.22
C PRO C 153 35.36 14.28 18.12
N GLY C 154 35.05 14.85 16.94
CA GLY C 154 33.83 15.60 16.81
C GLY C 154 32.61 14.67 16.82
N VAL C 155 32.77 13.43 16.34
CA VAL C 155 31.62 12.50 16.33
C VAL C 155 31.55 11.92 17.76
N LEU C 156 32.70 11.68 18.39
CA LEU C 156 32.62 11.20 19.79
C LEU C 156 31.90 12.19 20.71
N ALA C 157 32.16 13.50 20.50
CA ALA C 157 31.50 14.55 21.28
C ALA C 157 29.96 14.49 21.15
N LEU C 158 29.39 14.17 19.97
CA LEU C 158 27.93 14.06 19.81
C LEU C 158 27.37 12.91 20.59
N TYR C 159 28.13 11.82 20.73
CA TYR C 159 27.66 10.71 21.57
C TYR C 159 27.85 11.05 23.03
N GLN C 160 28.91 11.76 23.36
CA GLN C 160 29.12 12.12 24.72
C GLN C 160 28.07 13.12 25.24
N ALA C 161 27.63 14.09 24.37
CA ALA C 161 26.63 15.08 24.72
C ALA C 161 25.74 15.33 23.53
N PRO C 162 24.78 14.41 23.30
CA PRO C 162 23.86 14.57 22.16
C PRO C 162 23.19 15.98 22.27
N PRO C 163 22.81 16.55 21.11
CA PRO C 163 22.19 17.90 21.17
C PRO C 163 20.93 17.95 22.06
N ALA C 164 20.12 16.88 22.10
CA ALA C 164 18.87 16.95 22.93
C ALA C 164 19.12 16.94 24.43
N THR C 165 20.38 16.69 24.82
CA THR C 165 20.73 16.76 26.24
C THR C 165 21.15 18.20 26.60
N ARG C 166 21.12 19.11 25.63
CA ARG C 166 21.52 20.52 25.83
C ARG C 166 20.32 21.48 25.66
N GLY C 167 19.14 21.07 26.10
CA GLY C 167 17.95 21.90 25.95
C GLY C 167 18.03 23.34 26.42
N GLU C 168 18.87 23.58 27.41
CA GLU C 168 18.97 24.93 27.93
C GLU C 168 19.47 25.83 26.83
N ALA C 169 20.10 25.26 25.80
CA ALA C 169 20.62 26.10 24.71
C ALA C 169 19.63 26.36 23.55
N TYR C 170 18.51 25.66 23.62
CA TYR C 170 17.49 25.77 22.53
C TYR C 170 16.68 27.02 22.54
N GLY C 171 16.74 27.79 23.64
CA GLY C 171 16.03 29.10 23.67
C GLY C 171 14.50 29.03 23.53
N GLY C 172 13.99 27.84 23.85
CA GLY C 172 12.56 27.59 23.71
C GLY C 172 11.95 27.75 22.30
N VAL C 173 12.80 27.56 21.30
CA VAL C 173 12.35 27.70 19.89
C VAL C 173 11.23 26.66 19.62
N PRO C 174 10.11 27.08 18.98
CA PRO C 174 9.03 26.10 18.73
C PRO C 174 9.61 24.91 17.96
N LEU C 175 9.28 23.70 18.41
CA LEU C 175 9.80 22.50 17.77
C LEU C 175 8.71 21.44 17.79
N LEU C 176 8.45 20.87 16.61
CA LEU C 176 7.41 19.83 16.45
C LEU C 176 8.09 18.60 15.86
N HIS C 177 8.02 17.47 16.59
CA HIS C 177 8.55 16.20 16.00
C HIS C 177 7.35 15.49 15.39
N LEU C 178 7.49 15.03 14.14
CA LEU C 178 6.41 14.31 13.42
C LEU C 178 7.00 12.93 13.18
N HIS C 179 6.23 11.89 13.55
CA HIS C 179 6.81 10.51 13.47
C HIS C 179 5.75 9.50 13.13
N GLY C 180 6.22 8.31 12.66
CA GLY C 180 5.31 7.18 12.35
C GLY C 180 5.50 6.15 13.45
N SER C 181 4.39 5.57 13.92
CA SER C 181 4.55 4.64 15.05
C SER C 181 5.36 3.38 14.76
N ARG C 182 5.33 2.97 13.49
CA ARG C 182 6.06 1.76 13.11
C ARG C 182 7.41 2.06 12.47
N ASP C 183 7.97 3.22 12.71
CA ASP C 183 9.31 3.50 12.17
C ASP C 183 10.32 2.57 12.87
N HIS C 184 11.06 1.79 12.07
CA HIS C 184 12.06 0.94 12.70
C HIS C 184 13.44 1.46 12.46
N ILE C 185 13.56 2.47 11.59
CA ILE C 185 14.90 3.09 11.35
C ILE C 185 15.22 4.05 12.48
N VAL C 186 14.25 4.93 12.84
CA VAL C 186 14.37 5.77 14.05
C VAL C 186 13.12 5.31 14.85
N PRO C 187 13.33 4.42 15.83
CA PRO C 187 12.17 3.94 16.60
C PRO C 187 11.44 5.11 17.33
N LEU C 188 10.13 4.98 17.43
CA LEU C 188 9.34 6.01 18.12
C LEU C 188 9.95 6.34 19.46
N ALA C 189 10.44 5.35 20.19
CA ALA C 189 11.00 5.66 21.51
C ALA C 189 12.16 6.67 21.49
N ARG C 190 12.88 6.73 20.37
CA ARG C 190 14.03 7.69 20.31
C ARG C 190 13.47 9.10 20.17
N MSE C 191 12.39 9.23 19.41
CA MSE C 191 11.75 10.56 19.35
C MSE C 191 11.18 10.92 20.72
O MSE C 191 11.31 12.04 21.22
CB MSE C 191 10.65 10.55 18.29
CG MSE C 191 9.95 11.92 18.15
SE MSE C 191 8.48 12.19 19.45
CE MSE C 191 7.19 11.55 18.34
N GLU C 192 10.55 9.95 21.37
CA GLU C 192 10.00 10.24 22.75
C GLU C 192 11.11 10.60 23.74
N LYS C 193 12.26 9.95 23.64
CA LYS C 193 13.42 10.23 24.53
C LYS C 193 13.90 11.67 24.28
N THR C 194 13.87 12.06 23.01
CA THR C 194 14.26 13.45 22.60
C THR C 194 13.34 14.46 23.29
N LEU C 195 12.04 14.28 23.16
N LEU C 195 12.03 14.29 23.15
CA LEU C 195 11.12 15.21 23.81
CA LEU C 195 11.10 15.21 23.81
C LEU C 195 11.20 15.18 25.34
C LEU C 195 11.21 15.18 25.34
N GLU C 196 11.39 14.02 25.93
CA GLU C 196 11.48 13.97 27.39
C GLU C 196 12.76 14.69 27.89
N ALA C 197 13.86 14.60 27.12
CA ALA C 197 15.07 15.29 27.53
C ALA C 197 14.94 16.78 27.42
N LEU C 198 14.15 17.24 26.43
CA LEU C 198 14.02 18.69 26.22
C LEU C 198 12.92 19.28 27.08
N ARG C 199 11.94 18.46 27.47
CA ARG C 199 10.78 18.96 28.21
C ARG C 199 11.05 19.97 29.34
N PRO C 200 11.98 19.66 30.24
CA PRO C 200 12.22 20.63 31.31
C PRO C 200 12.73 21.97 30.85
N HIS C 201 13.27 22.05 29.63
CA HIS C 201 13.82 23.33 29.11
C HIS C 201 12.83 24.06 28.25
N TYR C 202 11.61 23.59 28.21
CA TYR C 202 10.52 24.23 27.45
C TYR C 202 9.32 24.48 28.38
N PRO C 203 9.57 25.20 29.46
CA PRO C 203 8.57 25.54 30.47
C PRO C 203 7.37 26.34 29.91
N GLU C 204 7.54 27.04 28.78
CA GLU C 204 6.46 27.80 28.18
C GLU C 204 5.76 27.04 27.02
N GLY C 205 5.98 25.75 26.94
CA GLY C 205 5.34 25.00 25.88
C GLY C 205 6.13 25.24 24.57
N ARG C 206 5.40 25.20 23.48
CA ARG C 206 5.99 25.38 22.15
C ARG C 206 6.75 24.16 21.63
N LEU C 207 6.76 23.10 22.42
CA LEU C 207 7.32 21.81 22.05
C LEU C 207 6.11 20.90 21.78
N ALA C 208 6.15 20.06 20.74
CA ALA C 208 4.99 19.22 20.45
C ALA C 208 5.41 18.03 19.61
N ARG C 209 4.47 17.06 19.57
CA ARG C 209 4.66 15.88 18.76
C ARG C 209 3.42 15.50 17.98
N PHE C 210 3.65 14.94 16.79
CA PHE C 210 2.56 14.42 16.00
C PHE C 210 2.95 12.99 15.60
N VAL C 211 2.10 12.03 15.95
CA VAL C 211 2.40 10.61 15.57
C VAL C 211 1.27 10.09 14.69
N GLU C 212 1.66 9.56 13.54
CA GLU C 212 0.70 8.93 12.60
C GLU C 212 0.76 7.43 12.91
N GLU C 213 -0.36 6.85 13.36
CA GLU C 213 -0.33 5.44 13.76
C GLU C 213 -0.23 4.56 12.53
N GLY C 214 0.76 3.66 12.53
CA GLY C 214 0.90 2.77 11.39
C GLY C 214 1.93 3.22 10.37
N ALA C 215 2.25 4.52 10.34
CA ALA C 215 3.27 4.97 9.41
C ALA C 215 4.66 4.57 9.85
N GLY C 216 5.53 4.48 8.85
CA GLY C 216 6.93 4.13 9.03
C GLY C 216 7.91 5.27 8.91
N HIS C 217 9.08 4.96 8.37
CA HIS C 217 10.14 5.99 8.16
C HIS C 217 9.96 6.72 6.85
N THR C 218 8.81 7.43 6.70
CA THR C 218 8.55 8.21 5.50
C THR C 218 7.86 9.52 5.93
N LEU C 219 8.10 10.57 5.15
CA LEU C 219 7.50 11.84 5.47
C LEU C 219 6.18 11.84 4.71
N THR C 220 5.10 11.45 5.40
CA THR C 220 3.84 11.29 4.70
C THR C 220 3.11 12.57 4.40
N PRO C 221 2.15 12.53 3.49
CA PRO C 221 1.40 13.74 3.14
C PRO C 221 0.70 14.32 4.40
N LEU C 222 0.19 13.46 5.28
CA LEU C 222 -0.48 14.01 6.49
C LEU C 222 0.53 14.69 7.41
N MSE C 223 1.68 14.09 7.61
CA MSE C 223 2.76 14.74 8.41
C MSE C 223 3.03 16.12 7.72
O MSE C 223 3.14 17.12 8.43
CB MSE C 223 4.05 13.93 8.41
CG MSE C 223 3.96 12.79 9.37
SE MSE C 223 5.61 11.74 9.11
CE MSE C 223 4.98 9.99 9.75
N ALA C 224 3.12 16.17 6.39
CA ALA C 224 3.46 17.47 5.77
C ALA C 224 2.37 18.49 6.09
N ARG C 225 1.11 18.08 6.00
CA ARG C 225 0.00 19.00 6.29
C ARG C 225 0.05 19.56 7.72
N VAL C 226 0.27 18.67 8.67
CA VAL C 226 0.36 19.07 10.07
C VAL C 226 1.55 19.99 10.28
N GLY C 227 2.69 19.71 9.64
CA GLY C 227 3.85 20.59 9.84
C GLY C 227 3.57 22.00 9.32
N LEU C 228 2.83 22.10 8.23
CA LEU C 228 2.54 23.42 7.65
C LEU C 228 1.63 24.19 8.64
N ALA C 229 0.73 23.50 9.35
CA ALA C 229 -0.15 24.20 10.33
C ALA C 229 0.72 24.72 11.47
N PHE C 230 1.68 23.94 11.92
CA PHE C 230 2.54 24.39 13.03
C PHE C 230 3.37 25.62 12.59
N LEU C 231 3.89 25.61 11.37
CA LEU C 231 4.65 26.80 10.91
C LEU C 231 3.72 28.01 10.78
N GLU C 232 2.52 27.84 10.20
CA GLU C 232 1.62 29.05 10.06
C GLU C 232 1.21 29.54 11.44
N HIS C 233 1.04 28.64 12.45
CA HIS C 233 0.63 29.13 13.73
C HIS C 233 1.75 30.01 14.30
N TRP C 234 3.02 29.58 14.20
CA TRP C 234 4.07 30.39 14.79
C TRP C 234 4.41 31.60 13.92
N LEU C 235 4.13 31.54 12.62
CA LEU C 235 4.39 32.73 11.80
C LEU C 235 3.38 33.82 12.14
N GLU C 236 2.15 33.43 12.38
CA GLU C 236 1.07 34.45 12.62
C GLU C 236 1.00 34.90 14.05
N ALA C 237 1.75 34.25 14.92
CA ALA C 237 1.70 34.56 16.36
C ALA C 237 2.20 35.95 16.59
N ARG C 238 1.53 36.64 17.50
CA ARG C 238 1.78 38.04 17.84
C ARG C 238 2.10 38.14 19.34
N MSE D 1 -16.09 41.11 4.96
CA MSE D 1 -17.25 40.22 5.29
C MSE D 1 -16.84 39.17 6.33
O MSE D 1 -15.88 38.39 6.16
CB MSE D 1 -17.78 39.52 4.00
CG MSE D 1 -19.06 38.66 4.19
SE MSE D 1 -19.77 37.70 2.55
CE MSE D 1 -21.02 39.09 1.91
N ARG D 2 -17.55 39.24 7.45
CA ARG D 2 -17.40 38.29 8.52
C ARG D 2 -18.48 37.28 8.22
N VAL D 3 -18.22 36.05 8.65
CA VAL D 3 -19.09 34.94 8.41
C VAL D 3 -20.53 35.15 8.94
N ARG D 4 -21.50 34.70 8.16
CA ARG D 4 -22.90 34.81 8.51
C ARG D 4 -23.08 33.94 9.76
N THR D 5 -23.61 34.51 10.84
CA THR D 5 -23.85 33.76 12.07
C THR D 5 -25.33 33.72 12.31
N GLU D 6 -25.92 32.52 12.46
CA GLU D 6 -27.34 32.47 12.73
C GLU D 6 -27.81 31.25 13.46
N ARG D 7 -29.02 31.37 13.99
CA ARG D 7 -29.56 30.29 14.74
C ARG D 7 -30.56 29.51 13.95
N LEU D 8 -30.23 28.26 13.74
CA LEU D 8 -31.10 27.35 13.03
C LEU D 8 -31.80 26.38 13.97
N THR D 9 -32.79 25.66 13.44
N THR D 9 -32.71 25.62 13.36
CA THR D 9 -33.43 24.59 14.21
CA THR D 9 -33.51 24.59 13.99
C THR D 9 -33.22 23.29 13.40
C THR D 9 -33.23 23.23 13.32
N LEU D 10 -32.60 22.32 14.06
CA LEU D 10 -32.32 21.02 13.52
C LEU D 10 -32.61 20.01 14.63
N ALA D 11 -33.35 18.96 14.27
CA ALA D 11 -33.66 17.86 15.17
C ALA D 11 -34.21 18.27 16.53
N GLY D 12 -35.07 19.27 16.53
CA GLY D 12 -35.68 19.80 17.75
C GLY D 12 -34.85 20.72 18.62
N LEU D 13 -33.67 21.14 18.13
CA LEU D 13 -32.73 21.93 18.97
C LEU D 13 -32.33 23.24 18.28
N SER D 14 -31.96 24.21 19.10
CA SER D 14 -31.48 25.48 18.53
C SER D 14 -29.99 25.26 18.20
N VAL D 15 -29.68 25.32 16.92
CA VAL D 15 -28.27 25.05 16.47
C VAL D 15 -27.62 26.37 16.01
N LEU D 16 -26.52 26.74 16.64
CA LEU D 16 -25.73 27.93 16.25
C LEU D 16 -24.91 27.54 15.00
N ALA D 17 -25.02 28.35 13.93
CA ALA D 17 -24.32 28.09 12.69
C ALA D 17 -23.43 29.26 12.23
N ARG D 18 -22.24 28.97 11.72
CA ARG D 18 -21.36 30.02 11.16
C ARG D 18 -21.25 29.50 9.74
N ILE D 19 -21.86 30.26 8.80
CA ILE D 19 -21.99 29.88 7.43
C ILE D 19 -21.16 30.66 6.46
N PRO D 20 -20.15 30.02 5.84
CA PRO D 20 -19.29 30.69 4.84
C PRO D 20 -20.11 30.94 3.60
N GLU D 21 -19.69 31.91 2.79
CA GLU D 21 -20.38 32.17 1.57
C GLU D 21 -20.32 30.96 0.65
N ALA D 22 -19.20 30.27 0.59
CA ALA D 22 -19.11 29.13 -0.31
C ALA D 22 -18.61 27.92 0.45
N PRO D 23 -19.45 27.31 1.29
CA PRO D 23 -18.98 26.14 2.06
C PRO D 23 -18.46 24.93 1.34
N LYS D 24 -17.40 24.32 1.86
CA LYS D 24 -16.87 23.15 1.24
C LYS D 24 -17.14 21.93 2.07
N ALA D 25 -17.57 22.12 3.31
CA ALA D 25 -17.80 20.94 4.17
C ALA D 25 -18.55 21.46 5.36
N LEU D 26 -19.03 20.52 6.14
CA LEU D 26 -19.79 20.89 7.35
C LEU D 26 -19.01 20.29 8.57
N LEU D 27 -18.94 21.05 9.67
CA LEU D 27 -18.28 20.52 10.88
C LEU D 27 -19.26 20.70 12.04
N LEU D 28 -19.72 19.60 12.63
CA LEU D 28 -20.57 19.67 13.80
C LEU D 28 -19.64 19.59 15.02
N ALA D 29 -19.70 20.61 15.90
CA ALA D 29 -18.80 20.72 17.06
C ALA D 29 -19.60 20.49 18.34
N LEU D 30 -19.04 19.64 19.19
CA LEU D 30 -19.68 19.21 20.44
C LEU D 30 -18.82 19.71 21.60
N HIS D 31 -19.39 20.63 22.38
CA HIS D 31 -18.63 21.21 23.47
C HIS D 31 -18.41 20.30 24.65
N GLY D 32 -17.57 20.77 25.58
CA GLY D 32 -17.21 19.97 26.75
C GLY D 32 -18.10 20.28 28.00
N LEU D 33 -17.81 19.63 29.11
CA LEU D 33 -18.62 19.88 30.31
C LEU D 33 -18.41 21.33 30.74
N GLN D 34 -19.52 21.94 31.20
CA GLN D 34 -19.54 23.36 31.63
C GLN D 34 -19.31 24.29 30.42
N GLY D 35 -19.31 23.76 29.18
CA GLY D 35 -19.16 24.63 28.01
C GLY D 35 -20.50 25.00 27.36
N SER D 36 -20.46 25.43 26.11
CA SER D 36 -21.65 25.81 25.37
C SER D 36 -21.38 25.84 23.89
N LYS D 37 -22.42 26.00 23.11
CA LYS D 37 -22.25 26.00 21.70
C LYS D 37 -21.41 27.25 21.28
N GLU D 38 -21.59 28.42 21.91
CA GLU D 38 -20.77 29.58 21.55
C GLU D 38 -19.30 29.34 21.91
N HIS D 39 -19.06 28.75 23.07
CA HIS D 39 -17.69 28.48 23.56
C HIS D 39 -16.91 27.58 22.60
N ILE D 40 -17.50 26.45 22.21
CA ILE D 40 -16.74 25.57 21.32
C ILE D 40 -16.50 26.21 19.93
N LEU D 41 -17.48 26.95 19.37
CA LEU D 41 -17.17 27.52 18.06
C LEU D 41 -16.07 28.63 18.21
N ALA D 42 -16.05 29.34 19.37
CA ALA D 42 -15.02 30.39 19.53
C ALA D 42 -13.62 29.79 19.62
N LEU D 43 -13.55 28.52 20.03
CA LEU D 43 -12.27 27.78 20.14
C LEU D 43 -11.80 27.21 18.80
N LEU D 44 -12.58 27.43 17.73
CA LEU D 44 -12.18 26.95 16.39
C LEU D 44 -12.01 28.13 15.41
N PRO D 45 -11.10 29.05 15.77
CA PRO D 45 -10.88 30.21 14.88
C PRO D 45 -10.39 29.80 13.52
N GLY D 46 -10.84 30.55 12.50
CA GLY D 46 -10.33 30.30 11.14
C GLY D 46 -11.00 29.18 10.39
N TYR D 47 -11.81 28.33 11.04
CA TYR D 47 -12.40 27.25 10.28
C TYR D 47 -13.47 27.70 9.28
N ALA D 48 -14.38 28.56 9.73
CA ALA D 48 -15.39 28.97 8.79
C ALA D 48 -14.81 29.82 7.68
N GLU D 49 -13.73 30.55 8.02
CA GLU D 49 -13.08 31.42 7.04
C GLU D 49 -12.37 30.58 5.98
N ARG D 50 -12.16 29.27 6.22
CA ARG D 50 -11.55 28.35 5.22
C ARG D 50 -12.63 27.55 4.51
N GLY D 51 -13.89 27.79 4.83
CA GLY D 51 -14.96 27.10 4.14
C GLY D 51 -15.74 26.06 4.89
N PHE D 52 -15.50 25.88 6.18
CA PHE D 52 -16.30 24.90 6.89
C PHE D 52 -17.53 25.61 7.45
N LEU D 53 -18.69 25.00 7.22
CA LEU D 53 -19.95 25.47 7.79
C LEU D 53 -20.00 24.82 9.18
N LEU D 54 -19.89 25.68 10.17
CA LEU D 54 -19.83 25.19 11.59
C LEU D 54 -21.19 25.13 12.21
N LEU D 55 -21.48 24.01 12.88
CA LEU D 55 -22.73 23.89 13.65
C LEU D 55 -22.41 23.50 15.07
N ALA D 56 -23.10 24.06 16.04
CA ALA D 56 -22.90 23.65 17.41
C ALA D 56 -24.23 23.84 18.15
N PHE D 57 -24.53 22.93 19.09
CA PHE D 57 -25.73 23.05 19.89
C PHE D 57 -25.38 22.79 21.35
N ASP D 58 -26.22 23.27 22.29
CA ASP D 58 -25.93 23.10 23.73
C ASP D 58 -26.32 21.69 24.18
N ALA D 59 -25.44 21.05 24.96
CA ALA D 59 -25.77 19.73 25.48
C ALA D 59 -26.82 19.88 26.56
N PRO D 60 -27.48 18.77 26.92
CA PRO D 60 -28.48 18.84 28.00
C PRO D 60 -27.85 19.53 29.22
N ARG D 61 -28.65 20.36 29.92
CA ARG D 61 -28.25 21.10 31.13
C ARG D 61 -27.18 22.17 30.94
N HIS D 62 -26.87 22.53 29.70
CA HIS D 62 -25.84 23.51 29.41
C HIS D 62 -26.29 24.68 28.60
N GLY D 63 -25.50 25.75 28.69
CA GLY D 63 -25.77 26.96 27.89
C GLY D 63 -27.13 27.56 28.16
N GLU D 64 -27.96 27.61 27.14
CA GLU D 64 -29.33 28.19 27.25
C GLU D 64 -30.29 27.15 27.70
N ARG D 65 -29.90 25.89 27.79
CA ARG D 65 -30.86 24.86 28.21
C ARG D 65 -31.05 24.84 29.76
N GLU D 66 -32.19 24.33 30.22
CA GLU D 66 -32.50 24.25 31.67
C GLU D 66 -31.37 23.46 32.34
N GLY D 67 -30.65 24.11 33.23
CA GLY D 67 -29.55 23.47 33.90
C GLY D 67 -29.84 23.56 35.37
N PRO D 68 -28.85 23.86 36.23
CA PRO D 68 -27.44 24.12 35.96
C PRO D 68 -26.75 22.82 35.58
N PRO D 69 -25.53 22.90 35.04
CA PRO D 69 -24.86 21.67 34.68
C PRO D 69 -24.53 20.83 35.90
N PRO D 70 -24.10 19.60 35.68
CA PRO D 70 -23.71 18.67 36.73
C PRO D 70 -22.69 19.43 37.59
N SER D 71 -22.72 19.16 38.88
CA SER D 71 -21.79 19.86 39.77
C SER D 71 -20.86 18.85 40.38
N SER D 72 -19.57 19.20 40.42
CA SER D 72 -18.60 18.28 40.98
C SER D 72 -18.84 18.10 42.47
N LYS D 73 -19.74 18.88 43.07
CA LYS D 73 -20.03 18.68 44.50
C LYS D 73 -21.09 17.59 44.66
N SER D 74 -21.71 17.18 43.56
CA SER D 74 -22.78 16.17 43.64
C SER D 74 -22.33 14.79 44.04
N PRO D 75 -23.10 14.14 44.93
CA PRO D 75 -22.74 12.81 45.35
C PRO D 75 -22.79 11.79 44.17
N ARG D 76 -23.48 12.18 43.07
CA ARG D 76 -23.56 11.29 41.90
C ARG D 76 -23.13 12.05 40.63
N TYR D 77 -22.08 12.83 40.82
CA TYR D 77 -21.50 13.63 39.72
C TYR D 77 -21.24 12.80 38.46
N VAL D 78 -20.66 11.61 38.58
CA VAL D 78 -20.32 10.84 37.39
C VAL D 78 -21.59 10.44 36.66
N GLU D 79 -22.58 9.98 37.42
CA GLU D 79 -23.83 9.65 36.77
C GLU D 79 -24.44 10.83 36.01
N GLU D 80 -24.48 11.97 36.67
CA GLU D 80 -25.07 13.16 36.03
C GLU D 80 -24.26 13.58 34.77
N VAL D 81 -22.95 13.49 34.82
CA VAL D 81 -22.12 13.88 33.67
C VAL D 81 -22.42 12.97 32.50
N TYR D 82 -22.48 11.67 32.73
CA TYR D 82 -22.67 10.77 31.56
C TYR D 82 -24.13 10.66 31.17
N ARG D 83 -25.07 11.03 32.04
CA ARG D 83 -26.48 11.14 31.58
C ARG D 83 -26.51 12.32 30.54
N VAL D 84 -25.81 13.41 30.84
CA VAL D 84 -25.71 14.51 29.85
C VAL D 84 -25.07 13.94 28.57
N ALA D 85 -23.98 13.18 28.68
CA ALA D 85 -23.32 12.65 27.49
C ALA D 85 -24.24 11.76 26.65
N LEU D 86 -25.02 10.92 27.33
CA LEU D 86 -25.91 10.00 26.55
C LEU D 86 -26.97 10.83 25.79
N GLY D 87 -27.52 11.88 26.42
CA GLY D 87 -28.51 12.69 25.72
C GLY D 87 -27.86 13.50 24.61
N PHE D 88 -26.66 14.01 24.87
CA PHE D 88 -25.96 14.81 23.84
C PHE D 88 -25.67 13.92 22.64
N LYS D 89 -25.26 12.67 22.89
CA LYS D 89 -25.01 11.73 21.80
C LYS D 89 -26.28 11.46 20.99
N GLU D 90 -27.40 11.13 21.67
CA GLU D 90 -28.63 10.81 20.94
C GLU D 90 -29.04 12.03 20.09
N GLU D 91 -28.89 13.22 20.66
CA GLU D 91 -29.24 14.45 19.94
C GLU D 91 -28.27 14.68 18.76
N ALA D 92 -26.97 14.52 19.02
CA ALA D 92 -25.99 14.84 18.01
C ALA D 92 -26.15 13.93 16.81
N ARG D 93 -26.51 12.67 17.02
CA ARG D 93 -26.68 11.80 15.84
C ARG D 93 -27.80 12.32 14.94
N ARG D 94 -28.90 12.77 15.56
CA ARG D 94 -30.00 13.27 14.76
C ARG D 94 -29.67 14.62 14.08
N VAL D 95 -28.97 15.48 14.79
CA VAL D 95 -28.52 16.78 14.20
C VAL D 95 -27.62 16.54 13.01
N ALA D 96 -26.64 15.64 13.16
CA ALA D 96 -25.70 15.34 12.05
C ALA D 96 -26.45 14.78 10.86
N GLU D 97 -27.38 13.86 11.12
CA GLU D 97 -28.11 13.28 9.98
C GLU D 97 -28.97 14.33 9.29
N GLU D 98 -29.59 15.24 10.03
CA GLU D 98 -30.40 16.23 9.38
C GLU D 98 -29.56 17.23 8.63
N ALA D 99 -28.42 17.58 9.22
CA ALA D 99 -27.52 18.56 8.59
C ALA D 99 -27.00 17.98 7.30
N GLU D 100 -26.68 16.70 7.25
CA GLU D 100 -26.13 16.17 6.03
C GLU D 100 -27.18 16.23 4.92
N ARG D 101 -28.45 16.10 5.28
CA ARG D 101 -29.49 16.17 4.28
C ARG D 101 -29.87 17.59 3.88
N ARG D 102 -29.93 18.50 4.83
CA ARG D 102 -30.29 19.86 4.50
C ARG D 102 -29.17 20.53 3.67
N PHE D 103 -27.90 20.27 4.01
CA PHE D 103 -26.83 20.94 3.29
C PHE D 103 -26.07 20.18 2.22
N GLY D 104 -26.12 18.87 2.25
CA GLY D 104 -25.43 18.04 1.27
C GLY D 104 -23.93 18.26 1.14
N LEU D 105 -23.28 18.51 2.26
CA LEU D 105 -21.82 18.75 2.28
C LEU D 105 -21.15 17.61 3.04
N PRO D 106 -19.87 17.32 2.75
CA PRO D 106 -19.06 16.27 3.41
C PRO D 106 -19.13 16.73 4.89
N LEU D 107 -19.40 15.79 5.79
CA LEU D 107 -19.59 16.13 7.19
C LEU D 107 -18.48 15.59 8.09
N PHE D 108 -17.94 16.45 8.96
CA PHE D 108 -16.95 16.08 9.98
C PHE D 108 -17.49 16.38 11.37
N LEU D 109 -16.86 15.79 12.40
N LEU D 109 -16.82 15.81 12.37
CA LEU D 109 -17.26 16.04 13.79
CA LEU D 109 -17.24 16.00 13.75
C LEU D 109 -16.03 16.53 14.53
C LEU D 109 -16.03 16.48 14.56
N ALA D 110 -16.26 17.42 15.48
CA ALA D 110 -15.20 17.84 16.40
C ALA D 110 -15.86 17.79 17.76
N GLY D 111 -15.12 17.33 18.73
CA GLY D 111 -15.64 17.35 20.09
C GLY D 111 -14.53 17.73 21.05
N GLY D 112 -14.91 18.54 22.05
CA GLY D 112 -13.94 18.90 23.11
C GLY D 112 -14.30 18.22 24.42
N SER D 113 -13.35 17.47 25.04
CA SER D 113 -13.56 16.81 26.38
C SER D 113 -14.83 15.93 26.39
N LEU D 114 -15.91 16.26 27.13
CA LEU D 114 -17.10 15.41 27.07
C LEU D 114 -17.61 15.26 25.62
N GLY D 115 -17.49 16.31 24.80
CA GLY D 115 -17.89 16.22 23.40
C GLY D 115 -17.03 15.22 22.57
N ALA D 116 -15.77 15.09 22.95
CA ALA D 116 -14.90 14.12 22.27
C ALA D 116 -15.38 12.72 22.69
N PHE D 117 -15.77 12.54 23.95
CA PHE D 117 -16.28 11.22 24.32
C PHE D 117 -17.54 10.91 23.54
N VAL D 118 -18.45 11.88 23.40
CA VAL D 118 -19.64 11.67 22.64
C VAL D 118 -19.29 11.32 21.17
N ALA D 119 -18.26 11.97 20.60
CA ALA D 119 -17.85 11.58 19.24
C ALA D 119 -17.48 10.10 19.18
N HIS D 120 -16.77 9.63 20.19
CA HIS D 120 -16.41 8.20 20.26
C HIS D 120 -17.72 7.39 20.34
N LEU D 121 -18.69 7.79 21.22
CA LEU D 121 -19.95 7.01 21.27
C LEU D 121 -20.60 6.94 19.91
N LEU D 122 -20.56 8.06 19.16
CA LEU D 122 -21.17 8.05 17.83
C LEU D 122 -20.46 7.09 16.88
N LEU D 123 -19.14 7.10 16.88
CA LEU D 123 -18.39 6.19 16.00
C LEU D 123 -18.66 4.74 16.41
N ALA D 124 -18.74 4.50 17.71
CA ALA D 124 -18.96 3.13 18.21
C ALA D 124 -20.35 2.60 17.79
N GLU D 125 -21.28 3.49 17.53
CA GLU D 125 -22.65 3.12 17.05
C GLU D 125 -22.82 3.22 15.53
N GLY D 126 -21.71 3.30 14.80
CA GLY D 126 -21.83 3.26 13.36
C GLY D 126 -22.00 4.52 12.60
N PHE D 127 -21.93 5.66 13.29
CA PHE D 127 -21.97 6.93 12.54
C PHE D 127 -20.70 7.10 11.74
N ARG D 128 -20.81 7.51 10.49
CA ARG D 128 -19.67 7.61 9.62
C ARG D 128 -19.40 8.95 8.96
N PRO D 129 -18.88 9.92 9.72
CA PRO D 129 -18.52 11.22 9.15
C PRO D 129 -17.20 10.98 8.36
N ARG D 130 -16.72 12.04 7.66
CA ARG D 130 -15.49 11.97 6.88
C ARG D 130 -14.24 12.08 7.76
N GLY D 131 -14.42 12.49 9.02
CA GLY D 131 -13.31 12.61 9.94
C GLY D 131 -13.77 13.18 11.26
N VAL D 132 -12.97 12.92 12.28
CA VAL D 132 -13.28 13.38 13.63
C VAL D 132 -12.05 13.98 14.31
N LEU D 133 -12.26 15.13 14.96
CA LEU D 133 -11.26 15.76 15.78
C LEU D 133 -11.70 15.54 17.21
N ALA D 134 -10.85 14.88 17.99
CA ALA D 134 -11.09 14.66 19.42
C ALA D 134 -10.12 15.49 20.23
N PHE D 135 -10.60 16.68 20.67
CA PHE D 135 -9.75 17.56 21.46
C PHE D 135 -9.89 17.28 22.97
N ILE D 136 -8.74 17.31 23.67
CA ILE D 136 -8.61 17.19 25.13
C ILE D 136 -9.57 16.17 25.73
N GLY D 137 -9.56 14.98 25.14
CA GLY D 137 -10.55 13.96 25.52
C GLY D 137 -10.03 12.53 25.42
N SER D 138 -11.01 11.66 25.57
CA SER D 138 -10.77 10.20 25.57
C SER D 138 -11.99 9.44 25.10
N GLY D 139 -11.72 8.19 24.70
CA GLY D 139 -12.76 7.25 24.30
C GLY D 139 -13.18 6.33 25.46
N PHE D 140 -12.65 6.58 26.66
CA PHE D 140 -13.12 5.85 27.85
C PHE D 140 -13.72 6.88 28.78
N PRO D 141 -14.75 6.52 29.55
CA PRO D 141 -15.34 7.45 30.50
C PRO D 141 -14.26 7.68 31.58
N MSE D 142 -14.42 8.77 32.36
CA MSE D 142 -13.42 9.14 33.35
C MSE D 142 -13.18 8.08 34.38
O MSE D 142 -14.10 7.33 34.74
CB MSE D 142 -13.80 10.44 34.06
CG MSE D 142 -15.01 10.28 34.92
SE MSE D 142 -15.46 11.95 35.82
CE MSE D 142 -16.64 12.50 34.66
N LYS D 143 -11.93 7.98 34.82
CA LYS D 143 -11.66 7.06 35.90
C LYS D 143 -12.59 7.54 37.03
N LEU D 144 -13.23 6.62 37.76
CA LEU D 144 -14.15 7.11 38.79
C LEU D 144 -13.46 7.86 39.90
N PRO D 145 -13.96 9.05 40.23
CA PRO D 145 -13.30 9.80 41.31
C PRO D 145 -13.44 9.08 42.65
N GLN D 146 -12.49 9.33 43.55
CA GLN D 146 -12.62 8.75 44.86
C GLN D 146 -13.94 9.21 45.49
N GLY D 147 -14.58 8.26 46.19
CA GLY D 147 -15.83 8.47 46.84
C GLY D 147 -17.08 8.25 45.97
N GLN D 148 -16.88 8.20 44.66
CA GLN D 148 -17.98 8.06 43.68
C GLN D 148 -18.44 6.65 43.41
N VAL D 149 -19.74 6.52 43.22
CA VAL D 149 -20.37 5.26 42.85
C VAL D 149 -21.29 5.50 41.67
N VAL D 150 -21.35 4.52 40.74
CA VAL D 150 -22.25 4.59 39.58
C VAL D 150 -23.21 3.39 39.64
N GLU D 151 -24.51 3.67 39.59
CA GLU D 151 -25.49 2.57 39.53
C GLU D 151 -26.43 2.69 38.33
N ASP D 152 -26.53 3.88 37.76
CA ASP D 152 -27.43 4.13 36.62
C ASP D 152 -27.08 3.12 35.54
N PRO D 153 -28.09 2.38 35.02
CA PRO D 153 -27.76 1.38 34.00
C PRO D 153 -27.07 1.85 32.70
N GLY D 154 -27.57 2.97 32.17
CA GLY D 154 -27.02 3.51 30.95
C GLY D 154 -25.58 3.97 31.18
N VAL D 155 -25.30 4.60 32.33
CA VAL D 155 -23.93 5.02 32.59
C VAL D 155 -23.02 3.80 32.86
N LEU D 156 -23.52 2.79 33.62
CA LEU D 156 -22.70 1.60 33.81
C LEU D 156 -22.31 0.93 32.50
N ALA D 157 -23.21 0.96 31.49
CA ALA D 157 -22.86 0.31 30.24
C ALA D 157 -21.67 0.98 29.61
N LEU D 158 -21.52 2.29 29.85
CA LEU D 158 -20.33 2.99 29.28
C LEU D 158 -19.03 2.49 29.92
N TYR D 159 -19.11 2.15 31.20
CA TYR D 159 -17.94 1.61 31.84
C TYR D 159 -17.75 0.12 31.52
N GLN D 160 -18.85 -0.61 31.35
CA GLN D 160 -18.86 -2.04 31.02
C GLN D 160 -18.23 -2.27 29.65
N ALA D 161 -18.55 -1.39 28.68
CA ALA D 161 -18.04 -1.53 27.33
C ALA D 161 -17.83 -0.13 26.75
N PRO D 162 -16.69 0.49 27.11
CA PRO D 162 -16.38 1.85 26.63
C PRO D 162 -16.38 1.86 25.09
N PRO D 163 -16.69 3.04 24.47
CA PRO D 163 -16.70 3.02 23.01
C PRO D 163 -15.37 2.65 22.39
N ALA D 164 -14.28 3.14 22.99
CA ALA D 164 -12.94 2.83 22.45
C ALA D 164 -12.60 1.32 22.40
N THR D 165 -13.41 0.49 23.08
CA THR D 165 -13.17 -0.97 23.07
C THR D 165 -13.97 -1.58 21.93
N ARG D 166 -14.70 -0.77 21.14
CA ARG D 166 -15.46 -1.28 20.03
C ARG D 166 -14.96 -0.78 18.72
N GLY D 167 -13.63 -0.77 18.58
CA GLY D 167 -13.02 -0.27 17.37
C GLY D 167 -13.49 -0.80 16.02
N GLU D 168 -13.91 -2.07 15.99
CA GLU D 168 -14.34 -2.57 14.70
C GLU D 168 -15.55 -1.75 14.17
N ALA D 169 -16.33 -1.18 15.06
CA ALA D 169 -17.49 -0.43 14.61
C ALA D 169 -17.19 0.96 14.08
N TYR D 170 -15.93 1.40 14.28
CA TYR D 170 -15.58 2.74 13.85
C TYR D 170 -15.36 2.86 12.34
N GLY D 171 -15.24 1.70 11.66
CA GLY D 171 -15.05 1.75 10.22
C GLY D 171 -13.85 2.55 9.69
N GLY D 172 -12.83 2.65 10.53
CA GLY D 172 -11.62 3.37 10.19
C GLY D 172 -11.86 4.86 9.88
N VAL D 173 -12.96 5.47 10.37
CA VAL D 173 -13.18 6.90 10.13
C VAL D 173 -11.93 7.69 10.63
N PRO D 174 -11.40 8.57 9.77
CA PRO D 174 -10.18 9.33 10.21
C PRO D 174 -10.41 10.01 11.56
N LEU D 175 -9.41 9.87 12.44
CA LEU D 175 -9.57 10.32 13.79
C LEU D 175 -8.25 10.84 14.31
N LEU D 176 -8.29 12.07 14.79
CA LEU D 176 -7.13 12.67 15.36
C LEU D 176 -7.46 13.11 16.80
N HIS D 177 -6.64 12.62 17.73
CA HIS D 177 -6.70 13.09 19.11
C HIS D 177 -5.68 14.22 19.28
N LEU D 178 -6.14 15.33 19.87
CA LEU D 178 -5.23 16.47 20.19
C LEU D 178 -5.29 16.68 21.69
N HIS D 179 -4.13 16.75 22.31
CA HIS D 179 -4.05 16.77 23.80
C HIS D 179 -2.91 17.57 24.31
N GLY D 180 -3.04 17.96 25.59
CA GLY D 180 -2.00 18.67 26.28
C GLY D 180 -1.31 17.68 27.21
N SER D 181 0.02 17.70 27.30
CA SER D 181 0.70 16.69 28.16
C SER D 181 0.40 16.90 29.64
N ARG D 182 0.03 18.12 30.04
CA ARG D 182 -0.25 18.38 31.45
C ARG D 182 -1.71 18.51 31.81
N ASP D 183 -2.56 17.89 31.02
CA ASP D 183 -4.01 17.93 31.33
C ASP D 183 -4.23 17.02 32.59
N HIS D 184 -4.89 17.61 33.60
CA HIS D 184 -5.21 16.86 34.85
C HIS D 184 -6.68 16.46 34.90
N ILE D 185 -7.48 16.94 33.96
CA ILE D 185 -8.90 16.58 33.95
C ILE D 185 -9.03 15.26 33.15
N VAL D 186 -8.44 15.24 31.96
CA VAL D 186 -8.34 14.01 31.12
C VAL D 186 -6.82 13.72 31.00
N PRO D 187 -6.23 12.90 31.87
CA PRO D 187 -4.79 12.66 31.76
C PRO D 187 -4.42 12.13 30.39
N LEU D 188 -3.24 12.53 29.99
CA LEU D 188 -2.67 12.08 28.73
C LEU D 188 -2.77 10.54 28.61
N ALA D 189 -2.52 9.85 29.71
CA ALA D 189 -2.58 8.37 29.71
C ALA D 189 -3.92 7.85 29.24
N ARG D 190 -5.00 8.60 29.48
CA ARG D 190 -6.33 8.13 29.04
C ARG D 190 -6.47 8.29 27.54
N MSE D 191 -5.88 9.34 26.96
CA MSE D 191 -5.90 9.48 25.52
C MSE D 191 -5.03 8.34 24.92
O MSE D 191 -5.41 7.78 23.86
CB MSE D 191 -5.40 10.89 25.10
CG MSE D 191 -5.49 11.10 23.56
SE MSE D 191 -3.88 10.44 22.61
CE MSE D 191 -3.01 12.00 22.97
N GLU D 192 -3.89 8.07 25.59
CA GLU D 192 -3.03 6.97 25.07
C GLU D 192 -3.76 5.64 25.21
N LYS D 193 -4.52 5.41 26.28
CA LYS D 193 -5.30 4.14 26.47
C LYS D 193 -6.34 4.03 25.31
N THR D 194 -6.92 5.19 24.91
CA THR D 194 -7.90 5.20 23.80
C THR D 194 -7.23 4.75 22.49
N LEU D 195 -6.06 5.30 22.16
CA LEU D 195 -5.40 4.95 20.95
C LEU D 195 -4.89 3.50 21.05
N GLU D 196 -4.47 3.05 22.22
CA GLU D 196 -4.00 1.66 22.42
C GLU D 196 -5.15 0.69 22.02
N ALA D 197 -6.36 1.07 22.37
CA ALA D 197 -7.51 0.24 22.07
C ALA D 197 -7.91 0.27 20.61
N LEU D 198 -7.87 1.44 19.96
CA LEU D 198 -8.29 1.55 18.58
C LEU D 198 -7.30 1.18 17.45
N ARG D 199 -6.00 1.33 17.76
CA ARG D 199 -4.93 1.10 16.78
C ARG D 199 -5.11 -0.15 15.91
N PRO D 200 -5.43 -1.28 16.56
CA PRO D 200 -5.57 -2.52 15.73
C PRO D 200 -6.67 -2.46 14.68
N HIS D 201 -7.70 -1.66 14.94
CA HIS D 201 -8.81 -1.53 14.02
C HIS D 201 -8.70 -0.45 13.02
N TYR D 202 -7.55 0.24 13.07
CA TYR D 202 -7.32 1.33 12.14
C TYR D 202 -6.23 1.09 11.15
N PRO D 203 -6.58 1.21 9.90
CA PRO D 203 -5.58 1.00 8.86
C PRO D 203 -4.52 2.08 8.99
N GLU D 204 -3.31 1.78 8.52
CA GLU D 204 -2.20 2.74 8.55
C GLU D 204 -2.61 4.14 8.07
N GLY D 205 -2.20 5.13 8.84
CA GLY D 205 -2.41 6.52 8.44
C GLY D 205 -3.74 7.14 8.82
N ARG D 206 -4.69 6.33 9.26
CA ARG D 206 -5.98 6.90 9.55
C ARG D 206 -6.22 7.34 10.99
N LEU D 207 -5.43 6.84 11.92
CA LEU D 207 -5.52 7.24 13.31
C LEU D 207 -4.23 8.01 13.66
N ALA D 208 -4.38 9.13 14.37
CA ALA D 208 -3.18 9.97 14.70
C ALA D 208 -3.38 10.76 15.99
N ARG D 209 -2.25 11.23 16.55
CA ARG D 209 -2.31 12.03 17.76
C ARG D 209 -1.40 13.27 17.63
N PHE D 210 -1.85 14.37 18.28
CA PHE D 210 -0.99 15.58 18.33
C PHE D 210 -0.98 15.92 19.82
N VAL D 211 0.23 16.07 20.37
CA VAL D 211 0.33 16.40 21.81
C VAL D 211 1.17 17.64 21.98
N GLU D 212 0.58 18.65 22.61
CA GLU D 212 1.27 19.94 22.85
C GLU D 212 1.88 19.82 24.26
N GLU D 213 3.22 19.81 24.33
CA GLU D 213 3.91 19.60 25.59
C GLU D 213 3.72 20.82 26.45
N GLY D 214 3.24 20.59 27.63
CA GLY D 214 3.05 21.72 28.52
C GLY D 214 1.60 22.16 28.62
N ALA D 215 0.80 21.94 27.60
CA ALA D 215 -0.62 22.41 27.65
C ALA D 215 -1.44 21.55 28.58
N GLY D 216 -2.49 22.18 29.13
CA GLY D 216 -3.39 21.43 30.02
C GLY D 216 -4.72 21.14 29.33
N HIS D 217 -5.82 21.26 30.08
CA HIS D 217 -7.15 20.93 29.56
C HIS D 217 -7.80 22.13 28.92
N THR D 218 -7.15 22.57 27.83
CA THR D 218 -7.66 23.71 27.08
C THR D 218 -7.47 23.43 25.60
N LEU D 219 -8.47 23.81 24.81
CA LEU D 219 -8.36 23.67 23.33
C LEU D 219 -7.58 24.89 22.85
N THR D 220 -6.28 24.71 22.66
CA THR D 220 -5.41 25.83 22.33
C THR D 220 -5.49 26.21 20.87
N PRO D 221 -5.06 27.42 20.52
CA PRO D 221 -5.12 27.84 19.14
C PRO D 221 -4.20 26.98 18.26
N LEU D 222 -3.11 26.49 18.81
CA LEU D 222 -2.22 25.61 18.05
C LEU D 222 -2.99 24.29 17.72
N MSE D 223 -3.66 23.72 18.72
CA MSE D 223 -4.42 22.51 18.44
C MSE D 223 -5.47 22.80 17.39
O MSE D 223 -5.72 22.00 16.51
CB MSE D 223 -5.16 21.99 19.73
CG MSE D 223 -4.18 21.46 20.77
SE MSE D 223 -5.27 21.00 22.37
CE MSE D 223 -3.84 20.98 23.71
N ALA D 224 -6.14 23.96 17.49
CA ALA D 224 -7.17 24.27 16.53
C ALA D 224 -6.58 24.31 15.12
N ARG D 225 -5.40 24.90 14.95
CA ARG D 225 -4.81 25.00 13.60
C ARG D 225 -4.43 23.65 13.05
N VAL D 226 -3.88 22.83 13.91
CA VAL D 226 -3.53 21.44 13.51
C VAL D 226 -4.81 20.67 13.12
N GLY D 227 -5.88 20.76 13.93
CA GLY D 227 -7.12 20.06 13.59
C GLY D 227 -7.67 20.48 12.23
N LEU D 228 -7.56 21.79 11.95
CA LEU D 228 -8.05 22.31 10.68
C LEU D 228 -7.32 21.65 9.50
N ALA D 229 -5.99 21.54 9.65
CA ALA D 229 -5.16 20.89 8.65
C ALA D 229 -5.58 19.42 8.45
N PHE D 230 -5.85 18.75 9.54
CA PHE D 230 -6.28 17.36 9.48
C PHE D 230 -7.58 17.25 8.71
N LEU D 231 -8.57 18.11 9.00
CA LEU D 231 -9.86 18.03 8.27
C LEU D 231 -9.62 18.29 6.77
N GLU D 232 -8.76 19.25 6.45
CA GLU D 232 -8.54 19.60 5.03
C GLU D 232 -7.82 18.46 4.31
N HIS D 233 -6.93 17.76 5.00
CA HIS D 233 -6.25 16.60 4.42
C HIS D 233 -7.28 15.54 4.03
N TRP D 234 -8.18 15.22 4.97
CA TRP D 234 -9.15 14.15 4.68
C TRP D 234 -10.28 14.59 3.75
N LEU D 235 -10.54 15.89 3.67
CA LEU D 235 -11.55 16.38 2.74
C LEU D 235 -11.06 16.17 1.31
N GLU D 236 -9.76 16.35 1.13
CA GLU D 236 -9.16 16.27 -0.21
C GLU D 236 -8.65 14.91 -0.60
N ALA D 237 -8.30 14.07 0.35
CA ALA D 237 -7.73 12.75 0.02
C ALA D 237 -8.71 11.86 -0.75
N ARG D 238 -8.19 11.19 -1.78
CA ARG D 238 -9.01 10.30 -2.62
C ARG D 238 -9.58 9.14 -1.82
N MSE E 1 -15.84 -11.93 33.49
CA MSE E 1 -14.47 -12.50 33.55
C MSE E 1 -13.49 -11.36 33.36
O MSE E 1 -13.54 -10.67 32.35
CB MSE E 1 -14.30 -13.52 32.43
CG MSE E 1 -12.85 -13.98 32.19
SE MSE E 1 -12.55 -15.45 33.38
CE MSE E 1 -13.31 -16.79 32.56
N ARG E 2 -12.64 -11.10 34.33
CA ARG E 2 -11.62 -10.06 34.14
C ARG E 2 -10.61 -10.55 33.08
N VAL E 3 -10.15 -9.62 32.26
CA VAL E 3 -9.16 -9.91 31.21
C VAL E 3 -8.14 -8.82 31.13
N ARG E 4 -6.87 -9.18 30.91
CA ARG E 4 -5.89 -8.13 30.78
C ARG E 4 -4.97 -8.44 29.67
N THR E 5 -4.34 -7.41 29.16
CA THR E 5 -3.42 -7.60 28.04
C THR E 5 -2.00 -7.60 28.57
N GLU E 6 -1.16 -8.54 28.12
CA GLU E 6 0.22 -8.55 28.58
C GLU E 6 1.17 -8.89 27.49
N ARG E 7 2.45 -8.56 27.70
CA ARG E 7 3.46 -8.95 26.67
C ARG E 7 4.30 -10.01 27.33
N LEU E 8 4.46 -11.13 26.66
CA LEU E 8 5.21 -12.29 27.16
C LEU E 8 6.32 -12.60 26.18
N THR E 9 7.24 -13.49 26.58
CA THR E 9 8.28 -13.98 25.66
C THR E 9 8.14 -15.49 25.67
N LEU E 10 7.91 -16.12 24.50
CA LEU E 10 7.80 -17.55 24.37
C LEU E 10 8.67 -17.95 23.23
N ALA E 11 9.53 -18.94 23.49
CA ALA E 11 10.39 -19.45 22.39
C ALA E 11 11.16 -18.33 21.72
N GLY E 12 11.60 -17.37 22.53
CA GLY E 12 12.34 -16.26 21.98
C GLY E 12 11.63 -15.15 21.24
N LEU E 13 10.33 -15.27 21.15
CA LEU E 13 9.55 -14.25 20.44
C LEU E 13 8.67 -13.43 21.39
N SER E 14 8.43 -12.19 20.97
CA SER E 14 7.55 -11.28 21.73
C SER E 14 6.12 -11.69 21.44
N VAL E 15 5.41 -12.09 22.46
CA VAL E 15 4.03 -12.53 22.24
C VAL E 15 3.04 -11.63 22.96
N LEU E 16 2.01 -11.18 22.26
CA LEU E 16 0.94 -10.43 22.89
C LEU E 16 -0.06 -11.42 23.42
N ALA E 17 -0.49 -11.21 24.66
CA ALA E 17 -1.44 -12.14 25.30
C ALA E 17 -2.67 -11.43 25.85
N ARG E 18 -3.86 -12.03 25.63
CA ARG E 18 -5.09 -11.55 26.27
C ARG E 18 -5.41 -12.65 27.25
N ILE E 19 -5.23 -12.34 28.54
CA ILE E 19 -5.33 -13.34 29.56
C ILE E 19 -6.52 -13.21 30.47
N PRO E 20 -7.40 -14.19 30.47
CA PRO E 20 -8.55 -14.10 31.38
C PRO E 20 -8.10 -14.52 32.78
N GLU E 21 -8.90 -14.15 33.79
CA GLU E 21 -8.46 -14.46 35.16
C GLU E 21 -8.55 -15.94 35.42
N ALA E 22 -9.37 -16.66 34.70
CA ALA E 22 -9.52 -18.11 34.88
C ALA E 22 -9.39 -18.80 33.52
N PRO E 23 -8.17 -18.97 33.09
CA PRO E 23 -7.98 -19.64 31.77
C PRO E 23 -8.29 -21.10 31.77
N LYS E 24 -9.08 -21.54 30.77
CA LYS E 24 -9.44 -22.92 30.59
C LYS E 24 -8.76 -23.55 29.37
N ALA E 25 -8.17 -22.74 28.51
CA ALA E 25 -7.55 -23.27 27.27
C ALA E 25 -6.68 -22.17 26.67
N LEU E 26 -5.85 -22.54 25.72
CA LEU E 26 -4.98 -21.57 25.05
C LEU E 26 -5.41 -21.49 23.56
N LEU E 27 -5.32 -20.31 22.98
CA LEU E 27 -5.61 -20.16 21.54
C LEU E 27 -4.42 -19.36 20.96
N LEU E 28 -3.60 -20.01 20.11
CA LEU E 28 -2.51 -19.31 19.45
C LEU E 28 -3.12 -18.84 18.12
N ALA E 29 -3.04 -17.54 17.89
CA ALA E 29 -3.67 -16.93 16.69
C ALA E 29 -2.62 -16.36 15.78
N LEU E 30 -2.73 -16.73 14.51
CA LEU E 30 -1.76 -16.36 13.48
C LEU E 30 -2.42 -15.39 12.51
N HIS E 31 -1.83 -14.20 12.37
CA HIS E 31 -2.41 -13.20 11.51
C HIS E 31 -2.12 -13.44 10.03
N GLY E 32 -2.73 -12.58 9.21
CA GLY E 32 -2.54 -12.72 7.76
C GLY E 32 -1.49 -11.77 7.17
N LEU E 33 -1.31 -11.84 5.86
CA LEU E 33 -0.30 -11.03 5.17
C LEU E 33 -0.69 -9.54 5.39
N GLN E 34 0.37 -8.79 5.70
CA GLN E 34 0.31 -7.35 6.05
C GLN E 34 -0.39 -7.09 7.35
N GLY E 35 -0.69 -8.14 8.10
CA GLY E 35 -1.31 -7.93 9.38
C GLY E 35 -0.34 -7.87 10.54
N SER E 36 -0.85 -8.18 11.73
CA SER E 36 0.00 -8.09 12.95
C SER E 36 -0.66 -8.83 14.10
N LYS E 37 0.11 -9.04 15.17
CA LYS E 37 -0.47 -9.77 16.30
C LYS E 37 -1.63 -8.94 16.93
N GLU E 38 -1.54 -7.62 16.95
CA GLU E 38 -2.62 -6.88 17.57
C GLU E 38 -3.92 -6.98 16.71
N HIS E 39 -3.76 -7.00 15.39
CA HIS E 39 -4.88 -7.06 14.50
C HIS E 39 -5.68 -8.36 14.70
N ILE E 40 -4.94 -9.50 14.68
CA ILE E 40 -5.69 -10.73 14.79
C ILE E 40 -6.37 -10.93 16.14
N LEU E 41 -5.73 -10.52 17.25
CA LEU E 41 -6.40 -10.69 18.54
C LEU E 41 -7.62 -9.74 18.61
N ALA E 42 -7.51 -8.53 18.02
CA ALA E 42 -8.69 -7.65 18.05
C ALA E 42 -9.91 -8.16 17.28
N LEU E 43 -9.66 -9.11 16.36
CA LEU E 43 -10.72 -9.71 15.55
C LEU E 43 -11.36 -10.92 16.25
N LEU E 44 -10.90 -11.21 17.48
CA LEU E 44 -11.52 -12.34 18.23
C LEU E 44 -12.17 -11.83 19.54
N PRO E 45 -13.14 -10.92 19.41
CA PRO E 45 -13.77 -10.42 20.62
C PRO E 45 -14.56 -11.54 21.31
N GLY E 46 -14.64 -11.45 22.63
CA GLY E 46 -15.38 -12.45 23.41
C GLY E 46 -14.66 -13.75 23.76
N TYR E 47 -13.59 -14.07 23.05
CA TYR E 47 -12.87 -15.33 23.32
C TYR E 47 -12.19 -15.38 24.68
N ALA E 48 -11.45 -14.33 25.06
CA ALA E 48 -10.80 -14.31 26.36
C ALA E 48 -11.85 -14.30 27.46
N GLU E 49 -12.99 -13.61 27.24
CA GLU E 49 -14.02 -13.52 28.27
C GLU E 49 -14.64 -14.88 28.55
N ARG E 50 -14.52 -15.83 27.62
CA ARG E 50 -15.03 -17.19 27.87
C ARG E 50 -13.97 -18.17 28.39
N GLY E 51 -12.75 -17.64 28.64
CA GLY E 51 -11.74 -18.51 29.26
C GLY E 51 -10.59 -18.93 28.36
N PHE E 52 -10.49 -18.37 27.15
CA PHE E 52 -9.37 -18.71 26.27
C PHE E 52 -8.24 -17.70 26.46
N LEU E 53 -7.06 -18.20 26.76
CA LEU E 53 -5.88 -17.36 26.92
C LEU E 53 -5.35 -17.17 25.51
N LEU E 54 -5.46 -15.95 24.97
CA LEU E 54 -5.07 -15.73 23.58
C LEU E 54 -3.65 -15.34 23.48
N LEU E 55 -2.98 -15.93 22.49
CA LEU E 55 -1.58 -15.61 22.22
C LEU E 55 -1.38 -15.28 20.77
N ALA E 56 -0.61 -14.24 20.49
CA ALA E 56 -0.33 -13.97 19.06
C ALA E 56 1.03 -13.30 18.96
N PHE E 57 1.75 -13.55 17.88
CA PHE E 57 3.07 -12.88 17.67
C PHE E 57 3.14 -12.42 16.25
N ASP E 58 4.04 -11.45 15.96
CA ASP E 58 4.16 -10.99 14.58
C ASP E 58 4.96 -11.97 13.71
N ALA E 59 4.46 -12.18 12.48
CA ALA E 59 5.16 -13.07 11.53
C ALA E 59 6.44 -12.35 11.08
N PRO E 60 7.38 -13.08 10.51
CA PRO E 60 8.62 -12.48 10.00
C PRO E 60 8.21 -11.32 9.04
N ARG E 61 8.96 -10.21 9.13
CA ARG E 61 8.78 -9.05 8.27
C ARG E 61 7.52 -8.20 8.56
N HIS E 62 6.78 -8.60 9.60
CA HIS E 62 5.53 -7.89 9.96
C HIS E 62 5.55 -7.21 11.30
N GLY E 63 4.61 -6.26 11.45
CA GLY E 63 4.37 -5.60 12.75
C GLY E 63 5.61 -4.92 13.34
N GLU E 64 6.06 -5.34 14.51
CA GLU E 64 7.25 -4.76 15.09
C GLU E 64 8.54 -5.32 14.57
N ARG E 65 8.46 -6.35 13.71
CA ARG E 65 9.70 -6.99 13.25
C ARG E 65 10.30 -6.29 12.04
N GLU E 66 11.60 -6.46 11.83
CA GLU E 66 12.22 -5.79 10.68
C GLU E 66 11.63 -6.17 9.35
N GLY E 67 11.21 -5.17 8.59
CA GLY E 67 10.56 -5.39 7.31
C GLY E 67 11.41 -4.93 6.14
N PRO E 68 10.79 -4.47 5.02
CA PRO E 68 9.34 -4.42 4.95
C PRO E 68 8.76 -5.77 4.49
N PRO E 69 7.44 -5.91 4.53
CA PRO E 69 6.73 -7.12 4.13
C PRO E 69 6.79 -7.24 2.63
N PRO E 70 6.45 -8.42 2.13
CA PRO E 70 6.46 -8.66 0.69
C PRO E 70 5.58 -7.63 0.02
N SER E 71 5.99 -7.20 -1.16
CA SER E 71 5.28 -6.22 -1.98
C SER E 71 4.67 -6.89 -3.21
N SER E 72 3.38 -6.70 -3.45
CA SER E 72 2.74 -7.34 -4.57
C SER E 72 3.33 -6.95 -5.91
N LYS E 73 4.04 -5.82 -5.90
CA LYS E 73 4.70 -5.27 -7.08
C LYS E 73 6.02 -5.94 -7.43
N SER E 74 6.50 -6.81 -6.54
CA SER E 74 7.76 -7.45 -6.78
C SER E 74 7.59 -8.72 -7.58
N PRO E 75 8.54 -9.05 -8.47
CA PRO E 75 8.34 -10.28 -9.23
C PRO E 75 8.60 -11.51 -8.33
N ARG E 76 9.15 -11.26 -7.14
CA ARG E 76 9.44 -12.34 -6.15
C ARG E 76 8.39 -12.31 -5.02
N TYR E 77 7.25 -11.65 -5.24
CA TYR E 77 6.19 -11.56 -4.21
C TYR E 77 5.77 -12.95 -3.67
N VAL E 78 5.35 -13.83 -4.55
CA VAL E 78 4.87 -15.15 -4.10
C VAL E 78 5.93 -15.84 -3.30
N GLU E 79 7.16 -15.81 -3.80
CA GLU E 79 8.28 -16.42 -3.11
C GLU E 79 8.50 -15.83 -1.70
N GLU E 80 8.42 -14.51 -1.59
CA GLU E 80 8.65 -13.84 -0.31
C GLU E 80 7.48 -14.07 0.65
N VAL E 81 6.24 -14.15 0.10
CA VAL E 81 5.05 -14.42 0.93
C VAL E 81 5.18 -15.82 1.53
N TYR E 82 5.57 -16.81 0.73
CA TYR E 82 5.61 -18.15 1.36
C TYR E 82 6.87 -18.38 2.19
N ARG E 83 7.95 -17.59 1.98
CA ARG E 83 9.06 -17.67 2.91
C ARG E 83 8.58 -17.11 4.25
N VAL E 84 7.76 -16.02 4.24
CA VAL E 84 7.21 -15.58 5.54
C VAL E 84 6.36 -16.71 6.13
N ALA E 85 5.53 -17.37 5.30
CA ALA E 85 4.72 -18.46 5.83
C ALA E 85 5.54 -19.60 6.46
N LEU E 86 6.61 -20.02 5.80
CA LEU E 86 7.42 -21.12 6.33
C LEU E 86 8.09 -20.70 7.64
N GLY E 87 8.52 -19.43 7.72
CA GLY E 87 9.16 -18.93 8.94
C GLY E 87 8.13 -18.83 10.07
N PHE E 88 6.95 -18.31 9.74
CA PHE E 88 5.86 -18.20 10.74
C PHE E 88 5.50 -19.59 11.26
N LYS E 89 5.44 -20.61 10.38
CA LYS E 89 5.12 -21.94 10.79
C LYS E 89 6.12 -22.46 11.84
N GLU E 90 7.41 -22.33 11.51
CA GLU E 90 8.40 -22.90 12.43
C GLU E 90 8.38 -22.21 13.80
N GLU E 91 8.16 -20.89 13.76
CA GLU E 91 8.08 -20.13 15.02
C GLU E 91 6.83 -20.51 15.77
N ALA E 92 5.67 -20.65 15.06
CA ALA E 92 4.44 -20.98 15.74
C ALA E 92 4.48 -22.29 16.45
N ARG E 93 5.12 -23.31 15.86
CA ARG E 93 5.17 -24.57 16.55
C ARG E 93 5.94 -24.44 17.84
N ARG E 94 7.05 -23.72 17.79
CA ARG E 94 7.86 -23.51 19.03
C ARG E 94 7.08 -22.72 20.06
N VAL E 95 6.37 -21.66 19.62
CA VAL E 95 5.56 -20.90 20.57
C VAL E 95 4.49 -21.78 21.20
N ALA E 96 3.78 -22.52 20.38
CA ALA E 96 2.72 -23.40 20.89
C ALA E 96 3.27 -24.45 21.85
N GLU E 97 4.39 -25.08 21.52
CA GLU E 97 4.91 -26.13 22.40
C GLU E 97 5.32 -25.53 23.76
N GLU E 98 5.88 -24.32 23.73
CA GLU E 98 6.28 -23.60 24.98
C GLU E 98 5.01 -23.19 25.78
N ALA E 99 3.99 -22.66 25.12
CA ALA E 99 2.71 -22.29 25.79
C ALA E 99 2.12 -23.51 26.51
N GLU E 100 2.06 -24.65 25.84
CA GLU E 100 1.47 -25.85 26.48
C GLU E 100 2.31 -26.25 27.69
N ARG E 101 3.63 -26.21 27.58
CA ARG E 101 4.46 -26.60 28.71
C ARG E 101 4.37 -25.65 29.87
N ARG E 102 4.26 -24.37 29.57
CA ARG E 102 4.24 -23.33 30.60
C ARG E 102 2.91 -23.21 31.33
N PHE E 103 1.80 -23.28 30.57
CA PHE E 103 0.48 -23.15 31.18
C PHE E 103 -0.25 -24.46 31.47
N GLY E 104 0.13 -25.54 30.75
CA GLY E 104 -0.53 -26.78 31.01
C GLY E 104 -2.02 -26.80 30.74
N LEU E 105 -2.37 -26.09 29.64
CA LEU E 105 -3.78 -26.03 29.24
C LEU E 105 -3.93 -26.55 27.80
N PRO E 106 -5.11 -27.07 27.47
CA PRO E 106 -5.39 -27.57 26.11
C PRO E 106 -5.12 -26.42 25.09
N LEU E 107 -4.55 -26.72 23.93
CA LEU E 107 -4.22 -25.65 23.00
C LEU E 107 -4.95 -25.79 21.69
N PHE E 108 -5.43 -24.65 21.21
CA PHE E 108 -6.10 -24.57 19.92
C PHE E 108 -5.35 -23.60 19.06
N LEU E 109 -5.58 -23.64 17.74
CA LEU E 109 -4.89 -22.72 16.84
C LEU E 109 -5.96 -21.98 16.01
N ALA E 110 -5.72 -20.69 15.72
CA ALA E 110 -6.62 -19.99 14.80
C ALA E 110 -5.67 -19.30 13.82
N GLY E 111 -6.06 -19.25 12.56
CA GLY E 111 -5.24 -18.51 11.58
C GLY E 111 -6.15 -17.69 10.64
N GLY E 112 -5.74 -16.48 10.28
CA GLY E 112 -6.51 -15.72 9.33
C GLY E 112 -5.73 -15.58 8.02
N SER E 113 -6.33 -15.95 6.88
CA SER E 113 -5.72 -15.79 5.56
C SER E 113 -4.32 -16.48 5.49
N LEU E 114 -3.20 -15.76 5.31
CA LEU E 114 -1.90 -16.48 5.29
C LEU E 114 -1.77 -17.30 6.58
N GLY E 115 -2.29 -16.79 7.70
CA GLY E 115 -2.17 -17.53 8.94
C GLY E 115 -2.94 -18.85 8.93
N ALA E 116 -4.06 -18.91 8.17
CA ALA E 116 -4.82 -20.17 8.05
C ALA E 116 -4.00 -21.14 7.20
N PHE E 117 -3.24 -20.65 6.21
CA PHE E 117 -2.42 -21.50 5.40
C PHE E 117 -1.30 -22.04 6.29
N VAL E 118 -0.75 -21.22 7.21
CA VAL E 118 0.29 -21.68 8.12
C VAL E 118 -0.29 -22.76 9.05
N ALA E 119 -1.54 -22.60 9.46
CA ALA E 119 -2.16 -23.66 10.29
C ALA E 119 -2.18 -24.97 9.54
N HIS E 120 -2.45 -24.93 8.25
CA HIS E 120 -2.41 -26.14 7.45
C HIS E 120 -1.01 -26.72 7.39
N LEU E 121 -0.01 -25.86 7.17
CA LEU E 121 1.40 -26.37 7.14
C LEU E 121 1.70 -27.06 8.46
N LEU E 122 1.23 -26.51 9.58
CA LEU E 122 1.48 -27.14 10.89
C LEU E 122 0.82 -28.52 10.98
N LEU E 123 -0.46 -28.60 10.58
CA LEU E 123 -1.18 -29.89 10.64
C LEU E 123 -0.51 -30.93 9.69
N ALA E 124 -0.02 -30.48 8.55
CA ALA E 124 0.60 -31.38 7.58
C ALA E 124 1.92 -31.92 8.11
N GLU E 125 2.50 -31.21 9.07
CA GLU E 125 3.77 -31.63 9.69
C GLU E 125 3.57 -32.32 11.03
N GLY E 126 2.33 -32.67 11.34
CA GLY E 126 2.10 -33.45 12.57
C GLY E 126 1.86 -32.71 13.86
N PHE E 127 1.65 -31.40 13.78
CA PHE E 127 1.30 -30.61 14.97
C PHE E 127 -0.11 -31.03 15.32
N ARG E 128 -0.33 -31.31 16.60
CA ARG E 128 -1.64 -31.78 17.02
C ARG E 128 -2.35 -30.97 18.12
N PRO E 129 -2.87 -29.79 17.77
CA PRO E 129 -3.61 -28.98 18.72
C PRO E 129 -5.03 -29.71 18.91
N ARG E 130 -5.84 -29.18 19.83
N ARG E 130 -5.83 -29.18 19.83
CA ARG E 130 -7.16 -29.74 20.09
CA ARG E 130 -7.14 -29.73 20.11
C ARG E 130 -8.18 -29.38 18.98
C ARG E 130 -8.19 -29.35 19.04
N GLY E 131 -7.86 -28.35 18.20
CA GLY E 131 -8.77 -27.95 17.13
C GLY E 131 -8.19 -26.69 16.49
N VAL E 132 -8.66 -26.46 15.25
CA VAL E 132 -8.09 -25.35 14.46
C VAL E 132 -9.23 -24.59 13.81
N LEU E 133 -9.12 -23.25 13.89
CA LEU E 133 -10.04 -22.35 13.15
C LEU E 133 -9.21 -21.79 12.01
N ALA E 134 -9.73 -21.96 10.79
CA ALA E 134 -9.10 -21.39 9.58
C ALA E 134 -10.02 -20.34 8.98
N PHE E 135 -9.74 -19.05 9.29
CA PHE E 135 -10.57 -17.97 8.78
C PHE E 135 -10.03 -17.44 7.48
N ILE E 136 -10.97 -17.22 6.51
CA ILE E 136 -10.74 -16.61 5.20
C ILE E 136 -9.47 -17.09 4.55
N GLY E 137 -9.37 -18.39 4.48
CA GLY E 137 -8.15 -18.96 3.95
C GLY E 137 -8.33 -20.27 3.26
N SER E 138 -7.22 -20.93 3.05
CA SER E 138 -7.15 -22.15 2.22
C SER E 138 -5.93 -22.98 2.60
N GLY E 139 -5.98 -24.27 2.31
CA GLY E 139 -4.84 -25.20 2.52
C GLY E 139 -3.99 -25.40 1.23
N PHE E 140 -4.27 -24.62 0.18
CA PHE E 140 -3.49 -24.56 -1.03
C PHE E 140 -2.88 -23.14 -1.13
N PRO E 141 -1.67 -23.03 -1.67
CA PRO E 141 -1.07 -21.69 -1.80
C PRO E 141 -1.82 -20.93 -2.93
N MSE E 142 -1.70 -19.60 -2.97
CA MSE E 142 -2.46 -18.80 -3.97
C MSE E 142 -2.13 -19.16 -5.42
O MSE E 142 -1.04 -19.65 -5.74
CB MSE E 142 -2.18 -17.33 -3.78
CG MSE E 142 -0.72 -16.90 -4.22
SE MSE E 142 -0.35 -15.07 -3.91
CE MSE E 142 0.27 -15.11 -2.12
N LYS E 143 -3.13 -18.99 -6.29
CA LYS E 143 -2.94 -19.22 -7.71
C LYS E 143 -1.68 -18.44 -8.11
N LEU E 144 -0.78 -19.11 -8.83
CA LEU E 144 0.52 -18.60 -9.26
C LEU E 144 0.62 -17.91 -10.63
N PRO E 145 0.70 -16.58 -10.65
CA PRO E 145 0.82 -15.78 -11.90
C PRO E 145 2.00 -16.18 -12.87
N GLN E 146 1.75 -16.21 -14.17
CA GLN E 146 2.83 -16.56 -15.10
C GLN E 146 3.95 -15.52 -14.98
N GLY E 147 3.65 -14.37 -14.36
CA GLY E 147 4.65 -13.31 -14.19
C GLY E 147 5.38 -13.25 -12.85
N GLN E 148 5.46 -14.37 -12.14
CA GLN E 148 6.18 -14.40 -10.87
C GLN E 148 7.39 -15.30 -11.00
N VAL E 149 8.45 -14.98 -10.27
CA VAL E 149 9.68 -15.75 -10.27
C VAL E 149 9.71 -16.59 -8.96
N VAL E 150 9.70 -17.91 -9.05
CA VAL E 150 9.72 -18.74 -7.83
C VAL E 150 10.87 -19.72 -7.97
N GLU E 151 11.90 -19.48 -7.21
CA GLU E 151 13.09 -20.32 -7.24
C GLU E 151 13.40 -21.00 -5.91
N ASP E 152 12.93 -20.42 -4.81
CA ASP E 152 13.18 -20.98 -3.48
C ASP E 152 12.62 -22.40 -3.47
N PRO E 153 13.45 -23.44 -3.25
CA PRO E 153 12.98 -24.82 -3.26
C PRO E 153 11.93 -25.12 -2.23
N GLY E 154 12.02 -24.36 -1.12
CA GLY E 154 11.06 -24.58 -0.05
C GLY E 154 9.69 -24.09 -0.46
N VAL E 155 9.65 -23.04 -1.29
CA VAL E 155 8.31 -22.53 -1.71
C VAL E 155 7.85 -23.42 -2.86
N LEU E 156 8.79 -23.84 -3.69
CA LEU E 156 8.38 -24.74 -4.77
C LEU E 156 7.79 -25.97 -4.20
N ALA E 157 8.33 -26.47 -3.11
CA ALA E 157 7.80 -27.68 -2.51
C ALA E 157 6.32 -27.54 -2.06
N LEU E 158 5.90 -26.33 -1.65
CA LEU E 158 4.53 -26.09 -1.23
C LEU E 158 3.58 -26.16 -2.39
N TYR E 159 4.04 -25.76 -3.58
CA TYR E 159 3.20 -25.85 -4.76
C TYR E 159 3.19 -27.29 -5.27
N GLN E 160 4.32 -27.97 -5.11
CA GLN E 160 4.38 -29.36 -5.56
C GLN E 160 3.46 -30.24 -4.68
N ALA E 161 3.44 -30.02 -3.36
CA ALA E 161 2.64 -30.87 -2.47
C ALA E 161 2.05 -29.96 -1.41
N PRO E 162 0.95 -29.29 -1.74
CA PRO E 162 0.29 -28.36 -0.80
C PRO E 162 -0.09 -29.11 0.47
N PRO E 163 -0.15 -28.44 1.63
CA PRO E 163 -0.51 -29.17 2.88
C PRO E 163 -1.87 -29.91 2.80
N ALA E 164 -2.87 -29.29 2.16
CA ALA E 164 -4.17 -29.90 2.09
C ALA E 164 -4.20 -31.23 1.32
N THR E 165 -3.13 -31.52 0.59
CA THR E 165 -3.03 -32.81 -0.12
C THR E 165 -2.38 -33.86 0.76
N ARG E 166 -2.03 -33.53 2.01
CA ARG E 166 -1.39 -34.49 2.93
C ARG E 166 -2.30 -34.78 4.11
N GLY E 167 -3.61 -34.90 3.84
CA GLY E 167 -4.56 -35.08 4.89
C GLY E 167 -4.31 -36.26 5.81
N GLU E 168 -3.61 -37.27 5.30
CA GLU E 168 -3.35 -38.40 6.11
C GLU E 168 -2.49 -37.98 7.32
N ALA E 169 -1.80 -36.86 7.22
CA ALA E 169 -0.93 -36.43 8.29
C ALA E 169 -1.61 -35.55 9.34
N TYR E 170 -2.86 -35.18 9.04
CA TYR E 170 -3.60 -34.28 9.95
C TYR E 170 -4.14 -34.89 11.24
N GLY E 171 -4.11 -36.22 11.31
CA GLY E 171 -4.58 -36.83 12.51
C GLY E 171 -6.05 -36.59 12.92
N GLY E 172 -6.84 -36.21 11.94
CA GLY E 172 -8.26 -35.92 12.18
C GLY E 172 -8.49 -34.81 13.18
N VAL E 173 -7.51 -33.88 13.29
CA VAL E 173 -7.65 -32.77 14.21
C VAL E 173 -8.90 -31.91 13.80
N PRO E 174 -9.79 -31.57 14.75
CA PRO E 174 -10.96 -30.79 14.39
C PRO E 174 -10.57 -29.53 13.63
N LEU E 175 -11.26 -29.28 12.52
CA LEU E 175 -10.87 -28.13 11.70
C LEU E 175 -12.11 -27.54 11.13
N LEU E 176 -12.27 -26.22 11.39
CA LEU E 176 -13.39 -25.48 10.80
C LEU E 176 -12.83 -24.36 9.88
N HIS E 177 -13.30 -24.31 8.63
CA HIS E 177 -12.97 -23.21 7.73
C HIS E 177 -14.17 -22.25 7.75
N LEU E 178 -13.88 -20.94 7.91
CA LEU E 178 -14.93 -19.92 7.98
C LEU E 178 -14.60 -18.99 6.80
N HIS E 179 -15.62 -18.70 5.96
CA HIS E 179 -15.32 -17.93 4.74
C HIS E 179 -16.49 -17.07 4.34
N GLY E 180 -16.15 -16.06 3.55
CA GLY E 180 -17.20 -15.21 2.95
C GLY E 180 -17.38 -15.59 1.49
N SER E 181 -18.66 -15.66 1.07
CA SER E 181 -18.88 -16.09 -0.29
C SER E 181 -18.29 -15.17 -1.36
N ARG E 182 -18.13 -13.88 -1.06
CA ARG E 182 -17.59 -12.95 -2.08
C ARG E 182 -16.10 -12.64 -1.89
N ASP E 183 -15.38 -13.51 -1.19
CA ASP E 183 -13.94 -13.25 -1.05
C ASP E 183 -13.26 -13.42 -2.41
N HIS E 184 -12.52 -12.38 -2.83
CA HIS E 184 -11.80 -12.49 -4.08
C HIS E 184 -10.32 -12.66 -3.86
N ILE E 185 -9.84 -12.52 -2.61
N ILE E 185 -9.83 -12.56 -2.62
CA ILE E 185 -8.42 -12.72 -2.33
CA ILE E 185 -8.40 -12.74 -2.36
C ILE E 185 -8.16 -14.23 -2.24
C ILE E 185 -8.10 -14.24 -2.16
N VAL E 186 -9.06 -14.92 -1.53
CA VAL E 186 -9.00 -16.38 -1.42
C VAL E 186 -10.42 -16.80 -1.87
N PRO E 187 -10.58 -17.17 -3.15
CA PRO E 187 -11.90 -17.56 -3.66
C PRO E 187 -12.52 -18.66 -2.87
N LEU E 188 -13.86 -18.57 -2.67
CA LEU E 188 -14.58 -19.61 -1.97
C LEU E 188 -14.20 -20.98 -2.52
N ALA E 189 -14.07 -21.15 -3.86
CA ALA E 189 -13.77 -22.42 -4.38
C ALA E 189 -12.44 -23.03 -3.86
N ARG E 190 -11.52 -22.18 -3.42
CA ARG E 190 -10.24 -22.72 -2.91
C ARG E 190 -10.45 -23.24 -1.52
N MSE E 191 -11.34 -22.61 -0.76
CA MSE E 191 -11.61 -23.17 0.55
C MSE E 191 -12.38 -24.53 0.34
O MSE E 191 -12.11 -25.54 1.01
CB MSE E 191 -12.46 -22.16 1.38
CG MSE E 191 -12.90 -22.73 2.71
SE MSE E 191 -14.46 -23.97 2.71
CE MSE E 191 -15.81 -22.56 2.83
N GLU E 192 -13.27 -24.56 -0.63
CA GLU E 192 -14.00 -25.82 -0.92
C GLU E 192 -13.04 -26.94 -1.41
N LYS E 193 -12.07 -26.55 -2.22
CA LYS E 193 -11.09 -27.47 -2.73
C LYS E 193 -10.32 -28.06 -1.54
N THR E 194 -9.98 -27.19 -0.57
CA THR E 194 -9.26 -27.63 0.59
C THR E 194 -10.06 -28.73 1.33
N LEU E 195 -11.34 -28.47 1.60
CA LEU E 195 -12.12 -29.45 2.37
C LEU E 195 -12.31 -30.73 1.61
N GLU E 196 -12.44 -30.63 0.31
CA GLU E 196 -12.64 -31.83 -0.54
C GLU E 196 -11.38 -32.68 -0.55
N ALA E 197 -10.23 -32.05 -0.53
CA ALA E 197 -8.98 -32.83 -0.51
C ALA E 197 -8.80 -33.55 0.82
N LEU E 198 -9.26 -32.91 1.89
CA LEU E 198 -9.08 -33.49 3.21
C LEU E 198 -10.17 -34.49 3.59
N ARG E 199 -11.35 -34.33 3.02
CA ARG E 199 -12.51 -35.14 3.41
C ARG E 199 -12.24 -36.65 3.56
N PRO E 200 -11.53 -37.28 2.60
CA PRO E 200 -11.35 -38.74 2.78
C PRO E 200 -10.51 -39.10 3.97
N HIS E 201 -9.80 -38.11 4.50
CA HIS E 201 -8.94 -38.34 5.66
C HIS E 201 -9.58 -37.96 6.99
N TYR E 202 -10.84 -37.60 6.94
CA TYR E 202 -11.60 -37.22 8.14
C TYR E 202 -12.86 -38.09 8.15
N PRO E 203 -12.65 -39.39 8.21
CA PRO E 203 -13.80 -40.32 8.22
C PRO E 203 -14.70 -40.31 9.44
N GLU E 204 -14.20 -39.72 10.53
CA GLU E 204 -15.01 -39.62 11.76
C GLU E 204 -15.53 -38.19 11.91
N GLY E 205 -15.54 -37.46 10.81
CA GLY E 205 -16.01 -36.07 10.85
C GLY E 205 -15.02 -35.11 11.51
N ARG E 206 -15.52 -34.14 12.26
CA ARG E 206 -14.67 -33.15 12.93
C ARG E 206 -14.16 -32.11 11.91
N LEU E 207 -14.56 -32.22 10.66
CA LEU E 207 -14.20 -31.22 9.60
C LEU E 207 -15.46 -30.44 9.32
N ALA E 208 -15.41 -29.12 9.17
CA ALA E 208 -16.67 -28.37 8.96
C ALA E 208 -16.36 -27.06 8.25
N ARG E 209 -17.42 -26.45 7.73
CA ARG E 209 -17.27 -25.14 7.09
C ARG E 209 -18.43 -24.25 7.51
N PHE E 210 -18.14 -22.94 7.52
CA PHE E 210 -19.16 -21.92 7.82
C PHE E 210 -18.99 -20.91 6.70
N VAL E 211 -20.07 -20.60 5.97
CA VAL E 211 -19.93 -19.56 4.91
C VAL E 211 -20.95 -18.46 5.22
N GLU E 212 -20.49 -17.22 5.22
CA GLU E 212 -21.39 -16.07 5.49
C GLU E 212 -21.63 -15.53 4.08
N GLU E 213 -22.89 -15.57 3.67
CA GLU E 213 -23.23 -15.16 2.29
C GLU E 213 -23.10 -13.67 2.13
N GLY E 214 -22.30 -13.29 1.13
CA GLY E 214 -22.06 -11.86 0.85
C GLY E 214 -20.81 -11.25 1.47
N ALA E 215 -20.26 -11.90 2.48
CA ALA E 215 -19.03 -11.38 3.08
C ALA E 215 -17.85 -11.62 2.19
N GLY E 216 -16.82 -10.79 2.40
CA GLY E 216 -15.61 -10.89 1.60
C GLY E 216 -14.42 -11.42 2.43
N HIS E 217 -13.28 -10.87 2.17
CA HIS E 217 -12.04 -11.30 2.82
C HIS E 217 -11.80 -10.52 4.10
N THR E 218 -12.72 -10.70 5.08
CA THR E 218 -12.57 -10.04 6.35
C THR E 218 -13.07 -11.08 7.40
N LEU E 219 -12.51 -11.01 8.59
CA LEU E 219 -12.87 -11.93 9.68
C LEU E 219 -14.01 -11.23 10.39
N THR E 220 -15.25 -11.51 9.95
CA THR E 220 -16.43 -10.80 10.48
C THR E 220 -16.80 -11.15 11.89
N PRO E 221 -17.57 -10.30 12.55
CA PRO E 221 -18.00 -10.57 13.92
C PRO E 221 -18.77 -11.90 14.00
N LEU E 222 -19.62 -12.19 13.03
CA LEU E 222 -20.37 -13.47 13.04
C LEU E 222 -19.38 -14.64 12.88
N MSE E 223 -18.39 -14.51 11.98
CA MSE E 223 -17.42 -15.63 11.85
C MSE E 223 -16.74 -15.81 13.21
O MSE E 223 -16.55 -16.94 13.64
CB MSE E 223 -16.34 -15.31 10.79
CG MSE E 223 -16.84 -15.46 9.37
SE MSE E 223 -15.39 -14.88 8.23
CE MSE E 223 -16.48 -14.36 6.63
N ALA E 224 -16.42 -14.72 13.91
CA ALA E 224 -15.72 -14.91 15.17
C ALA E 224 -16.61 -15.64 16.20
N ARG E 225 -17.88 -15.29 16.20
CA ARG E 225 -18.82 -15.95 17.12
C ARG E 225 -18.93 -17.45 16.84
N VAL E 226 -19.03 -17.81 15.57
CA VAL E 226 -19.17 -19.22 15.19
C VAL E 226 -17.84 -19.96 15.54
N GLY E 227 -16.70 -19.33 15.34
CA GLY E 227 -15.44 -19.99 15.68
C GLY E 227 -15.36 -20.31 17.14
N LEU E 228 -15.83 -19.37 17.98
CA LEU E 228 -15.77 -19.58 19.42
C LEU E 228 -16.65 -20.79 19.80
N ALA E 229 -17.77 -20.97 19.13
CA ALA E 229 -18.68 -22.11 19.43
C ALA E 229 -17.94 -23.40 19.07
N PHE E 230 -17.27 -23.40 17.94
CA PHE E 230 -16.50 -24.61 17.52
C PHE E 230 -15.42 -24.95 18.57
N LEU E 231 -14.71 -23.95 19.09
CA LEU E 231 -13.70 -24.21 20.12
C LEU E 231 -14.31 -24.70 21.37
N GLU E 232 -15.39 -24.06 21.84
CA GLU E 232 -15.96 -24.51 23.09
C GLU E 232 -16.49 -25.95 22.96
N HIS E 233 -17.04 -26.27 21.80
CA HIS E 233 -17.55 -27.64 21.64
C HIS E 233 -16.42 -28.64 21.78
N TRP E 234 -15.29 -28.40 21.12
CA TRP E 234 -14.23 -29.37 21.16
C TRP E 234 -13.49 -29.36 22.49
N LEU E 235 -13.51 -28.24 23.20
CA LEU E 235 -12.84 -28.19 24.52
C LEU E 235 -13.64 -29.02 25.52
N GLU E 236 -14.96 -28.96 25.40
CA GLU E 236 -15.87 -29.64 26.33
C GLU E 236 -16.08 -31.08 25.97
N ALA E 237 -15.70 -31.46 24.77
CA ALA E 237 -15.93 -32.84 24.33
C ALA E 237 -15.14 -33.76 25.22
N ARG E 238 -15.75 -34.88 25.58
CA ARG E 238 -15.04 -35.89 26.38
C ARG E 238 -15.29 -37.24 25.73
N MSE F 1 -28.02 -20.38 34.21
CA MSE F 1 -29.42 -20.43 34.74
C MSE F 1 -29.92 -21.82 35.26
O MSE F 1 -29.35 -22.86 34.96
CB MSE F 1 -30.40 -19.90 33.65
CG MSE F 1 -29.80 -18.93 32.65
SE MSE F 1 -30.57 -17.12 32.47
CE MSE F 1 -31.64 -17.01 34.11
N ARG F 2 -30.98 -21.74 36.07
CA ARG F 2 -31.72 -22.87 36.69
C ARG F 2 -32.79 -23.13 35.60
N VAL F 3 -33.43 -24.30 35.56
CA VAL F 3 -34.38 -24.60 34.49
C VAL F 3 -35.76 -25.15 34.71
N ARG F 4 -36.61 -24.22 35.06
CA ARG F 4 -37.99 -24.52 35.31
C ARG F 4 -38.56 -25.01 33.99
N THR F 5 -39.36 -26.04 34.06
CA THR F 5 -39.98 -26.48 32.85
C THR F 5 -41.45 -26.61 33.15
N GLU F 6 -42.28 -26.10 32.24
CA GLU F 6 -43.72 -26.17 32.42
C GLU F 6 -44.48 -26.28 31.13
N ARG F 7 -45.81 -26.39 31.22
CA ARG F 7 -46.66 -26.41 30.06
C ARG F 7 -47.38 -25.09 30.09
N LEU F 8 -47.39 -24.39 29.00
CA LEU F 8 -48.11 -23.14 28.93
C LEU F 8 -49.21 -23.41 27.92
N THR F 9 -50.31 -22.67 28.01
CA THR F 9 -51.36 -22.81 27.01
C THR F 9 -51.14 -21.61 26.16
N LEU F 10 -50.83 -21.83 24.88
CA LEU F 10 -50.67 -20.72 24.00
C LEU F 10 -51.37 -21.17 22.69
N ALA F 11 -52.15 -20.25 22.12
CA ALA F 11 -52.82 -20.53 20.84
C ALA F 11 -53.58 -21.87 20.78
N GLY F 12 -54.19 -22.30 21.91
CA GLY F 12 -54.95 -23.54 21.93
C GLY F 12 -54.18 -24.82 22.02
N LEU F 13 -52.85 -24.73 22.26
CA LEU F 13 -51.98 -25.87 22.33
C LEU F 13 -51.24 -25.96 23.67
N SER F 14 -50.82 -27.18 24.01
CA SER F 14 -50.02 -27.39 25.21
C SER F 14 -48.57 -27.18 24.75
N VAL F 15 -47.99 -26.04 25.18
CA VAL F 15 -46.62 -25.72 24.72
C VAL F 15 -45.62 -25.98 25.84
N LEU F 16 -44.66 -26.86 25.60
CA LEU F 16 -43.63 -27.16 26.57
C LEU F 16 -42.65 -26.01 26.65
N ALA F 17 -42.35 -25.51 27.87
CA ALA F 17 -41.50 -24.34 28.00
C ALA F 17 -40.31 -24.63 28.92
N ARG F 18 -39.11 -24.19 28.58
CA ARG F 18 -37.96 -24.33 29.53
C ARG F 18 -37.67 -22.83 29.80
N ILE F 19 -37.93 -22.40 31.03
CA ILE F 19 -37.88 -21.00 31.43
C ILE F 19 -36.69 -20.64 32.32
N PRO F 20 -35.73 -19.88 31.81
CA PRO F 20 -34.55 -19.45 32.60
C PRO F 20 -35.05 -18.46 33.64
N GLU F 21 -34.29 -18.27 34.73
CA GLU F 21 -34.71 -17.31 35.74
C GLU F 21 -34.71 -15.91 35.18
N ALA F 22 -33.77 -15.57 34.30
CA ALA F 22 -33.80 -14.20 33.72
C ALA F 22 -33.73 -14.28 32.18
N PRO F 23 -34.85 -14.62 31.55
CA PRO F 23 -34.79 -14.73 30.07
C PRO F 23 -34.46 -13.50 29.27
N LYS F 24 -33.71 -13.66 28.16
CA LYS F 24 -33.35 -12.55 27.31
C LYS F 24 -34.05 -12.60 25.96
N ALA F 25 -34.62 -13.75 25.64
CA ALA F 25 -35.27 -13.87 24.34
C ALA F 25 -36.09 -15.14 24.34
N LEU F 26 -36.99 -15.26 23.32
CA LEU F 26 -37.78 -16.47 23.20
C LEU F 26 -37.24 -17.28 21.96
N LEU F 27 -37.29 -18.59 22.06
CA LEU F 27 -36.93 -19.44 20.92
C LEU F 27 -38.06 -20.48 20.77
N LEU F 28 -38.84 -20.35 19.68
CA LEU F 28 -39.90 -21.33 19.41
C LEU F 28 -39.22 -22.44 18.51
N ALA F 29 -39.22 -23.70 19.01
CA ALA F 29 -38.56 -24.79 18.28
C ALA F 29 -39.59 -25.68 17.69
N LEU F 30 -39.42 -25.98 16.40
CA LEU F 30 -40.34 -26.82 15.61
C LEU F 30 -39.63 -28.14 15.24
N HIS F 31 -40.13 -29.22 15.81
CA HIS F 31 -39.55 -30.56 15.56
C HIS F 31 -39.75 -31.12 14.17
N GLY F 32 -39.04 -32.22 13.89
CA GLY F 32 -39.17 -32.78 12.56
C GLY F 32 -40.15 -33.94 12.48
N LEU F 33 -40.23 -34.53 11.30
CA LEU F 33 -41.14 -35.66 11.14
C LEU F 33 -40.76 -36.80 12.10
N GLN F 34 -41.78 -37.41 12.73
CA GLN F 34 -41.64 -38.51 13.67
C GLN F 34 -40.98 -38.00 14.96
N GLY F 35 -40.79 -36.69 15.07
CA GLY F 35 -40.22 -36.16 16.30
C GLY F 35 -41.29 -35.72 17.29
N SER F 36 -40.91 -34.89 18.25
CA SER F 36 -41.83 -34.38 19.29
C SER F 36 -41.30 -33.09 19.94
N LYS F 37 -42.11 -32.46 20.76
CA LYS F 37 -41.68 -31.21 21.45
C LYS F 37 -40.57 -31.54 22.41
N GLU F 38 -40.62 -32.67 23.09
CA GLU F 38 -39.52 -33.01 24.00
C GLU F 38 -38.25 -33.26 23.29
N HIS F 39 -38.33 -34.02 22.19
CA HIS F 39 -37.15 -34.42 21.39
C HIS F 39 -36.42 -33.18 20.87
N ILE F 40 -37.13 -32.22 20.25
CA ILE F 40 -36.38 -31.08 19.73
C ILE F 40 -35.74 -30.22 20.84
N LEU F 41 -36.40 -30.04 21.99
CA LEU F 41 -35.76 -29.24 23.06
C LEU F 41 -34.51 -29.96 23.61
N ALA F 42 -34.56 -31.30 23.67
CA ALA F 42 -33.40 -32.06 24.17
C ALA F 42 -32.21 -31.92 23.22
N LEU F 43 -32.49 -31.60 21.93
CA LEU F 43 -31.42 -31.45 20.95
C LEU F 43 -30.81 -30.06 20.98
N LEU F 44 -31.33 -29.17 21.87
CA LEU F 44 -30.79 -27.82 22.04
C LEU F 44 -30.20 -27.59 23.43
N PRO F 45 -29.25 -28.44 23.82
CA PRO F 45 -28.64 -28.27 25.14
C PRO F 45 -27.95 -26.93 25.27
N GLY F 46 -28.01 -26.37 26.49
CA GLY F 46 -27.35 -25.11 26.75
C GLY F 46 -28.05 -23.86 26.38
N TYR F 47 -29.15 -23.96 25.63
CA TYR F 47 -29.84 -22.76 25.22
C TYR F 47 -30.55 -22.04 26.32
N ALA F 48 -31.37 -22.73 27.12
CA ALA F 48 -32.05 -22.08 28.26
C ALA F 48 -31.04 -21.61 29.31
N GLU F 49 -29.92 -22.34 29.45
CA GLU F 49 -28.88 -21.97 30.44
C GLU F 49 -28.24 -20.62 30.04
N ARG F 50 -28.30 -20.24 28.77
CA ARG F 50 -27.80 -18.97 28.29
C ARG F 50 -28.89 -17.90 28.23
N GLY F 51 -30.12 -18.20 28.64
CA GLY F 51 -31.11 -17.15 28.65
C GLY F 51 -32.23 -17.23 27.63
N PHE F 52 -32.25 -18.31 26.85
CA PHE F 52 -33.33 -18.41 25.90
C PHE F 52 -34.52 -19.14 26.50
N LEU F 53 -35.68 -18.49 26.45
CA LEU F 53 -36.91 -19.15 26.95
C LEU F 53 -37.37 -20.06 25.79
N LEU F 54 -37.23 -21.37 25.95
CA LEU F 54 -37.52 -22.35 24.88
C LEU F 54 -38.98 -22.74 24.89
N LEU F 55 -39.64 -22.75 23.73
CA LEU F 55 -41.07 -23.12 23.61
C LEU F 55 -41.11 -24.16 22.51
N ALA F 56 -41.79 -25.28 22.74
CA ALA F 56 -41.96 -26.29 21.66
C ALA F 56 -43.32 -26.90 21.81
N PHE F 57 -43.99 -27.16 20.68
CA PHE F 57 -45.27 -27.89 20.81
C PHE F 57 -45.26 -29.03 19.79
N ASP F 58 -46.12 -30.05 20.00
CA ASP F 58 -46.19 -31.15 19.08
C ASP F 58 -46.94 -30.77 17.83
N ALA F 59 -46.40 -31.22 16.68
CA ALA F 59 -47.07 -30.95 15.41
C ALA F 59 -48.29 -31.86 15.30
N PRO F 60 -49.21 -31.58 14.37
CA PRO F 60 -50.39 -32.43 14.17
C PRO F 60 -49.87 -33.86 13.99
N ARG F 61 -50.59 -34.82 14.58
CA ARG F 61 -50.31 -36.24 14.54
C ARG F 61 -49.04 -36.72 15.20
N HIS F 62 -48.37 -35.84 15.95
CA HIS F 62 -47.16 -36.26 16.59
C HIS F 62 -47.19 -36.16 18.09
N GLY F 63 -46.20 -36.84 18.71
CA GLY F 63 -46.05 -36.74 20.16
C GLY F 63 -47.28 -37.18 20.94
N GLU F 64 -47.88 -36.27 21.69
CA GLU F 64 -49.06 -36.59 22.50
C GLU F 64 -50.30 -36.45 21.68
N ARG F 65 -50.17 -35.90 20.48
CA ARG F 65 -51.35 -35.67 19.66
C ARG F 65 -51.76 -36.95 19.01
N GLU F 66 -53.06 -37.01 18.82
CA GLU F 66 -53.64 -38.18 18.32
C GLU F 66 -53.30 -38.54 16.91
N GLY F 67 -53.20 -39.84 16.73
CA GLY F 67 -53.01 -40.48 15.45
C GLY F 67 -51.61 -40.91 15.22
N PRO F 68 -51.39 -42.00 14.43
CA PRO F 68 -49.98 -42.31 14.23
C PRO F 68 -49.60 -41.24 13.19
N PRO F 69 -48.33 -40.98 13.11
CA PRO F 69 -47.80 -40.00 12.19
C PRO F 69 -47.89 -40.62 10.77
N PRO F 70 -47.58 -39.82 9.75
CA PRO F 70 -47.60 -40.28 8.37
C PRO F 70 -46.66 -41.50 8.31
N SER F 71 -46.94 -42.42 7.39
CA SER F 71 -46.12 -43.62 7.22
C SER F 71 -45.51 -43.63 5.84
N SER F 72 -44.19 -43.75 5.77
CA SER F 72 -43.52 -43.72 4.51
C SER F 72 -43.91 -44.79 3.59
N LYS F 73 -44.50 -45.84 4.13
CA LYS F 73 -44.94 -46.87 3.24
C LYS F 73 -46.37 -46.72 2.69
N SER F 74 -46.94 -45.50 2.71
CA SER F 74 -48.36 -45.30 2.24
C SER F 74 -48.41 -44.47 0.99
N PRO F 75 -49.37 -44.72 0.10
CA PRO F 75 -49.43 -43.90 -1.12
C PRO F 75 -49.82 -42.47 -0.81
N ARG F 76 -50.35 -42.21 0.37
CA ARG F 76 -50.74 -40.84 0.70
C ARG F 76 -49.70 -40.23 1.67
N TYR F 77 -48.54 -40.83 1.79
CA TYR F 77 -47.49 -40.32 2.72
C TYR F 77 -47.14 -38.84 2.53
N VAL F 78 -46.76 -38.47 1.32
CA VAL F 78 -46.35 -37.10 1.08
C VAL F 78 -47.51 -36.17 1.36
N GLU F 79 -48.71 -36.49 0.88
CA GLU F 79 -49.86 -35.63 1.19
C GLU F 79 -50.01 -35.44 2.70
N GLU F 80 -49.95 -36.56 3.44
CA GLU F 80 -50.10 -36.50 4.91
C GLU F 80 -48.99 -35.70 5.57
N VAL F 81 -47.76 -35.85 5.12
CA VAL F 81 -46.61 -35.12 5.72
C VAL F 81 -46.83 -33.61 5.52
N TYR F 82 -47.26 -33.17 4.34
CA TYR F 82 -47.37 -31.73 4.13
C TYR F 82 -48.67 -31.18 4.69
N ARG F 83 -49.70 -32.02 4.87
CA ARG F 83 -50.87 -31.59 5.56
C ARG F 83 -50.41 -31.30 7.02
N VAL F 84 -49.56 -32.17 7.59
CA VAL F 84 -49.03 -31.92 8.95
C VAL F 84 -48.21 -30.61 8.92
N ALA F 85 -47.40 -30.41 7.89
CA ALA F 85 -46.58 -29.17 7.83
C ALA F 85 -47.47 -27.92 7.77
N LEU F 86 -48.54 -27.96 6.97
CA LEU F 86 -49.42 -26.79 6.79
C LEU F 86 -50.13 -26.52 8.11
N GLY F 87 -50.56 -27.52 8.85
CA GLY F 87 -51.20 -27.27 10.18
C GLY F 87 -50.16 -26.77 11.17
N PHE F 88 -48.95 -27.35 11.11
CA PHE F 88 -47.90 -26.96 12.07
C PHE F 88 -47.53 -25.51 11.84
N LYS F 89 -47.53 -25.11 10.57
CA LYS F 89 -47.23 -23.73 10.25
C LYS F 89 -48.32 -22.78 10.75
N GLU F 90 -49.57 -23.13 10.54
CA GLU F 90 -50.68 -22.25 10.97
C GLU F 90 -50.68 -22.11 12.48
N GLU F 91 -50.40 -23.20 13.17
CA GLU F 91 -50.35 -23.20 14.62
C GLU F 91 -49.13 -22.44 15.11
N ALA F 92 -48.00 -22.65 14.46
CA ALA F 92 -46.78 -22.00 14.96
C ALA F 92 -46.85 -20.51 14.87
N ARG F 93 -47.45 -19.99 13.81
CA ARG F 93 -47.57 -18.53 13.67
C ARG F 93 -48.35 -17.98 14.84
N ARG F 94 -49.45 -18.67 15.20
CA ARG F 94 -50.27 -18.15 16.33
C ARG F 94 -49.56 -18.33 17.67
N VAL F 95 -48.84 -19.42 17.85
CA VAL F 95 -48.10 -19.61 19.11
C VAL F 95 -47.04 -18.49 19.22
N ALA F 96 -46.31 -18.21 18.13
CA ALA F 96 -45.28 -17.19 18.21
C ALA F 96 -45.84 -15.82 18.48
N GLU F 97 -46.99 -15.53 17.87
CA GLU F 97 -47.58 -14.21 18.07
C GLU F 97 -48.01 -14.03 19.49
N GLU F 98 -48.57 -15.06 20.08
CA GLU F 98 -49.06 -14.93 21.45
C GLU F 98 -47.91 -14.89 22.45
N ALA F 99 -46.88 -15.70 22.19
CA ALA F 99 -45.70 -15.70 23.06
C ALA F 99 -45.04 -14.30 23.03
N GLU F 100 -44.98 -13.65 21.88
CA GLU F 100 -44.35 -12.31 21.80
C GLU F 100 -45.16 -11.33 22.64
N ARG F 101 -46.47 -11.44 22.53
CA ARG F 101 -47.32 -10.54 23.29
C ARG F 101 -47.27 -10.81 24.78
N ARG F 102 -47.32 -12.06 25.18
CA ARG F 102 -47.34 -12.35 26.61
C ARG F 102 -46.01 -12.06 27.35
N PHE F 103 -44.88 -12.39 26.70
CA PHE F 103 -43.58 -12.23 27.32
C PHE F 103 -42.85 -10.94 26.97
N GLY F 104 -43.21 -10.28 25.88
CA GLY F 104 -42.56 -9.02 25.51
C GLY F 104 -41.08 -9.09 25.23
N LEU F 105 -40.62 -10.27 24.84
CA LEU F 105 -39.21 -10.53 24.54
C LEU F 105 -39.05 -10.82 23.04
N PRO F 106 -37.87 -10.49 22.47
CA PRO F 106 -37.64 -10.78 21.03
C PRO F 106 -37.71 -12.31 20.84
N LEU F 107 -38.26 -12.75 19.70
CA LEU F 107 -38.44 -14.18 19.44
C LEU F 107 -37.66 -14.63 18.22
N PHE F 108 -37.06 -15.80 18.35
CA PHE F 108 -36.33 -16.42 17.28
C PHE F 108 -37.03 -17.75 17.00
N LEU F 109 -36.72 -18.34 15.87
N LEU F 109 -36.72 -18.35 15.86
CA LEU F 109 -37.33 -19.61 15.51
CA LEU F 109 -37.29 -19.65 15.51
C LEU F 109 -36.25 -20.64 15.18
C LEU F 109 -36.18 -20.65 15.25
N ALA F 110 -36.46 -21.92 15.51
CA ALA F 110 -35.53 -23.00 15.14
C ALA F 110 -36.39 -24.11 14.66
N GLY F 111 -35.98 -24.75 13.58
CA GLY F 111 -36.78 -25.86 13.12
C GLY F 111 -35.83 -26.97 12.66
N GLY F 112 -36.20 -28.23 12.99
CA GLY F 112 -35.38 -29.30 12.47
C GLY F 112 -36.14 -30.13 11.40
N SER F 113 -35.50 -30.34 10.24
CA SER F 113 -36.07 -31.16 9.12
C SER F 113 -37.50 -30.62 8.76
N LEU F 114 -38.61 -31.35 8.96
CA LEU F 114 -39.93 -30.76 8.62
C LEU F 114 -40.15 -29.41 9.30
N GLY F 115 -39.63 -29.26 10.51
CA GLY F 115 -39.76 -28.02 11.21
C GLY F 115 -38.99 -26.88 10.52
N ALA F 116 -37.85 -27.15 9.89
CA ALA F 116 -37.13 -26.09 9.19
C ALA F 116 -37.96 -25.75 7.95
N PHE F 117 -38.61 -26.74 7.31
CA PHE F 117 -39.46 -26.39 6.13
C PHE F 117 -40.61 -25.51 6.61
N VAL F 118 -41.15 -25.81 7.77
CA VAL F 118 -42.23 -24.94 8.31
C VAL F 118 -41.68 -23.50 8.54
N ALA F 119 -40.45 -23.40 9.06
CA ALA F 119 -39.86 -22.09 9.28
C ALA F 119 -39.85 -21.32 7.95
N HIS F 120 -39.45 -21.98 6.88
CA HIS F 120 -39.45 -21.35 5.57
C HIS F 120 -40.89 -20.92 5.18
N LEU F 121 -41.89 -21.78 5.42
CA LEU F 121 -43.28 -21.39 5.10
C LEU F 121 -43.64 -20.14 5.86
N LEU F 122 -43.21 -20.03 7.13
CA LEU F 122 -43.54 -18.84 7.94
C LEU F 122 -42.83 -17.63 7.34
N LEU F 123 -41.54 -17.71 7.05
CA LEU F 123 -40.86 -16.57 6.43
C LEU F 123 -41.50 -16.16 5.10
N ALA F 124 -41.89 -17.12 4.28
CA ALA F 124 -42.46 -16.80 2.97
C ALA F 124 -43.83 -16.12 3.10
N GLU F 125 -44.44 -16.22 4.27
CA GLU F 125 -45.76 -15.61 4.49
C GLU F 125 -45.61 -14.34 5.31
N GLY F 126 -44.38 -13.89 5.47
CA GLY F 126 -44.23 -12.61 6.14
C GLY F 126 -43.99 -12.55 7.62
N PHE F 127 -43.85 -13.72 8.24
CA PHE F 127 -43.55 -13.76 9.67
C PHE F 127 -42.12 -13.22 9.84
N ARG F 128 -41.94 -12.37 10.87
CA ARG F 128 -40.69 -11.71 11.09
C ARG F 128 -40.05 -11.89 12.46
N PRO F 129 -39.50 -13.08 12.72
CA PRO F 129 -38.81 -13.29 14.01
C PRO F 129 -37.42 -12.53 13.84
N ARG F 130 -36.63 -12.55 14.90
CA ARG F 130 -35.33 -11.83 14.89
C ARG F 130 -34.25 -12.68 14.25
N GLY F 131 -34.55 -13.95 14.04
CA GLY F 131 -33.56 -14.81 13.40
C GLY F 131 -34.13 -16.21 13.34
N VAL F 132 -33.55 -17.04 12.47
CA VAL F 132 -34.04 -18.45 12.27
C VAL F 132 -32.90 -19.44 12.11
N LEU F 133 -32.99 -20.55 12.88
CA LEU F 133 -32.04 -21.64 12.73
C LEU F 133 -32.83 -22.73 11.96
N ALA F 134 -32.31 -23.12 10.80
CA ALA F 134 -32.87 -24.20 10.01
C ALA F 134 -31.89 -25.34 10.04
N PHE F 135 -32.22 -26.35 10.86
CA PHE F 135 -31.38 -27.53 10.99
C PHE F 135 -31.83 -28.68 10.07
N ILE F 136 -30.86 -29.31 9.45
CA ILE F 136 -31.03 -30.56 8.64
C ILE F 136 -32.28 -30.47 7.81
N GLY F 137 -32.37 -29.36 7.09
CA GLY F 137 -33.58 -29.13 6.31
C GLY F 137 -33.40 -28.32 5.03
N SER F 138 -34.53 -27.88 4.51
CA SER F 138 -34.62 -27.23 3.19
C SER F 138 -35.88 -26.43 3.03
N GLY F 139 -35.85 -25.45 2.12
CA GLY F 139 -37.03 -24.64 1.83
C GLY F 139 -37.83 -25.17 0.63
N PHE F 140 -37.51 -26.38 0.17
CA PHE F 140 -38.28 -27.05 -0.88
C PHE F 140 -38.84 -28.34 -0.30
N PRO F 141 -40.03 -28.73 -0.73
CA PRO F 141 -40.57 -30.01 -0.19
C PRO F 141 -39.77 -31.17 -0.79
N MSE F 142 -39.91 -32.35 -0.19
CA MSE F 142 -39.11 -33.51 -0.65
C MSE F 142 -39.46 -33.91 -2.07
O MSE F 142 -40.59 -33.71 -2.53
CB MSE F 142 -39.34 -34.72 0.23
CG MSE F 142 -40.72 -35.31 0.14
SE MSE F 142 -41.08 -36.79 1.37
CE MSE F 142 -41.69 -35.85 2.68
N LYS F 143 -38.49 -34.54 -2.73
CA LYS F 143 -38.77 -35.04 -4.10
C LYS F 143 -39.84 -36.11 -3.89
N LEU F 144 -40.78 -36.15 -4.82
N LEU F 144 -40.75 -36.19 -4.85
CA LEU F 144 -41.88 -37.10 -4.67
CA LEU F 144 -41.84 -37.14 -4.73
C LEU F 144 -41.49 -38.54 -5.01
C LEU F 144 -41.45 -38.58 -5.03
N PRO F 145 -41.64 -39.49 -4.07
CA PRO F 145 -41.27 -40.89 -4.42
C PRO F 145 -42.34 -41.44 -5.41
N GLN F 146 -41.95 -42.40 -6.22
CA GLN F 146 -42.94 -43.07 -7.08
C GLN F 146 -44.00 -43.79 -6.25
N GLY F 147 -45.24 -43.68 -6.69
CA GLY F 147 -46.32 -44.39 -6.00
C GLY F 147 -47.11 -43.43 -5.13
N GLN F 148 -46.63 -42.20 -5.01
CA GLN F 148 -47.42 -41.26 -4.19
C GLN F 148 -48.62 -40.67 -4.98
N VAL F 149 -49.72 -40.46 -4.28
CA VAL F 149 -50.91 -39.88 -4.87
C VAL F 149 -51.03 -38.52 -4.14
N VAL F 150 -50.93 -37.45 -4.91
CA VAL F 150 -51.02 -36.12 -4.33
C VAL F 150 -52.09 -35.35 -5.07
N GLU F 151 -53.23 -35.16 -4.40
CA GLU F 151 -54.38 -34.48 -4.99
C GLU F 151 -54.77 -33.28 -4.15
N ASP F 152 -54.26 -33.24 -2.93
CA ASP F 152 -54.62 -32.12 -2.06
C ASP F 152 -54.24 -30.80 -2.65
N PRO F 153 -55.18 -29.85 -2.75
CA PRO F 153 -54.77 -28.58 -3.33
C PRO F 153 -53.63 -27.80 -2.57
N GLY F 154 -53.70 -27.78 -1.23
CA GLY F 154 -52.70 -27.02 -0.50
C GLY F 154 -51.32 -27.66 -0.68
N VAL F 155 -51.29 -28.99 -0.74
CA VAL F 155 -49.98 -29.64 -0.88
C VAL F 155 -49.47 -29.43 -2.32
N LEU F 156 -50.35 -29.55 -3.33
CA LEU F 156 -49.87 -29.34 -4.68
C LEU F 156 -49.30 -27.91 -4.80
N ALA F 157 -49.90 -26.96 -4.07
CA ALA F 157 -49.44 -25.56 -4.15
C ALA F 157 -48.05 -25.36 -3.59
N LEU F 158 -47.62 -26.17 -2.60
CA LEU F 158 -46.29 -26.12 -2.05
C LEU F 158 -45.30 -26.59 -3.12
N TYR F 159 -45.67 -27.62 -3.92
CA TYR F 159 -44.79 -28.05 -5.00
C TYR F 159 -44.79 -27.04 -6.17
N GLN F 160 -45.95 -26.44 -6.43
CA GLN F 160 -46.01 -25.42 -7.49
C GLN F 160 -45.16 -24.19 -7.18
N ALA F 161 -45.13 -23.78 -5.90
CA ALA F 161 -44.36 -22.59 -5.50
C ALA F 161 -43.81 -22.78 -4.08
N PRO F 162 -42.67 -23.48 -3.99
CA PRO F 162 -42.05 -23.72 -2.69
C PRO F 162 -41.69 -22.39 -1.98
N PRO F 163 -41.69 -22.40 -0.63
CA PRO F 163 -41.38 -21.15 0.10
C PRO F 163 -40.07 -20.53 -0.31
N ALA F 164 -39.02 -21.32 -0.50
CA ALA F 164 -37.73 -20.77 -0.89
C ALA F 164 -37.69 -20.02 -2.22
N THR F 165 -38.74 -20.14 -3.05
CA THR F 165 -38.78 -19.42 -4.34
C THR F 165 -39.38 -18.03 -4.11
N ARG F 166 -39.78 -17.69 -2.88
CA ARG F 166 -40.41 -16.41 -2.53
C ARG F 166 -39.48 -15.59 -1.62
N GLY F 167 -38.17 -15.58 -1.91
CA GLY F 167 -37.23 -14.86 -1.05
C GLY F 167 -37.49 -13.40 -0.76
N GLU F 168 -38.16 -12.73 -1.68
CA GLU F 168 -38.44 -11.32 -1.46
C GLU F 168 -39.35 -11.13 -0.26
N ALA F 169 -40.11 -12.18 0.10
CA ALA F 169 -41.03 -12.09 1.22
C ALA F 169 -40.38 -12.36 2.55
N TYR F 170 -39.13 -12.82 2.50
CA TYR F 170 -38.40 -13.13 3.75
C TYR F 170 -37.91 -11.92 4.52
N GLY F 171 -37.94 -10.76 3.88
CA GLY F 171 -37.54 -9.57 4.63
C GLY F 171 -36.09 -9.59 5.21
N GLY F 172 -35.22 -10.39 4.59
CA GLY F 172 -33.84 -10.49 5.05
C GLY F 172 -33.72 -10.96 6.50
N VAL F 173 -34.72 -11.68 7.01
CA VAL F 173 -34.62 -12.15 8.44
C VAL F 173 -33.38 -13.03 8.54
N PRO F 174 -32.51 -12.78 9.52
CA PRO F 174 -31.28 -13.61 9.63
C PRO F 174 -31.60 -15.11 9.61
N LEU F 175 -30.85 -15.83 8.75
CA LEU F 175 -31.17 -17.26 8.55
C LEU F 175 -29.89 -18.05 8.41
N LEU F 176 -29.77 -19.09 9.26
CA LEU F 176 -28.60 -19.98 9.21
C LEU F 176 -29.08 -21.39 8.95
N HIS F 177 -28.58 -21.99 7.87
CA HIS F 177 -28.87 -23.42 7.60
C HIS F 177 -27.72 -24.22 8.17
N LEU F 178 -28.03 -25.28 8.93
CA LEU F 178 -26.98 -26.12 9.53
C LEU F 178 -27.28 -27.51 8.95
N HIS F 179 -26.24 -28.14 8.37
CA HIS F 179 -26.48 -29.42 7.66
C HIS F 179 -25.31 -30.35 7.76
N GLY F 180 -25.61 -31.64 7.53
CA GLY F 180 -24.56 -32.66 7.51
C GLY F 180 -24.31 -33.02 6.06
N SER F 181 -23.05 -33.18 5.63
CA SER F 181 -22.77 -33.48 4.25
C SER F 181 -23.28 -34.81 3.73
N ARG F 182 -23.47 -35.78 4.61
CA ARG F 182 -23.94 -37.12 4.20
C ARG F 182 -25.40 -37.35 4.55
N ASP F 183 -26.18 -36.29 4.63
CA ASP F 183 -27.59 -36.49 4.94
C ASP F 183 -28.27 -37.11 3.73
N HIS F 184 -28.95 -38.25 3.90
CA HIS F 184 -29.68 -38.87 2.77
C HIS F 184 -31.20 -38.65 2.83
N ILE F 185 -31.72 -37.98 3.85
CA ILE F 185 -33.14 -37.73 3.94
C ILE F 185 -33.38 -36.39 3.27
N VAL F 186 -32.54 -35.40 3.58
CA VAL F 186 -32.60 -34.08 2.92
C VAL F 186 -31.19 -33.93 2.40
N PRO F 187 -30.97 -34.26 1.15
CA PRO F 187 -29.63 -34.14 0.60
C PRO F 187 -29.04 -32.73 0.73
N LEU F 188 -27.73 -32.67 0.97
CA LEU F 188 -27.06 -31.35 1.04
C LEU F 188 -27.43 -30.50 -0.20
N ALA F 189 -27.60 -31.12 -1.38
CA ALA F 189 -27.91 -30.34 -2.58
C ALA F 189 -29.22 -29.57 -2.43
N ARG F 190 -30.15 -30.12 -1.65
CA ARG F 190 -31.43 -29.40 -1.48
C ARG F 190 -31.24 -28.20 -0.53
N MSE F 191 -30.35 -28.33 0.43
CA MSE F 191 -30.10 -27.17 1.27
C MSE F 191 -29.37 -26.14 0.37
O MSE F 191 -29.66 -24.94 0.41
CB MSE F 191 -29.22 -27.60 2.46
CG MSE F 191 -28.89 -26.44 3.48
SE MSE F 191 -27.46 -25.25 2.91
CE MSE F 191 -26.31 -26.31 3.88
N GLU F 192 -28.48 -26.61 -0.49
CA GLU F 192 -27.77 -25.63 -1.33
C GLU F 192 -28.77 -24.97 -2.29
N LYS F 193 -29.72 -25.74 -2.80
CA LYS F 193 -30.73 -25.20 -3.76
C LYS F 193 -31.52 -24.10 -3.05
N THR F 194 -31.78 -24.29 -1.76
CA THR F 194 -32.52 -23.29 -0.97
C THR F 194 -31.73 -22.00 -0.87
N LEU F 195 -30.43 -22.13 -0.57
CA LEU F 195 -29.61 -20.93 -0.46
C LEU F 195 -29.46 -20.26 -1.79
N GLU F 196 -29.32 -21.02 -2.86
CA GLU F 196 -29.15 -20.45 -4.22
C GLU F 196 -30.38 -19.58 -4.54
N ALA F 197 -31.55 -20.03 -4.10
CA ALA F 197 -32.77 -19.26 -4.38
C ALA F 197 -32.90 -18.02 -3.52
N LEU F 198 -32.43 -18.10 -2.28
CA LEU F 198 -32.53 -16.97 -1.39
C LEU F 198 -31.42 -15.93 -1.42
N ARG F 199 -30.21 -16.34 -1.82
CA ARG F 199 -29.05 -15.41 -1.78
C ARG F 199 -29.32 -14.01 -2.34
N PRO F 200 -29.90 -13.93 -3.54
CA PRO F 200 -30.12 -12.60 -4.12
C PRO F 200 -31.05 -11.70 -3.38
N HIS F 201 -31.89 -12.25 -2.50
CA HIS F 201 -32.84 -11.45 -1.74
C HIS F 201 -32.34 -11.15 -0.36
N TYR F 202 -31.12 -11.59 -0.04
CA TYR F 202 -30.58 -11.37 1.27
C TYR F 202 -29.39 -10.44 1.33
N PRO F 203 -29.48 -9.37 2.11
CA PRO F 203 -28.35 -8.42 2.23
C PRO F 203 -27.13 -9.17 2.82
N GLU F 204 -25.95 -8.64 2.51
CA GLU F 204 -24.66 -9.20 2.97
C GLU F 204 -24.66 -9.55 4.43
N GLY F 205 -24.26 -10.80 4.70
CA GLY F 205 -24.08 -11.19 6.07
C GLY F 205 -25.30 -11.72 6.80
N ARG F 206 -26.48 -11.61 6.19
CA ARG F 206 -27.71 -12.03 6.86
C ARG F 206 -28.10 -13.49 6.63
N LEU F 207 -27.56 -14.05 5.58
CA LEU F 207 -27.79 -15.48 5.23
C LEU F 207 -26.49 -16.23 5.39
N ALA F 208 -26.53 -17.44 6.00
CA ALA F 208 -25.27 -18.19 6.20
C ALA F 208 -25.57 -19.70 6.23
N ARG F 209 -24.48 -20.48 6.13
CA ARG F 209 -24.65 -21.94 6.21
C ARG F 209 -23.49 -22.54 6.99
N PHE F 210 -23.79 -23.65 7.68
CA PHE F 210 -22.74 -24.35 8.45
C PHE F 210 -22.94 -25.79 8.01
N VAL F 211 -21.87 -26.41 7.57
CA VAL F 211 -21.95 -27.80 7.18
C VAL F 211 -20.89 -28.61 7.95
N GLU F 212 -21.37 -29.71 8.56
CA GLU F 212 -20.49 -30.64 9.31
C GLU F 212 -20.20 -31.80 8.39
N GLU F 213 -18.93 -31.95 8.01
CA GLU F 213 -18.55 -32.98 7.05
C GLU F 213 -18.72 -34.34 7.74
N GLY F 214 -19.42 -35.24 7.07
CA GLY F 214 -19.65 -36.57 7.61
C GLY F 214 -20.91 -36.76 8.37
N ALA F 215 -21.52 -35.68 8.85
CA ALA F 215 -22.77 -35.83 9.62
C ALA F 215 -23.92 -36.15 8.66
N GLY F 216 -24.94 -36.83 9.21
CA GLY F 216 -26.11 -37.17 8.41
C GLY F 216 -27.32 -36.38 8.87
N HIS F 217 -28.50 -37.03 8.81
CA HIS F 217 -29.73 -36.36 9.19
C HIS F 217 -29.96 -36.35 10.69
N THR F 218 -29.05 -35.72 11.44
CA THR F 218 -29.15 -35.62 12.90
C THR F 218 -28.76 -34.23 13.32
N LEU F 219 -29.50 -33.68 14.28
CA LEU F 219 -29.15 -32.31 14.79
C LEU F 219 -28.05 -32.64 15.83
N THR F 220 -26.80 -32.45 15.44
CA THR F 220 -25.68 -32.82 16.33
C THR F 220 -25.41 -31.79 17.35
N PRO F 221 -24.69 -32.15 18.42
CA PRO F 221 -24.35 -31.17 19.46
C PRO F 221 -23.47 -30.05 18.87
N LEU F 222 -22.66 -30.32 17.86
CA LEU F 222 -21.84 -29.22 17.29
C LEU F 222 -22.79 -28.27 16.57
N MSE F 223 -23.73 -28.80 15.81
CA MSE F 223 -24.66 -27.88 15.13
C MSE F 223 -25.39 -27.03 16.17
O MSE F 223 -25.65 -25.83 15.96
CB MSE F 223 -25.71 -28.68 14.30
CG MSE F 223 -25.12 -29.28 13.08
SE MSE F 223 -26.56 -30.37 12.23
CE MSE F 223 -25.46 -31.65 11.19
N ALA F 224 -25.82 -27.65 17.25
CA ALA F 224 -26.56 -26.92 18.29
C ALA F 224 -25.74 -25.78 18.85
N ARG F 225 -24.44 -26.05 19.10
CA ARG F 225 -23.57 -24.98 19.66
C ARG F 225 -23.37 -23.83 18.68
N VAL F 226 -23.20 -24.15 17.41
CA VAL F 226 -23.05 -23.11 16.36
C VAL F 226 -24.35 -22.32 16.27
N GLY F 227 -25.49 -23.00 16.33
CA GLY F 227 -26.75 -22.29 16.23
C GLY F 227 -26.96 -21.30 17.37
N LEU F 228 -26.51 -21.66 18.58
CA LEU F 228 -26.67 -20.81 19.76
C LEU F 228 -25.84 -19.57 19.53
N ALA F 229 -24.64 -19.76 19.00
CA ALA F 229 -23.80 -18.60 18.70
C ALA F 229 -24.43 -17.63 17.70
N PHE F 230 -25.11 -18.18 16.71
CA PHE F 230 -25.74 -17.41 15.68
C PHE F 230 -26.86 -16.58 16.30
N LEU F 231 -27.66 -17.19 17.19
CA LEU F 231 -28.78 -16.48 17.83
C LEU F 231 -28.21 -15.38 18.75
N GLU F 232 -27.14 -15.65 19.48
CA GLU F 232 -26.61 -14.62 20.38
C GLU F 232 -26.02 -13.49 19.52
N HIS F 233 -25.37 -13.79 18.41
CA HIS F 233 -24.90 -12.69 17.55
C HIS F 233 -26.04 -11.73 17.15
N TRP F 234 -27.15 -12.31 16.69
CA TRP F 234 -28.24 -11.45 16.20
C TRP F 234 -29.01 -10.83 17.35
N LEU F 235 -29.04 -11.45 18.51
CA LEU F 235 -29.73 -10.81 19.65
C LEU F 235 -28.96 -9.59 20.14
N GLU F 236 -27.63 -9.69 20.11
CA GLU F 236 -26.78 -8.60 20.62
C GLU F 236 -26.40 -7.56 19.59
N ALA F 237 -26.73 -7.78 18.32
CA ALA F 237 -26.37 -6.81 17.27
C ALA F 237 -27.18 -5.55 17.44
N ARG F 238 -26.49 -4.41 17.54
CA ARG F 238 -27.13 -3.12 17.72
C ARG F 238 -28.21 -3.18 18.83
#